data_1JXS
#
_entry.id   1JXS
#
_cell.length_a   ?
_cell.length_b   ?
_cell.length_c   ?
_cell.angle_alpha   ?
_cell.angle_beta   ?
_cell.angle_gamma   ?
#
_entity_poly.entity_id   1
_entity_poly.type   'polypeptide(L)'
_entity_poly.pdbx_seq_one_letter_code
;DSKPPYSYAQLIVQAITMAPDKQLTLNGIYTHITKNYPYYRTADKGWQNSIRHNLSLNRYFIKVPRSQEEPGKGSFWRID
PASESKLIEQAFRKRRPR
;
_entity_poly.pdbx_strand_id   A
#
# COMPACT_ATOMS: atom_id res chain seq x y z
N ASP A 1 4.01 -2.04 -22.95
CA ASP A 1 5.30 -1.68 -22.29
C ASP A 1 5.11 -0.44 -21.43
N SER A 2 4.24 -0.51 -20.45
CA SER A 2 4.01 0.68 -19.58
C SER A 2 4.13 0.28 -18.10
N LYS A 3 5.11 0.80 -17.41
CA LYS A 3 5.28 0.47 -15.97
C LYS A 3 5.44 1.75 -15.16
N PRO A 4 4.48 2.64 -15.26
CA PRO A 4 4.50 3.92 -14.54
C PRO A 4 4.11 3.71 -13.06
N PRO A 5 5.07 3.88 -12.19
CA PRO A 5 4.87 3.71 -10.74
C PRO A 5 4.20 4.94 -10.14
N TYR A 6 3.82 4.87 -8.89
CA TYR A 6 3.16 6.03 -8.23
C TYR A 6 3.98 6.43 -7.02
N SER A 7 3.39 7.11 -6.08
CA SER A 7 4.16 7.50 -4.88
C SER A 7 4.29 6.30 -3.95
N TYR A 8 5.31 6.25 -3.16
CA TYR A 8 5.50 5.08 -2.26
C TYR A 8 4.38 5.08 -1.21
N ALA A 9 3.88 6.23 -0.87
CA ALA A 9 2.77 6.29 0.14
C ALA A 9 1.43 6.19 -0.58
N GLN A 10 1.45 6.11 -1.89
CA GLN A 10 0.19 6.01 -2.66
C GLN A 10 -0.06 4.56 -3.07
N LEU A 11 0.99 3.83 -3.34
CA LEU A 11 0.82 2.41 -3.77
C LEU A 11 0.16 1.59 -2.66
N ILE A 12 0.03 2.13 -1.49
CA ILE A 12 -0.63 1.38 -0.39
C ILE A 12 -2.03 1.94 -0.26
N VAL A 13 -2.10 3.22 -0.31
CA VAL A 13 -3.41 3.92 -0.21
C VAL A 13 -4.28 3.57 -1.40
N GLN A 14 -3.91 4.07 -2.55
CA GLN A 14 -4.68 3.80 -3.78
C GLN A 14 -5.17 2.33 -3.78
N ALA A 15 -4.49 1.45 -3.09
CA ALA A 15 -4.94 0.03 -3.07
C ALA A 15 -6.08 -0.17 -2.06
N ILE A 16 -5.83 0.12 -0.80
CA ILE A 16 -6.91 -0.07 0.24
C ILE A 16 -8.20 0.64 -0.21
N THR A 17 -8.08 1.72 -0.94
CA THR A 17 -9.29 2.45 -1.38
C THR A 17 -10.02 1.65 -2.46
N MET A 18 -9.29 0.96 -3.29
CA MET A 18 -9.95 0.16 -4.37
C MET A 18 -10.25 -1.25 -3.85
N ALA A 19 -10.09 -1.49 -2.59
CA ALA A 19 -10.36 -2.86 -2.05
C ALA A 19 -11.75 -2.88 -1.40
N PRO A 20 -12.51 -3.91 -1.69
CA PRO A 20 -13.88 -4.06 -1.16
C PRO A 20 -13.81 -4.58 0.29
N ASP A 21 -13.49 -3.72 1.21
CA ASP A 21 -13.41 -4.16 2.63
C ASP A 21 -12.70 -3.08 3.45
N LYS A 22 -11.89 -2.26 2.83
CA LYS A 22 -11.19 -1.18 3.59
C LYS A 22 -10.03 -1.79 4.39
N GLN A 23 -9.70 -3.02 4.14
CA GLN A 23 -8.58 -3.65 4.89
C GLN A 23 -7.71 -4.44 3.92
N LEU A 24 -6.42 -4.30 4.00
CA LEU A 24 -5.54 -5.04 3.07
C LEU A 24 -4.31 -5.54 3.80
N THR A 25 -3.81 -6.69 3.42
CA THR A 25 -2.58 -7.21 4.07
C THR A 25 -1.39 -6.51 3.44
N LEU A 26 -0.21 -6.76 3.90
CA LEU A 26 0.98 -6.10 3.28
C LEU A 26 1.00 -6.48 1.81
N ASN A 27 0.76 -7.73 1.51
CA ASN A 27 0.75 -8.19 0.10
C ASN A 27 -0.26 -7.35 -0.69
N GLY A 28 -1.27 -6.85 -0.02
CA GLY A 28 -2.30 -6.03 -0.72
C GLY A 28 -1.64 -5.13 -1.77
N ILE A 29 -0.68 -4.33 -1.36
CA ILE A 29 -0.01 -3.45 -2.35
C ILE A 29 0.64 -4.30 -3.44
N TYR A 30 1.25 -5.39 -3.07
CA TYR A 30 1.90 -6.26 -4.10
C TYR A 30 0.86 -6.80 -5.09
N THR A 31 -0.38 -6.83 -4.70
CA THR A 31 -1.43 -7.37 -5.61
C THR A 31 -2.16 -6.22 -6.30
N HIS A 32 -1.87 -5.01 -5.95
CA HIS A 32 -2.54 -3.85 -6.59
C HIS A 32 -1.62 -3.24 -7.63
N ILE A 33 -0.45 -2.85 -7.23
CA ILE A 33 0.51 -2.24 -8.19
C ILE A 33 0.54 -3.08 -9.47
N THR A 34 0.52 -4.38 -9.34
CA THR A 34 0.55 -5.26 -10.54
C THR A 34 -0.81 -5.20 -11.25
N LYS A 35 -1.88 -5.24 -10.50
CA LYS A 35 -3.23 -5.20 -11.14
C LYS A 35 -3.30 -4.00 -12.10
N ASN A 36 -2.48 -3.01 -11.89
CA ASN A 36 -2.50 -1.82 -12.79
C ASN A 36 -1.45 -1.99 -13.88
N TYR A 37 -0.19 -1.90 -13.53
CA TYR A 37 0.89 -2.05 -14.55
C TYR A 37 0.89 -3.51 -15.05
N PRO A 38 1.70 -3.81 -16.04
CA PRO A 38 1.76 -5.18 -16.60
C PRO A 38 2.54 -6.12 -15.67
N TYR A 39 3.82 -5.91 -15.51
CA TYR A 39 4.62 -6.82 -14.65
C TYR A 39 5.01 -6.10 -13.35
N TYR A 40 5.92 -5.16 -13.41
CA TYR A 40 6.33 -4.43 -12.18
C TYR A 40 6.46 -5.42 -11.01
N ARG A 41 6.95 -6.60 -11.27
CA ARG A 41 7.09 -7.60 -10.16
C ARG A 41 8.15 -8.64 -10.54
N THR A 42 8.10 -9.15 -11.74
CA THR A 42 9.11 -10.16 -12.15
C THR A 42 10.29 -9.48 -12.84
N ALA A 43 10.97 -8.61 -12.14
CA ALA A 43 12.14 -7.91 -12.75
C ALA A 43 12.74 -6.92 -11.74
N ASP A 44 11.92 -6.32 -10.93
CA ASP A 44 12.46 -5.36 -9.93
C ASP A 44 11.92 -5.71 -8.54
N LYS A 45 12.73 -6.31 -7.71
CA LYS A 45 12.27 -6.67 -6.35
C LYS A 45 12.65 -5.55 -5.37
N GLY A 46 13.05 -4.42 -5.89
CA GLY A 46 13.44 -3.29 -4.99
C GLY A 46 12.19 -2.52 -4.54
N TRP A 47 11.07 -2.74 -5.19
CA TRP A 47 9.82 -2.02 -4.78
C TRP A 47 8.96 -2.92 -3.91
N GLN A 48 9.21 -4.21 -3.95
CA GLN A 48 8.40 -5.15 -3.12
C GLN A 48 8.41 -4.69 -1.66
N ASN A 49 9.45 -5.02 -0.93
CA ASN A 49 9.51 -4.61 0.50
C ASN A 49 9.51 -3.09 0.59
N SER A 50 9.79 -2.41 -0.49
CA SER A 50 9.81 -0.93 -0.46
C SER A 50 8.47 -0.40 0.08
N ILE A 51 7.39 -1.00 -0.32
CA ILE A 51 6.07 -0.53 0.18
C ILE A 51 6.00 -0.70 1.70
N ARG A 52 6.45 -1.82 2.20
CA ARG A 52 6.41 -2.03 3.68
C ARG A 52 7.09 -0.84 4.37
N HIS A 53 7.92 -0.13 3.67
CA HIS A 53 8.61 1.03 4.29
C HIS A 53 7.64 2.20 4.43
N ASN A 54 6.78 2.39 3.47
CA ASN A 54 5.80 3.53 3.55
C ASN A 54 4.64 3.12 4.47
N LEU A 55 4.43 1.84 4.64
CA LEU A 55 3.31 1.38 5.53
C LEU A 55 3.54 1.94 6.94
N SER A 56 4.77 2.19 7.29
CA SER A 56 5.08 2.75 8.64
C SER A 56 5.34 4.26 8.51
N LEU A 57 6.09 4.66 7.50
CA LEU A 57 6.36 6.12 7.33
C LEU A 57 5.06 6.87 7.57
N ASN A 58 3.96 6.24 7.24
CA ASN A 58 2.64 6.86 7.47
C ASN A 58 2.02 6.11 8.64
N ARG A 59 1.07 6.67 9.32
CA ARG A 59 0.51 5.93 10.47
C ARG A 59 -1.02 6.02 10.50
N TYR A 60 -1.64 6.49 9.45
CA TYR A 60 -3.13 6.53 9.47
C TYR A 60 -3.64 5.14 9.09
N PHE A 61 -2.75 4.24 8.72
CA PHE A 61 -3.19 2.87 8.37
C PHE A 61 -3.40 2.07 9.66
N ILE A 62 -4.41 1.24 9.71
CA ILE A 62 -4.66 0.45 10.95
C ILE A 62 -3.71 -0.75 10.99
N LYS A 63 -2.46 -0.53 11.32
CA LYS A 63 -1.51 -1.67 11.40
C LYS A 63 -1.73 -2.42 12.71
N VAL A 64 -2.40 -3.55 12.64
CA VAL A 64 -2.67 -4.33 13.88
C VAL A 64 -1.61 -5.43 14.03
N PRO A 65 -1.43 -5.88 15.25
CA PRO A 65 -0.46 -6.93 15.58
C PRO A 65 -1.03 -8.32 15.22
N ARG A 66 -1.77 -8.91 16.11
CA ARG A 66 -2.35 -10.26 15.82
C ARG A 66 -3.66 -10.10 15.06
N SER A 67 -4.39 -11.19 14.89
CA SER A 67 -5.68 -11.12 14.16
C SER A 67 -6.45 -12.41 14.39
N GLN A 68 -7.26 -12.82 13.44
CA GLN A 68 -8.03 -14.07 13.60
C GLN A 68 -7.48 -15.14 12.66
N GLU A 69 -6.19 -15.27 12.60
CA GLU A 69 -5.57 -16.30 11.71
C GLU A 69 -6.33 -16.37 10.38
N GLU A 70 -6.93 -15.28 9.97
CA GLU A 70 -7.68 -15.30 8.68
C GLU A 70 -6.69 -15.43 7.52
N PRO A 71 -5.72 -14.54 7.49
CA PRO A 71 -4.70 -14.55 6.44
C PRO A 71 -3.64 -15.62 6.74
N GLY A 72 -3.49 -15.98 7.99
CA GLY A 72 -2.49 -17.02 8.35
C GLY A 72 -1.39 -16.41 9.22
N LYS A 73 -1.03 -15.17 8.95
CA LYS A 73 0.04 -14.52 9.77
C LYS A 73 -0.57 -13.40 10.62
N GLY A 74 0.09 -13.04 11.68
CA GLY A 74 -0.44 -11.95 12.55
C GLY A 74 0.08 -10.60 12.07
N SER A 75 -0.54 -10.04 11.08
CA SER A 75 -0.08 -8.72 10.55
C SER A 75 -1.06 -8.25 9.47
N PHE A 76 -1.35 -6.97 9.42
CA PHE A 76 -2.29 -6.47 8.39
C PHE A 76 -2.27 -4.94 8.37
N TRP A 77 -2.25 -4.35 7.20
CA TRP A 77 -2.24 -2.86 7.13
C TRP A 77 -3.61 -2.41 6.61
N ARG A 78 -4.42 -1.86 7.47
CA ARG A 78 -5.78 -1.44 7.03
C ARG A 78 -5.89 0.07 6.92
N ILE A 79 -7.09 0.57 6.86
CA ILE A 79 -7.32 2.02 6.76
C ILE A 79 -8.34 2.43 7.84
N ASP A 80 -7.97 3.31 8.73
CA ASP A 80 -8.91 3.72 9.81
C ASP A 80 -9.93 4.70 9.21
N PRO A 81 -10.88 5.12 10.01
CA PRO A 81 -11.94 6.05 9.56
C PRO A 81 -11.39 7.46 9.34
N ALA A 82 -10.63 7.96 10.27
CA ALA A 82 -10.05 9.31 10.09
C ALA A 82 -8.66 9.15 9.49
N SER A 83 -8.50 8.17 8.64
CA SER A 83 -7.19 7.90 8.02
C SER A 83 -7.36 7.74 6.52
N GLU A 84 -8.17 6.81 6.11
CA GLU A 84 -8.39 6.59 4.65
C GLU A 84 -8.53 7.95 3.97
N SER A 85 -9.69 8.52 4.04
CA SER A 85 -9.93 9.87 3.41
C SER A 85 -8.67 10.75 3.45
N LYS A 86 -7.83 10.57 4.44
CA LYS A 86 -6.59 11.40 4.51
C LYS A 86 -5.58 10.90 3.48
N LEU A 87 -5.08 9.70 3.64
CA LEU A 87 -4.07 9.14 2.67
C LEU A 87 -4.63 9.14 1.25
N ILE A 88 -5.84 8.68 1.04
CA ILE A 88 -6.38 8.66 -0.35
C ILE A 88 -6.16 10.04 -0.96
N GLU A 89 -6.04 11.05 -0.12
CA GLU A 89 -5.81 12.41 -0.63
C GLU A 89 -4.38 12.48 -1.20
N GLN A 90 -3.41 11.96 -0.49
CA GLN A 90 -2.02 12.01 -1.00
C GLN A 90 -1.77 10.82 -1.96
N ALA A 91 -2.74 9.97 -2.15
CA ALA A 91 -2.54 8.82 -3.08
C ALA A 91 -3.15 9.15 -4.44
N PHE A 92 -4.44 9.36 -4.50
CA PHE A 92 -5.10 9.69 -5.79
C PHE A 92 -4.22 10.72 -6.53
N ARG A 93 -3.46 11.48 -5.80
CA ARG A 93 -2.58 12.49 -6.43
C ARG A 93 -1.34 11.79 -6.99
N LYS A 94 -0.25 12.49 -7.09
CA LYS A 94 1.00 11.88 -7.64
C LYS A 94 2.23 12.47 -6.93
N ARG A 95 3.37 12.34 -7.53
CA ARG A 95 4.61 12.89 -6.91
C ARG A 95 5.12 14.06 -7.73
N ARG A 96 4.76 15.26 -7.38
CA ARG A 96 5.23 16.44 -8.16
C ARG A 96 4.99 17.72 -7.34
N PRO A 97 6.02 18.14 -6.64
CA PRO A 97 5.98 19.35 -5.81
C PRO A 97 6.09 20.61 -6.67
N ARG A 98 5.80 21.76 -6.13
CA ARG A 98 5.91 23.01 -6.92
C ARG A 98 7.29 23.63 -6.74
N ASP A 1 3.16 4.25 -21.88
CA ASP A 1 2.63 2.87 -21.73
C ASP A 1 3.69 1.97 -21.11
N SER A 2 4.06 2.24 -19.89
CA SER A 2 5.10 1.41 -19.22
C SER A 2 4.95 1.53 -17.70
N LYS A 3 4.98 0.41 -17.01
CA LYS A 3 4.85 0.43 -15.52
C LYS A 3 5.47 1.69 -14.93
N PRO A 4 4.66 2.69 -14.73
CA PRO A 4 5.10 3.98 -14.16
C PRO A 4 5.14 3.88 -12.63
N PRO A 5 6.27 4.16 -12.05
CA PRO A 5 6.44 4.10 -10.59
C PRO A 5 5.74 5.29 -9.92
N TYR A 6 4.98 5.03 -8.88
CA TYR A 6 4.27 6.15 -8.19
C TYR A 6 4.88 6.33 -6.81
N SER A 7 4.19 6.97 -5.92
CA SER A 7 4.74 7.15 -4.56
C SER A 7 4.55 5.84 -3.79
N TYR A 8 5.45 5.53 -2.91
CA TYR A 8 5.31 4.27 -2.14
C TYR A 8 4.18 4.42 -1.13
N ALA A 9 4.03 5.60 -0.58
CA ALA A 9 2.93 5.81 0.39
C ALA A 9 1.61 5.95 -0.37
N GLN A 10 1.65 5.87 -1.67
CA GLN A 10 0.42 6.00 -2.49
C GLN A 10 -0.07 4.60 -2.91
N LEU A 11 0.84 3.74 -3.30
CA LEU A 11 0.44 2.37 -3.74
C LEU A 11 -0.32 1.64 -2.63
N ILE A 12 -0.33 2.17 -1.44
CA ILE A 12 -1.08 1.51 -0.33
C ILE A 12 -2.46 2.13 -0.28
N VAL A 13 -2.50 3.42 -0.36
CA VAL A 13 -3.80 4.15 -0.34
C VAL A 13 -4.73 3.55 -1.40
N GLN A 14 -4.38 3.74 -2.64
CA GLN A 14 -5.23 3.20 -3.75
C GLN A 14 -5.42 1.69 -3.59
N ALA A 15 -4.66 1.05 -2.74
CA ALA A 15 -4.81 -0.41 -2.56
C ALA A 15 -5.92 -0.70 -1.54
N ILE A 16 -6.07 0.12 -0.55
CA ILE A 16 -7.14 -0.12 0.47
C ILE A 16 -8.42 0.62 0.04
N THR A 17 -8.33 1.90 -0.20
CA THR A 17 -9.53 2.67 -0.62
C THR A 17 -10.18 1.97 -1.82
N MET A 18 -9.42 1.17 -2.52
CA MET A 18 -9.97 0.45 -3.71
C MET A 18 -10.33 -0.98 -3.32
N ALA A 19 -9.54 -1.60 -2.48
CA ALA A 19 -9.83 -3.00 -2.07
C ALA A 19 -11.26 -3.09 -1.55
N PRO A 20 -11.91 -4.19 -1.85
CA PRO A 20 -13.31 -4.42 -1.42
C PRO A 20 -13.36 -4.84 0.04
N ASP A 21 -13.10 -3.92 0.94
CA ASP A 21 -13.13 -4.27 2.39
C ASP A 21 -12.38 -3.20 3.19
N LYS A 22 -11.51 -2.46 2.56
CA LYS A 22 -10.75 -1.41 3.30
C LYS A 22 -9.71 -2.10 4.19
N GLN A 23 -9.41 -3.33 3.91
CA GLN A 23 -8.42 -4.08 4.71
C GLN A 23 -7.38 -4.66 3.76
N LEU A 24 -6.13 -4.34 3.96
CA LEU A 24 -5.12 -4.89 3.02
C LEU A 24 -3.79 -5.12 3.72
N THR A 25 -3.09 -6.16 3.35
CA THR A 25 -1.76 -6.42 3.97
C THR A 25 -0.74 -5.55 3.24
N LEU A 26 0.45 -5.44 3.76
CA LEU A 26 1.46 -4.62 3.05
C LEU A 26 1.81 -5.33 1.74
N ASN A 27 1.49 -6.61 1.66
CA ASN A 27 1.77 -7.38 0.42
C ASN A 27 0.64 -7.13 -0.57
N GLY A 28 -0.48 -6.66 -0.11
CA GLY A 28 -1.61 -6.40 -1.02
C GLY A 28 -1.17 -5.39 -2.08
N ILE A 29 -0.47 -4.37 -1.69
CA ILE A 29 -0.02 -3.38 -2.69
C ILE A 29 0.59 -4.14 -3.87
N TYR A 30 1.20 -5.25 -3.61
CA TYR A 30 1.83 -6.04 -4.73
C TYR A 30 0.73 -6.55 -5.67
N THR A 31 -0.26 -7.22 -5.14
CA THR A 31 -1.34 -7.76 -6.01
C THR A 31 -2.24 -6.64 -6.53
N HIS A 32 -1.94 -5.41 -6.20
CA HIS A 32 -2.80 -4.30 -6.69
C HIS A 32 -2.10 -3.64 -7.87
N ILE A 33 -0.89 -3.21 -7.66
CA ILE A 33 -0.12 -2.54 -8.74
C ILE A 33 0.06 -3.51 -9.92
N THR A 34 0.34 -4.76 -9.65
CA THR A 34 0.55 -5.74 -10.76
C THR A 34 -0.73 -5.85 -11.62
N LYS A 35 -1.88 -5.84 -11.00
CA LYS A 35 -3.14 -5.97 -11.78
C LYS A 35 -3.30 -4.78 -12.72
N ASN A 36 -3.03 -3.59 -12.26
CA ASN A 36 -3.18 -2.39 -13.14
C ASN A 36 -1.86 -2.07 -13.86
N TYR A 37 -0.85 -2.85 -13.61
CA TYR A 37 0.46 -2.57 -14.28
C TYR A 37 0.84 -3.75 -15.19
N PRO A 38 1.79 -3.56 -16.08
CA PRO A 38 2.23 -4.62 -16.99
C PRO A 38 3.05 -5.67 -16.23
N TYR A 39 4.26 -5.35 -15.84
CA TYR A 39 5.10 -6.35 -15.11
C TYR A 39 5.34 -5.87 -13.67
N TYR A 40 6.14 -4.86 -13.49
CA TYR A 40 6.40 -4.36 -12.10
C TYR A 40 6.67 -5.55 -11.18
N ARG A 41 7.12 -6.65 -11.72
CA ARG A 41 7.38 -7.84 -10.87
C ARG A 41 8.18 -8.88 -11.67
N THR A 42 9.38 -8.53 -12.05
CA THR A 42 10.22 -9.49 -12.83
C THR A 42 11.62 -8.90 -12.98
N ALA A 43 11.72 -7.61 -13.12
CA ALA A 43 13.06 -6.96 -13.26
C ALA A 43 13.25 -5.95 -12.13
N ASP A 44 12.23 -5.68 -11.36
CA ASP A 44 12.35 -4.71 -10.24
C ASP A 44 11.72 -5.30 -8.98
N LYS A 45 12.41 -6.17 -8.31
CA LYS A 45 11.84 -6.78 -7.08
C LYS A 45 12.25 -5.93 -5.86
N GLY A 46 12.43 -4.65 -6.06
CA GLY A 46 12.83 -3.77 -4.92
C GLY A 46 11.59 -3.08 -4.34
N TRP A 47 10.86 -2.37 -5.15
CA TRP A 47 9.64 -1.67 -4.64
C TRP A 47 8.82 -2.62 -3.76
N GLN A 48 8.97 -3.90 -3.97
CA GLN A 48 8.19 -4.88 -3.15
C GLN A 48 8.30 -4.51 -1.67
N ASN A 49 9.36 -4.92 -1.03
CA ASN A 49 9.53 -4.61 0.42
C ASN A 49 9.39 -3.10 0.65
N SER A 50 9.54 -2.31 -0.38
CA SER A 50 9.43 -0.84 -0.21
C SER A 50 8.01 -0.47 0.26
N ILE A 51 7.01 -1.11 -0.27
CA ILE A 51 5.62 -0.78 0.15
C ILE A 51 5.53 -0.88 1.68
N ARG A 52 5.77 -2.02 2.26
CA ARG A 52 5.69 -2.11 3.76
C ARG A 52 6.43 -0.91 4.39
N HIS A 53 7.45 -0.41 3.74
CA HIS A 53 8.20 0.75 4.30
C HIS A 53 7.28 1.96 4.43
N ASN A 54 6.46 2.21 3.45
CA ASN A 54 5.54 3.39 3.53
C ASN A 54 4.36 3.00 4.43
N LEU A 55 4.10 1.74 4.55
CA LEU A 55 2.98 1.28 5.41
C LEU A 55 3.16 1.86 6.82
N SER A 56 4.38 2.01 7.24
CA SER A 56 4.64 2.59 8.59
C SER A 56 5.05 4.05 8.42
N LEU A 57 5.69 4.39 7.33
CA LEU A 57 6.08 5.82 7.11
C LEU A 57 4.89 6.69 7.49
N ASN A 58 3.71 6.26 7.14
CA ASN A 58 2.50 7.01 7.51
C ASN A 58 1.84 6.22 8.63
N ARG A 59 0.84 6.74 9.28
CA ARG A 59 0.23 5.96 10.38
C ARG A 59 -1.29 6.09 10.37
N TYR A 60 -1.88 6.63 9.33
CA TYR A 60 -3.37 6.70 9.33
C TYR A 60 -3.89 5.28 9.07
N PHE A 61 -3.01 4.39 8.69
CA PHE A 61 -3.44 2.99 8.47
C PHE A 61 -3.54 2.30 9.83
N ILE A 62 -4.35 1.30 9.94
CA ILE A 62 -4.45 0.61 11.25
C ILE A 62 -3.55 -0.62 11.22
N LYS A 63 -2.29 -0.42 11.49
CA LYS A 63 -1.34 -1.57 11.47
C LYS A 63 -1.49 -2.39 12.76
N VAL A 64 -2.04 -3.57 12.64
CA VAL A 64 -2.23 -4.43 13.83
C VAL A 64 -1.20 -5.57 13.78
N PRO A 65 -0.25 -5.54 14.68
CA PRO A 65 0.80 -6.56 14.75
C PRO A 65 0.24 -7.87 15.34
N ARG A 66 1.10 -8.76 15.73
CA ARG A 66 0.62 -10.05 16.31
C ARG A 66 0.38 -9.88 17.81
N SER A 67 -0.20 -8.78 18.21
CA SER A 67 -0.46 -8.56 19.65
C SER A 67 -1.40 -9.65 20.17
N GLN A 68 -2.48 -9.87 19.49
CA GLN A 68 -3.45 -10.92 19.92
C GLN A 68 -3.32 -12.13 19.00
N GLU A 69 -2.24 -12.86 19.11
CA GLU A 69 -2.04 -14.06 18.24
C GLU A 69 -2.50 -13.74 16.82
N GLU A 70 -1.62 -13.22 16.01
CA GLU A 70 -2.00 -12.88 14.60
C GLU A 70 -0.93 -13.43 13.65
N PRO A 71 -0.91 -14.72 13.49
CA PRO A 71 0.07 -15.40 12.62
C PRO A 71 -0.35 -15.26 11.15
N GLY A 72 0.38 -15.87 10.25
CA GLY A 72 0.04 -15.78 8.81
C GLY A 72 1.09 -14.96 8.08
N LYS A 73 0.71 -13.86 7.47
CA LYS A 73 1.69 -13.03 6.74
C LYS A 73 2.56 -12.29 7.75
N GLY A 74 1.96 -11.59 8.69
CA GLY A 74 2.76 -10.86 9.70
C GLY A 74 1.95 -9.68 10.25
N SER A 75 1.83 -8.62 9.50
CA SER A 75 1.06 -7.44 9.98
C SER A 75 -0.01 -7.08 8.96
N PHE A 76 -1.06 -6.44 9.38
CA PHE A 76 -2.14 -6.05 8.42
C PHE A 76 -2.37 -4.54 8.48
N TRP A 77 -2.24 -3.87 7.38
CA TRP A 77 -2.47 -2.40 7.38
C TRP A 77 -3.81 -2.09 6.75
N ARG A 78 -4.75 -1.66 7.53
CA ARG A 78 -6.10 -1.33 6.98
C ARG A 78 -6.28 0.18 7.02
N ILE A 79 -7.49 0.64 6.89
CA ILE A 79 -7.74 2.10 6.92
C ILE A 79 -8.62 2.46 8.12
N ASP A 80 -8.19 3.40 8.92
CA ASP A 80 -9.03 3.80 10.09
C ASP A 80 -10.19 4.66 9.57
N PRO A 81 -11.11 4.99 10.44
CA PRO A 81 -12.30 5.79 10.07
C PRO A 81 -11.93 7.25 9.81
N ALA A 82 -10.77 7.66 10.22
CA ALA A 82 -10.32 9.05 9.96
C ALA A 82 -8.90 8.96 9.46
N SER A 83 -8.69 8.20 8.43
CA SER A 83 -7.32 8.00 7.92
C SER A 83 -7.34 7.84 6.41
N GLU A 84 -8.16 6.94 5.92
CA GLU A 84 -8.22 6.73 4.44
C GLU A 84 -8.37 8.09 3.77
N SER A 85 -9.49 8.72 3.97
CA SER A 85 -9.75 10.06 3.37
C SER A 85 -8.45 10.90 3.41
N LYS A 86 -7.60 10.65 4.36
CA LYS A 86 -6.33 11.43 4.45
C LYS A 86 -5.28 10.89 3.46
N LEU A 87 -5.01 9.61 3.48
CA LEU A 87 -3.98 9.04 2.55
C LEU A 87 -4.44 9.19 1.11
N ILE A 88 -5.71 9.32 0.86
CA ILE A 88 -6.17 9.48 -0.55
C ILE A 88 -5.64 10.81 -1.06
N GLU A 89 -5.33 11.70 -0.16
CA GLU A 89 -4.79 13.02 -0.54
C GLU A 89 -3.31 12.89 -0.86
N GLN A 90 -2.63 11.97 -0.23
CA GLN A 90 -1.18 11.79 -0.51
C GLN A 90 -0.98 10.73 -1.59
N ALA A 91 -2.01 10.00 -1.93
CA ALA A 91 -1.88 8.95 -2.97
C ALA A 91 -2.42 9.47 -4.30
N PHE A 92 -3.61 10.01 -4.31
CA PHE A 92 -4.17 10.54 -5.58
C PHE A 92 -3.11 11.41 -6.26
N ARG A 93 -2.19 11.92 -5.49
CA ARG A 93 -1.11 12.77 -6.05
C ARG A 93 0.17 11.94 -6.18
N LYS A 94 1.30 12.58 -6.20
CA LYS A 94 2.58 11.83 -6.33
C LYS A 94 3.52 12.24 -5.19
N ARG A 95 4.76 11.86 -5.26
CA ARG A 95 5.71 12.23 -4.18
C ARG A 95 6.84 13.08 -4.75
N ARG A 96 6.54 14.29 -5.15
CA ARG A 96 7.59 15.18 -5.73
C ARG A 96 8.44 15.77 -4.59
N PRO A 97 7.79 16.41 -3.66
CA PRO A 97 8.46 17.03 -2.51
C PRO A 97 8.85 15.96 -1.48
N ARG A 98 10.00 16.11 -0.88
CA ARG A 98 10.44 15.10 0.12
C ARG A 98 10.85 15.82 1.41
N ASP A 1 9.30 4.24 -22.31
CA ASP A 1 7.87 4.69 -22.25
C ASP A 1 7.04 3.64 -21.52
N SER A 2 7.43 3.28 -20.33
CA SER A 2 6.66 2.26 -19.56
C SER A 2 6.11 2.89 -18.28
N LYS A 3 5.55 2.08 -17.42
CA LYS A 3 5.00 2.62 -16.15
C LYS A 3 6.16 3.01 -15.22
N PRO A 4 6.28 4.29 -14.95
CA PRO A 4 7.34 4.81 -14.08
C PRO A 4 7.01 4.54 -12.60
N PRO A 5 7.95 4.81 -11.75
CA PRO A 5 7.79 4.60 -10.31
C PRO A 5 6.95 5.72 -9.68
N TYR A 6 5.84 5.38 -9.10
CA TYR A 6 4.98 6.43 -8.47
C TYR A 6 5.54 6.75 -7.09
N SER A 7 4.75 7.35 -6.24
CA SER A 7 5.23 7.67 -4.88
C SER A 7 5.20 6.39 -4.03
N TYR A 8 5.70 6.43 -2.84
CA TYR A 8 5.69 5.20 -2.00
C TYR A 8 4.52 5.24 -1.02
N ALA A 9 3.94 6.38 -0.79
CA ALA A 9 2.80 6.45 0.16
C ALA A 9 1.48 6.29 -0.61
N GLN A 10 1.54 6.18 -1.91
CA GLN A 10 0.30 6.01 -2.70
C GLN A 10 0.11 4.54 -3.05
N LEU A 11 1.18 3.83 -3.22
CA LEU A 11 1.08 2.39 -3.59
C LEU A 11 0.44 1.60 -2.45
N ILE A 12 0.24 2.20 -1.30
CA ILE A 12 -0.40 1.47 -0.16
C ILE A 12 -1.84 1.91 -0.08
N VAL A 13 -2.05 3.18 -0.02
CA VAL A 13 -3.43 3.72 0.06
C VAL A 13 -4.26 3.18 -1.10
N GLN A 14 -3.86 3.53 -2.28
CA GLN A 14 -4.60 3.10 -3.49
C GLN A 14 -5.07 1.63 -3.36
N ALA A 15 -4.42 0.83 -2.54
CA ALA A 15 -4.89 -0.59 -2.41
C ALA A 15 -6.09 -0.64 -1.46
N ILE A 16 -6.02 0.05 -0.34
CA ILE A 16 -7.14 0.04 0.63
C ILE A 16 -8.28 0.93 0.09
N THR A 17 -8.02 2.19 -0.12
CA THR A 17 -9.10 3.09 -0.62
C THR A 17 -9.76 2.49 -1.86
N MET A 18 -9.08 1.60 -2.54
CA MET A 18 -9.68 0.99 -3.76
C MET A 18 -10.28 -0.38 -3.40
N ALA A 19 -9.78 -1.01 -2.37
CA ALA A 19 -10.33 -2.34 -1.98
C ALA A 19 -11.68 -2.13 -1.29
N PRO A 20 -12.62 -2.98 -1.60
CA PRO A 20 -13.98 -2.90 -1.02
C PRO A 20 -13.99 -3.46 0.40
N ASP A 21 -13.61 -2.65 1.36
CA ASP A 21 -13.59 -3.11 2.77
C ASP A 21 -12.66 -2.22 3.60
N LYS A 22 -11.78 -1.51 2.95
CA LYS A 22 -10.84 -0.62 3.69
C LYS A 22 -9.81 -1.49 4.43
N GLN A 23 -9.68 -2.72 4.02
CA GLN A 23 -8.71 -3.63 4.68
C GLN A 23 -7.83 -4.25 3.60
N LEU A 24 -6.56 -4.36 3.85
CA LEU A 24 -5.65 -4.94 2.84
C LEU A 24 -4.42 -5.50 3.53
N THR A 25 -3.95 -6.64 3.09
CA THR A 25 -2.72 -7.21 3.71
C THR A 25 -1.53 -6.46 3.13
N LEU A 26 -0.35 -6.72 3.60
CA LEU A 26 0.83 -6.01 3.03
C LEU A 26 0.84 -6.31 1.53
N ASN A 27 0.64 -7.55 1.18
CA ASN A 27 0.64 -7.93 -0.25
C ASN A 27 -0.22 -6.94 -1.04
N GLY A 28 -1.28 -6.43 -0.43
CA GLY A 28 -2.15 -5.46 -1.13
C GLY A 28 -1.35 -4.62 -2.13
N ILE A 29 -0.42 -3.84 -1.66
CA ILE A 29 0.40 -3.03 -2.60
C ILE A 29 0.84 -3.90 -3.79
N TYR A 30 1.65 -4.89 -3.56
CA TYR A 30 2.14 -5.75 -4.68
C TYR A 30 0.97 -6.26 -5.53
N THR A 31 0.15 -7.12 -4.99
CA THR A 31 -0.99 -7.67 -5.77
C THR A 31 -1.89 -6.57 -6.38
N HIS A 32 -1.66 -5.32 -6.04
CA HIS A 32 -2.52 -4.25 -6.62
C HIS A 32 -1.77 -3.59 -7.76
N ILE A 33 -0.74 -2.85 -7.44
CA ILE A 33 0.06 -2.18 -8.48
C ILE A 33 0.31 -3.15 -9.64
N THR A 34 0.50 -4.40 -9.34
CA THR A 34 0.76 -5.40 -10.42
C THR A 34 -0.48 -5.55 -11.31
N LYS A 35 -1.61 -5.86 -10.72
CA LYS A 35 -2.84 -6.02 -11.53
C LYS A 35 -3.12 -4.75 -12.34
N ASN A 36 -2.54 -3.65 -11.94
CA ASN A 36 -2.77 -2.38 -12.69
C ASN A 36 -1.58 -2.12 -13.63
N TYR A 37 -0.57 -1.46 -13.15
CA TYR A 37 0.61 -1.16 -14.02
C TYR A 37 0.96 -2.43 -14.81
N PRO A 38 1.79 -2.30 -15.84
CA PRO A 38 2.19 -3.45 -16.67
C PRO A 38 3.17 -4.34 -15.91
N TYR A 39 4.45 -4.06 -15.98
CA TYR A 39 5.44 -4.90 -15.27
C TYR A 39 5.78 -4.29 -13.92
N TYR A 40 6.38 -5.07 -13.05
CA TYR A 40 6.77 -4.55 -11.71
C TYR A 40 7.08 -5.77 -10.82
N ARG A 41 6.18 -6.72 -10.79
CA ARG A 41 6.41 -7.94 -9.97
C ARG A 41 7.04 -9.02 -10.85
N THR A 42 8.09 -8.69 -11.56
CA THR A 42 8.73 -9.70 -12.44
C THR A 42 10.23 -9.41 -12.58
N ALA A 43 10.58 -8.16 -12.75
CA ALA A 43 12.03 -7.82 -12.90
C ALA A 43 12.44 -6.82 -11.81
N ASP A 44 11.49 -6.18 -11.19
CA ASP A 44 11.83 -5.18 -10.13
C ASP A 44 11.50 -5.76 -8.75
N LYS A 45 12.47 -6.34 -8.09
CA LYS A 45 12.20 -6.93 -6.74
C LYS A 45 12.71 -5.95 -5.66
N GLY A 46 13.13 -4.78 -6.03
CA GLY A 46 13.62 -3.80 -5.03
C GLY A 46 12.44 -3.07 -4.40
N TRP A 47 11.57 -2.52 -5.21
CA TRP A 47 10.40 -1.79 -4.64
C TRP A 47 9.49 -2.78 -3.90
N GLN A 48 9.68 -4.04 -4.12
CA GLN A 48 8.83 -5.07 -3.43
C GLN A 48 8.77 -4.78 -1.93
N ASN A 49 9.71 -5.30 -1.19
CA ASN A 49 9.70 -5.08 0.29
C ASN A 49 9.95 -3.59 0.60
N SER A 50 10.22 -2.79 -0.39
CA SER A 50 10.47 -1.36 -0.13
C SER A 50 9.14 -0.60 0.01
N ILE A 51 8.04 -1.23 -0.25
CA ILE A 51 6.74 -0.52 -0.14
C ILE A 51 6.23 -0.61 1.32
N ARG A 52 6.46 -1.71 1.97
CA ARG A 52 6.03 -1.84 3.39
C ARG A 52 6.73 -0.76 4.21
N HIS A 53 7.89 -0.34 3.78
CA HIS A 53 8.61 0.72 4.53
C HIS A 53 7.73 1.97 4.60
N ASN A 54 6.89 2.16 3.62
CA ASN A 54 5.99 3.34 3.62
C ASN A 54 4.74 2.99 4.42
N LEU A 55 4.44 1.71 4.55
CA LEU A 55 3.24 1.32 5.34
C LEU A 55 3.23 2.09 6.67
N SER A 56 4.36 2.56 7.11
CA SER A 56 4.43 3.32 8.39
C SER A 56 4.31 4.81 8.10
N LEU A 57 5.01 5.29 7.09
CA LEU A 57 4.91 6.75 6.75
C LEU A 57 3.44 7.16 6.84
N ASN A 58 2.57 6.31 6.37
CA ASN A 58 1.12 6.59 6.44
C ASN A 58 0.66 6.21 7.84
N ARG A 59 0.97 7.01 8.81
CA ARG A 59 0.59 6.68 10.20
C ARG A 59 -0.94 6.64 10.36
N TYR A 60 -1.68 7.00 9.35
CA TYR A 60 -3.17 6.91 9.51
C TYR A 60 -3.60 5.46 9.25
N PHE A 61 -2.64 4.57 9.07
CA PHE A 61 -2.98 3.14 8.85
C PHE A 61 -3.05 2.43 10.19
N ILE A 62 -3.68 1.28 10.24
CA ILE A 62 -3.77 0.55 11.54
C ILE A 62 -3.21 -0.86 11.37
N LYS A 63 -1.91 -1.00 11.39
CA LYS A 63 -1.31 -2.36 11.24
C LYS A 63 -1.39 -3.09 12.58
N VAL A 64 -1.98 -4.26 12.59
CA VAL A 64 -2.09 -5.01 13.87
C VAL A 64 -0.92 -5.99 13.98
N PRO A 65 -0.53 -6.26 15.20
CA PRO A 65 0.58 -7.18 15.50
C PRO A 65 0.14 -8.63 15.37
N ARG A 66 -1.00 -8.97 15.91
CA ARG A 66 -1.50 -10.37 15.82
C ARG A 66 -2.58 -10.47 14.74
N SER A 67 -3.39 -11.50 14.78
CA SER A 67 -4.46 -11.66 13.77
C SER A 67 -5.31 -12.87 14.12
N GLN A 68 -5.96 -12.84 15.26
CA GLN A 68 -6.81 -14.00 15.67
C GLN A 68 -5.91 -15.21 15.91
N GLU A 69 -4.86 -15.05 16.68
CA GLU A 69 -3.93 -16.18 16.96
C GLU A 69 -3.71 -17.00 15.69
N GLU A 70 -3.36 -16.35 14.62
CA GLU A 70 -3.13 -17.10 13.35
C GLU A 70 -1.82 -17.87 13.44
N PRO A 71 -1.66 -18.83 12.56
CA PRO A 71 -0.47 -19.68 12.49
C PRO A 71 0.68 -18.98 11.76
N GLY A 72 0.64 -17.67 11.65
CA GLY A 72 1.74 -16.96 10.94
C GLY A 72 2.02 -15.64 11.66
N LYS A 73 2.75 -14.75 11.04
CA LYS A 73 3.07 -13.45 11.67
C LYS A 73 1.77 -12.73 12.05
N GLY A 74 0.72 -12.97 11.31
CA GLY A 74 -0.57 -12.31 11.62
C GLY A 74 -0.43 -10.80 11.42
N SER A 75 -0.10 -10.38 10.23
CA SER A 75 0.05 -8.91 9.98
C SER A 75 -0.97 -8.47 8.95
N PHE A 76 -1.61 -7.34 9.17
CA PHE A 76 -2.62 -6.85 8.20
C PHE A 76 -2.64 -5.31 8.25
N TRP A 77 -2.48 -4.68 7.11
CA TRP A 77 -2.48 -3.19 7.11
C TRP A 77 -3.89 -2.68 6.77
N ARG A 78 -4.62 -2.25 7.75
CA ARG A 78 -5.99 -1.74 7.45
C ARG A 78 -5.98 -0.22 7.55
N ILE A 79 -7.13 0.40 7.51
CA ILE A 79 -7.15 1.88 7.61
C ILE A 79 -8.16 2.30 8.66
N ASP A 80 -7.89 3.36 9.38
CA ASP A 80 -8.85 3.82 10.42
C ASP A 80 -10.01 4.53 9.72
N PRO A 81 -10.98 4.94 10.48
CA PRO A 81 -12.18 5.63 9.95
C PRO A 81 -11.85 7.07 9.54
N ALA A 82 -11.09 7.76 10.33
CA ALA A 82 -10.72 9.16 9.99
C ALA A 82 -9.32 9.15 9.40
N SER A 83 -9.00 8.12 8.66
CA SER A 83 -7.65 8.04 8.06
C SER A 83 -7.75 7.81 6.55
N GLU A 84 -8.46 6.80 6.13
CA GLU A 84 -8.59 6.53 4.67
C GLU A 84 -8.76 7.84 3.90
N SER A 85 -9.92 8.43 3.98
CA SER A 85 -10.18 9.72 3.27
C SER A 85 -8.93 10.60 3.25
N LYS A 86 -8.09 10.49 4.23
CA LYS A 86 -6.85 11.32 4.28
C LYS A 86 -5.72 10.73 3.40
N LEU A 87 -5.41 9.47 3.56
CA LEU A 87 -4.30 8.87 2.74
C LEU A 87 -4.70 8.84 1.27
N ILE A 88 -5.97 8.87 0.99
CA ILE A 88 -6.39 8.85 -0.44
C ILE A 88 -5.85 10.12 -1.09
N GLU A 89 -5.58 11.13 -0.31
CA GLU A 89 -5.02 12.38 -0.86
C GLU A 89 -3.59 12.09 -1.29
N GLN A 90 -2.91 11.25 -0.57
CA GLN A 90 -1.50 10.91 -0.94
C GLN A 90 -1.52 9.75 -1.92
N ALA A 91 -2.66 9.13 -2.12
CA ALA A 91 -2.74 7.98 -3.06
C ALA A 91 -3.13 8.48 -4.46
N PHE A 92 -4.33 8.98 -4.61
CA PHE A 92 -4.78 9.47 -5.94
C PHE A 92 -4.30 10.91 -6.14
N ARG A 93 -3.05 11.18 -5.83
CA ARG A 93 -2.53 12.56 -6.01
C ARG A 93 -1.05 12.59 -5.61
N LYS A 94 -0.22 11.87 -6.31
CA LYS A 94 1.23 11.87 -5.97
C LYS A 94 2.04 11.55 -7.22
N ARG A 95 3.14 12.23 -7.43
CA ARG A 95 3.97 11.96 -8.63
C ARG A 95 5.41 12.42 -8.39
N ARG A 96 6.33 11.51 -8.37
CA ARG A 96 7.76 11.89 -8.15
C ARG A 96 8.67 10.74 -8.60
N PRO A 97 9.38 10.96 -9.68
CA PRO A 97 10.31 9.95 -10.24
C PRO A 97 11.60 9.90 -9.43
N ARG A 98 12.49 9.01 -9.78
CA ARG A 98 13.78 8.90 -9.04
C ARG A 98 14.91 9.45 -9.91
N ASP A 1 -0.45 1.89 -21.90
CA ASP A 1 0.72 1.97 -22.81
C ASP A 1 1.92 2.56 -22.07
N SER A 2 2.10 2.19 -20.83
CA SER A 2 3.25 2.73 -20.06
C SER A 2 3.24 2.15 -18.64
N LYS A 3 4.32 2.29 -17.92
CA LYS A 3 4.38 1.73 -16.54
C LYS A 3 4.73 2.84 -15.54
N PRO A 4 3.81 3.76 -15.35
CA PRO A 4 4.00 4.89 -14.40
C PRO A 4 3.77 4.42 -12.96
N PRO A 5 4.82 4.35 -12.18
CA PRO A 5 4.76 3.92 -10.78
C PRO A 5 4.33 5.09 -9.88
N TYR A 6 4.11 4.82 -8.62
CA TYR A 6 3.71 5.92 -7.70
C TYR A 6 4.57 5.82 -6.44
N SER A 7 4.29 6.59 -5.43
CA SER A 7 5.10 6.49 -4.20
C SER A 7 4.62 5.26 -3.43
N TYR A 8 5.48 4.67 -2.65
CA TYR A 8 5.07 3.47 -1.90
C TYR A 8 3.93 3.83 -0.93
N ALA A 9 3.80 5.09 -0.60
CA ALA A 9 2.71 5.51 0.33
C ALA A 9 1.40 5.64 -0.43
N GLN A 10 1.45 6.10 -1.66
CA GLN A 10 0.18 6.25 -2.44
C GLN A 10 -0.33 4.88 -2.86
N LEU A 11 0.56 3.97 -3.16
CA LEU A 11 0.13 2.62 -3.59
C LEU A 11 -0.76 1.99 -2.51
N ILE A 12 -0.38 2.06 -1.25
CA ILE A 12 -1.26 1.45 -0.22
C ILE A 12 -2.55 2.25 -0.14
N VAL A 13 -2.50 3.49 -0.54
CA VAL A 13 -3.73 4.33 -0.50
C VAL A 13 -4.75 3.77 -1.49
N GLN A 14 -4.56 4.07 -2.75
CA GLN A 14 -5.47 3.58 -3.81
C GLN A 14 -5.68 2.07 -3.67
N ALA A 15 -4.81 1.38 -2.98
CA ALA A 15 -4.95 -0.09 -2.83
C ALA A 15 -5.99 -0.43 -1.74
N ILE A 16 -5.92 0.19 -0.60
CA ILE A 16 -6.92 -0.13 0.48
C ILE A 16 -8.27 0.46 0.08
N THR A 17 -8.26 1.48 -0.72
CA THR A 17 -9.53 2.11 -1.17
C THR A 17 -10.16 1.22 -2.23
N MET A 18 -9.37 0.48 -2.95
CA MET A 18 -9.91 -0.42 -4.01
C MET A 18 -10.25 -1.77 -3.39
N ALA A 19 -9.60 -2.13 -2.31
CA ALA A 19 -9.89 -3.44 -1.66
C ALA A 19 -11.33 -3.43 -1.13
N PRO A 20 -12.01 -4.54 -1.27
CA PRO A 20 -13.41 -4.67 -0.83
C PRO A 20 -13.49 -4.86 0.69
N ASP A 21 -13.27 -3.80 1.43
CA ASP A 21 -13.35 -3.89 2.92
C ASP A 21 -12.51 -2.79 3.57
N LYS A 22 -11.67 -2.13 2.81
CA LYS A 22 -10.83 -1.05 3.40
C LYS A 22 -9.70 -1.71 4.20
N GLN A 23 -9.42 -2.95 3.90
CA GLN A 23 -8.33 -3.67 4.63
C GLN A 23 -7.27 -4.08 3.62
N LEU A 24 -6.01 -3.85 3.92
CA LEU A 24 -4.96 -4.24 2.95
C LEU A 24 -3.72 -4.77 3.66
N THR A 25 -3.16 -5.83 3.18
CA THR A 25 -1.93 -6.37 3.80
C THR A 25 -0.75 -5.53 3.30
N LEU A 26 0.38 -5.58 3.95
CA LEU A 26 1.52 -4.76 3.44
C LEU A 26 1.89 -5.31 2.07
N ASN A 27 1.74 -6.60 1.89
CA ASN A 27 2.06 -7.23 0.59
C ASN A 27 0.85 -7.09 -0.34
N GLY A 28 -0.26 -6.62 0.18
CA GLY A 28 -1.46 -6.46 -0.66
C GLY A 28 -1.15 -5.50 -1.82
N ILE A 29 -0.50 -4.38 -1.56
CA ILE A 29 -0.20 -3.46 -2.69
C ILE A 29 0.39 -4.27 -3.83
N TYR A 30 1.02 -5.37 -3.52
CA TYR A 30 1.62 -6.21 -4.59
C TYR A 30 0.55 -6.58 -5.63
N THR A 31 -0.56 -7.12 -5.18
CA THR A 31 -1.64 -7.54 -6.13
C THR A 31 -2.35 -6.32 -6.72
N HIS A 32 -1.95 -5.14 -6.34
CA HIS A 32 -2.61 -3.91 -6.89
C HIS A 32 -1.71 -3.33 -7.97
N ILE A 33 -0.59 -2.81 -7.57
CA ILE A 33 0.37 -2.23 -8.54
C ILE A 33 0.48 -3.12 -9.78
N THR A 34 0.34 -4.41 -9.61
CA THR A 34 0.46 -5.33 -10.78
C THR A 34 -0.76 -5.20 -11.68
N LYS A 35 -1.94 -5.21 -11.12
CA LYS A 35 -3.17 -5.10 -11.95
C LYS A 35 -3.32 -3.67 -12.47
N ASN A 36 -2.43 -2.79 -12.11
CA ASN A 36 -2.53 -1.39 -12.59
C ASN A 36 -1.60 -1.18 -13.79
N TYR A 37 -0.32 -1.19 -13.56
CA TYR A 37 0.63 -0.99 -14.70
C TYR A 37 0.86 -2.35 -15.38
N PRO A 38 1.78 -2.39 -16.33
CA PRO A 38 2.07 -3.63 -17.08
C PRO A 38 2.96 -4.58 -16.26
N TYR A 39 4.26 -4.50 -16.44
CA TYR A 39 5.17 -5.41 -15.68
C TYR A 39 5.60 -4.75 -14.37
N TYR A 40 6.16 -5.52 -13.47
CA TYR A 40 6.60 -4.93 -12.17
C TYR A 40 7.10 -6.05 -11.25
N ARG A 41 6.30 -7.06 -11.04
CA ARG A 41 6.73 -8.18 -10.17
C ARG A 41 7.51 -9.21 -10.97
N THR A 42 7.71 -8.96 -12.24
CA THR A 42 8.47 -9.94 -13.07
C THR A 42 9.96 -9.78 -12.79
N ALA A 43 10.49 -8.60 -12.96
CA ALA A 43 11.94 -8.39 -12.71
C ALA A 43 12.21 -6.90 -12.50
N ASP A 44 11.70 -6.33 -11.44
CA ASP A 44 11.92 -4.89 -11.17
C ASP A 44 12.60 -4.71 -9.81
N LYS A 45 13.05 -3.51 -9.52
CA LYS A 45 13.73 -3.28 -8.22
C LYS A 45 12.87 -3.83 -7.09
N GLY A 46 13.46 -4.51 -6.15
CA GLY A 46 12.68 -5.09 -5.02
C GLY A 46 11.75 -4.03 -4.44
N TRP A 47 10.56 -3.92 -4.96
CA TRP A 47 9.59 -2.91 -4.45
C TRP A 47 8.59 -3.63 -3.53
N GLN A 48 8.38 -4.89 -3.74
CA GLN A 48 7.42 -5.65 -2.90
C GLN A 48 7.64 -5.30 -1.42
N ASN A 49 8.69 -5.80 -0.83
CA ASN A 49 8.97 -5.48 0.60
C ASN A 49 9.12 -3.96 0.76
N SER A 50 9.31 -3.26 -0.33
CA SER A 50 9.46 -1.79 -0.24
C SER A 50 8.14 -1.14 0.16
N ILE A 51 7.02 -1.69 -0.25
CA ILE A 51 5.73 -1.08 0.11
C ILE A 51 5.63 -0.96 1.64
N ARG A 52 5.65 -2.05 2.36
CA ARG A 52 5.57 -1.95 3.85
C ARG A 52 6.43 -0.77 4.34
N HIS A 53 7.42 -0.38 3.57
CA HIS A 53 8.28 0.76 3.99
C HIS A 53 7.45 2.01 4.27
N ASN A 54 6.61 2.42 3.36
CA ASN A 54 5.80 3.64 3.59
C ASN A 54 4.67 3.28 4.57
N LEU A 55 4.23 2.06 4.55
CA LEU A 55 3.14 1.63 5.46
C LEU A 55 3.35 2.28 6.83
N SER A 56 4.59 2.55 7.18
CA SER A 56 4.88 3.21 8.48
C SER A 56 5.13 4.69 8.23
N LEU A 57 5.72 5.02 7.10
CA LEU A 57 5.97 6.45 6.78
C LEU A 57 4.73 7.25 7.16
N ASN A 58 3.58 6.73 6.83
CA ASN A 58 2.32 7.41 7.21
C ASN A 58 1.71 6.59 8.33
N ARG A 59 0.81 7.13 9.09
CA ARG A 59 0.24 6.34 10.19
C ARG A 59 -1.29 6.38 10.20
N TYR A 60 -1.91 6.75 9.11
CA TYR A 60 -3.41 6.72 9.13
C TYR A 60 -3.85 5.28 8.90
N PHE A 61 -2.91 4.38 8.72
CA PHE A 61 -3.28 2.95 8.49
C PHE A 61 -3.36 2.26 9.86
N ILE A 62 -4.22 1.28 9.98
CA ILE A 62 -4.33 0.57 11.28
C ILE A 62 -3.47 -0.68 11.24
N LYS A 63 -2.18 -0.53 11.47
CA LYS A 63 -1.29 -1.71 11.44
C LYS A 63 -1.45 -2.49 12.76
N VAL A 64 -1.54 -3.79 12.68
CA VAL A 64 -1.72 -4.61 13.91
C VAL A 64 -0.58 -5.62 14.03
N PRO A 65 0.49 -5.20 14.65
CA PRO A 65 1.67 -6.05 14.86
C PRO A 65 1.45 -7.02 16.02
N ARG A 66 1.22 -6.49 17.20
CA ARG A 66 0.99 -7.38 18.37
C ARG A 66 -0.51 -7.69 18.50
N SER A 67 -1.04 -8.49 17.62
CA SER A 67 -2.48 -8.83 17.71
C SER A 67 -2.70 -9.85 18.82
N GLN A 68 -1.95 -10.92 18.81
CA GLN A 68 -2.11 -11.96 19.87
C GLN A 68 -0.86 -12.86 19.87
N GLU A 69 0.03 -12.65 20.79
CA GLU A 69 1.26 -13.49 20.86
C GLU A 69 1.78 -13.75 19.45
N GLU A 70 2.19 -12.71 18.76
CA GLU A 70 2.71 -12.89 17.37
C GLU A 70 4.12 -12.31 17.27
N PRO A 71 5.10 -13.17 17.41
CA PRO A 71 6.52 -12.79 17.33
C PRO A 71 6.92 -12.57 15.86
N GLY A 72 7.28 -11.37 15.49
CA GLY A 72 7.68 -11.12 14.09
C GLY A 72 7.89 -9.61 13.88
N LYS A 73 6.93 -8.95 13.30
CA LYS A 73 7.08 -7.48 13.06
C LYS A 73 5.73 -6.89 12.67
N GLY A 74 5.43 -6.86 11.38
CA GLY A 74 4.12 -6.30 10.95
C GLY A 74 3.13 -7.44 10.69
N SER A 75 1.97 -7.14 10.20
CA SER A 75 0.96 -8.21 9.94
C SER A 75 -0.06 -7.72 8.92
N PHE A 76 -0.75 -6.64 9.21
CA PHE A 76 -1.77 -6.13 8.25
C PHE A 76 -1.82 -4.61 8.31
N TRP A 77 -1.98 -3.97 7.18
CA TRP A 77 -2.07 -2.49 7.17
C TRP A 77 -3.46 -2.12 6.68
N ARG A 78 -4.36 -1.90 7.57
CA ARG A 78 -5.75 -1.57 7.15
C ARG A 78 -5.93 -0.05 7.10
N ILE A 79 -7.14 0.39 6.93
CA ILE A 79 -7.39 1.85 6.85
C ILE A 79 -8.39 2.24 7.94
N ASP A 80 -8.10 3.26 8.71
CA ASP A 80 -9.07 3.66 9.77
C ASP A 80 -10.22 4.42 9.13
N PRO A 81 -11.22 4.75 9.91
CA PRO A 81 -12.42 5.46 9.42
C PRO A 81 -12.09 6.92 9.10
N ALA A 82 -11.19 7.52 9.84
CA ALA A 82 -10.82 8.93 9.56
C ALA A 82 -9.41 8.93 8.97
N SER A 83 -9.13 8.00 8.11
CA SER A 83 -7.77 7.93 7.51
C SER A 83 -7.87 7.61 6.03
N GLU A 84 -8.52 6.52 5.69
CA GLU A 84 -8.65 6.13 4.25
C GLU A 84 -8.69 7.37 3.36
N SER A 85 -9.38 8.38 3.80
CA SER A 85 -9.45 9.63 3.00
C SER A 85 -8.13 10.40 3.14
N LYS A 86 -7.68 10.60 4.35
CA LYS A 86 -6.40 11.35 4.57
C LYS A 86 -5.27 10.80 3.67
N LEU A 87 -5.20 9.50 3.49
CA LEU A 87 -4.11 8.93 2.65
C LEU A 87 -4.40 9.18 1.16
N ILE A 88 -5.63 9.20 0.75
CA ILE A 88 -5.89 9.48 -0.69
C ILE A 88 -5.46 10.91 -0.96
N GLU A 89 -5.38 11.70 0.09
CA GLU A 89 -4.93 13.10 -0.08
C GLU A 89 -3.44 13.09 -0.36
N GLN A 90 -2.73 12.11 0.17
CA GLN A 90 -1.27 12.04 -0.07
C GLN A 90 -0.99 11.03 -1.20
N ALA A 91 -2.00 10.31 -1.63
CA ALA A 91 -1.78 9.32 -2.71
C ALA A 91 -2.18 9.94 -4.06
N PHE A 92 -3.43 10.23 -4.25
CA PHE A 92 -3.85 10.85 -5.53
C PHE A 92 -2.87 11.96 -5.88
N ARG A 93 -2.24 12.53 -4.88
CA ARG A 93 -1.26 13.62 -5.13
C ARG A 93 -0.03 13.04 -5.82
N LYS A 94 1.12 13.60 -5.57
CA LYS A 94 2.36 13.09 -6.21
C LYS A 94 3.49 13.09 -5.18
N ARG A 95 4.71 12.97 -5.63
CA ARG A 95 5.86 12.95 -4.68
C ARG A 95 6.37 14.38 -4.47
N ARG A 96 6.96 14.65 -3.34
CA ARG A 96 7.48 16.02 -3.07
C ARG A 96 9.02 15.99 -3.05
N PRO A 97 9.61 16.29 -4.18
CA PRO A 97 11.08 16.31 -4.32
C PRO A 97 11.66 17.58 -3.72
N ARG A 98 10.83 18.42 -3.16
CA ARG A 98 11.34 19.67 -2.55
C ARG A 98 10.91 19.75 -1.08
N ASP A 1 5.80 -1.48 -23.52
CA ASP A 1 5.18 -0.56 -22.52
C ASP A 1 6.27 0.01 -21.61
N SER A 2 5.95 0.99 -20.82
CA SER A 2 6.96 1.59 -19.92
C SER A 2 6.26 2.29 -18.75
N LYS A 3 5.74 1.55 -17.81
CA LYS A 3 5.04 2.17 -16.65
C LYS A 3 6.08 2.58 -15.60
N PRO A 4 6.17 3.87 -15.35
CA PRO A 4 7.12 4.41 -14.36
C PRO A 4 6.59 4.17 -12.93
N PRO A 5 7.49 4.24 -11.99
CA PRO A 5 7.15 4.05 -10.57
C PRO A 5 6.46 5.29 -9.99
N TYR A 6 5.54 5.11 -9.09
CA TYR A 6 4.84 6.28 -8.49
C TYR A 6 5.36 6.48 -7.07
N SER A 7 4.58 7.05 -6.23
CA SER A 7 5.04 7.25 -4.83
C SER A 7 4.89 5.92 -4.09
N TYR A 8 5.74 5.65 -3.15
CA TYR A 8 5.65 4.36 -2.42
C TYR A 8 4.54 4.43 -1.37
N ALA A 9 4.21 5.61 -0.91
CA ALA A 9 3.12 5.72 0.09
C ALA A 9 1.77 5.64 -0.63
N GLN A 10 1.75 6.09 -1.86
CA GLN A 10 0.48 6.05 -2.65
C GLN A 10 0.16 4.59 -3.00
N LEU A 11 1.14 3.84 -3.44
CA LEU A 11 0.90 2.42 -3.80
C LEU A 11 0.24 1.66 -2.65
N ILE A 12 0.19 2.24 -1.48
CA ILE A 12 -0.48 1.53 -0.35
C ILE A 12 -1.86 2.14 -0.22
N VAL A 13 -1.92 3.43 -0.42
CA VAL A 13 -3.22 4.15 -0.35
C VAL A 13 -4.22 3.55 -1.34
N GLN A 14 -3.99 3.75 -2.61
CA GLN A 14 -4.94 3.23 -3.65
C GLN A 14 -5.30 1.76 -3.39
N ALA A 15 -4.57 1.05 -2.57
CA ALA A 15 -4.91 -0.37 -2.30
C ALA A 15 -6.05 -0.44 -1.28
N ILE A 16 -5.88 0.17 -0.14
CA ILE A 16 -6.96 0.14 0.90
C ILE A 16 -8.31 0.49 0.25
N THR A 17 -8.37 1.56 -0.49
CA THR A 17 -9.65 1.97 -1.13
C THR A 17 -10.11 0.87 -2.10
N MET A 18 -9.19 0.24 -2.77
CA MET A 18 -9.58 -0.83 -3.74
C MET A 18 -9.82 -2.15 -2.99
N ALA A 19 -9.49 -2.19 -1.72
CA ALA A 19 -9.71 -3.44 -0.95
C ALA A 19 -11.21 -3.68 -0.80
N PRO A 20 -11.59 -4.94 -0.78
CA PRO A 20 -13.02 -5.33 -0.67
C PRO A 20 -13.57 -5.15 0.76
N ASP A 21 -13.06 -4.20 1.49
CA ASP A 21 -13.57 -3.99 2.87
C ASP A 21 -12.79 -2.84 3.52
N LYS A 22 -12.29 -1.91 2.74
CA LYS A 22 -11.52 -0.78 3.33
C LYS A 22 -10.37 -1.34 4.16
N GLN A 23 -10.03 -2.58 3.95
CA GLN A 23 -8.92 -3.20 4.73
C GLN A 23 -8.18 -4.19 3.83
N LEU A 24 -6.91 -4.38 4.04
CA LEU A 24 -6.16 -5.33 3.16
C LEU A 24 -4.86 -5.77 3.81
N THR A 25 -4.28 -6.84 3.32
CA THR A 25 -2.99 -7.33 3.88
C THR A 25 -1.85 -6.58 3.21
N LEU A 26 -0.71 -6.53 3.82
CA LEU A 26 0.43 -5.81 3.17
C LEU A 26 0.51 -6.26 1.71
N ASN A 27 0.31 -7.53 1.47
CA ASN A 27 0.36 -8.05 0.08
C ASN A 27 -0.45 -7.13 -0.84
N GLY A 28 -1.62 -6.72 -0.42
CA GLY A 28 -2.48 -5.83 -1.26
C GLY A 28 -1.62 -4.93 -2.16
N ILE A 29 -0.79 -4.08 -1.60
CA ILE A 29 0.01 -3.20 -2.48
C ILE A 29 0.76 -4.04 -3.51
N TYR A 30 1.41 -5.09 -3.10
CA TYR A 30 2.16 -5.94 -4.08
C TYR A 30 1.23 -6.39 -5.20
N THR A 31 0.20 -7.13 -4.87
CA THR A 31 -0.74 -7.65 -5.92
C THR A 31 -1.59 -6.52 -6.50
N HIS A 32 -1.38 -5.30 -6.10
CA HIS A 32 -2.21 -4.19 -6.66
C HIS A 32 -1.40 -3.47 -7.72
N ILE A 33 -0.32 -2.85 -7.33
CA ILE A 33 0.54 -2.12 -8.29
C ILE A 33 0.64 -2.90 -9.60
N THR A 34 0.57 -4.20 -9.52
CA THR A 34 0.67 -5.03 -10.75
C THR A 34 -0.68 -5.04 -11.48
N LYS A 35 -1.75 -5.31 -10.76
CA LYS A 35 -3.09 -5.35 -11.42
C LYS A 35 -3.32 -4.06 -12.21
N ASN A 36 -2.66 -3.00 -11.86
CA ASN A 36 -2.85 -1.72 -12.60
C ASN A 36 -1.81 -1.60 -13.70
N TYR A 37 -0.55 -1.73 -13.36
CA TYR A 37 0.51 -1.62 -14.39
C TYR A 37 0.62 -2.96 -15.15
N PRO A 38 1.35 -2.99 -16.24
CA PRO A 38 1.50 -4.22 -17.04
C PRO A 38 2.46 -5.20 -16.35
N TYR A 39 3.58 -4.74 -15.88
CA TYR A 39 4.54 -5.66 -15.21
C TYR A 39 5.19 -4.97 -14.01
N TYR A 40 5.81 -5.72 -13.15
CA TYR A 40 6.45 -5.11 -11.95
C TYR A 40 6.94 -6.21 -11.00
N ARG A 41 6.08 -7.14 -10.69
CA ARG A 41 6.50 -8.25 -9.78
C ARG A 41 7.20 -9.34 -10.58
N THR A 42 8.41 -9.09 -11.01
CA THR A 42 9.15 -10.11 -11.80
C THR A 42 10.60 -10.16 -11.33
N ALA A 43 11.39 -9.18 -11.70
CA ALA A 43 12.81 -9.17 -11.27
C ALA A 43 13.04 -7.96 -10.36
N ASP A 44 12.23 -6.95 -10.48
CA ASP A 44 12.40 -5.75 -9.61
C ASP A 44 11.78 -6.02 -8.23
N LYS A 45 12.57 -6.47 -7.31
CA LYS A 45 12.02 -6.76 -5.95
C LYS A 45 12.27 -5.55 -5.03
N GLY A 46 12.94 -4.55 -5.53
CA GLY A 46 13.22 -3.36 -4.68
C GLY A 46 11.91 -2.68 -4.31
N TRP A 47 11.04 -2.46 -5.26
CA TRP A 47 9.74 -1.79 -4.94
C TRP A 47 8.89 -2.71 -4.06
N GLN A 48 9.15 -3.99 -4.10
CA GLN A 48 8.36 -4.92 -3.26
C GLN A 48 8.35 -4.43 -1.80
N ASN A 49 9.42 -4.63 -1.09
CA ASN A 49 9.48 -4.16 0.32
C ASN A 49 9.38 -2.63 0.36
N SER A 50 9.64 -1.98 -0.74
CA SER A 50 9.58 -0.50 -0.77
C SER A 50 8.19 -0.03 -0.29
N ILE A 51 7.18 -0.83 -0.51
CA ILE A 51 5.82 -0.41 -0.07
C ILE A 51 5.73 -0.48 1.44
N ARG A 52 6.08 -1.59 2.03
CA ARG A 52 6.02 -1.71 3.52
C ARG A 52 6.75 -0.53 4.16
N HIS A 53 7.88 -0.14 3.62
CA HIS A 53 8.63 1.00 4.20
C HIS A 53 7.71 2.22 4.33
N ASN A 54 6.85 2.45 3.38
CA ASN A 54 5.93 3.61 3.48
C ASN A 54 4.79 3.25 4.41
N LEU A 55 4.37 2.02 4.39
CA LEU A 55 3.25 1.58 5.28
C LEU A 55 3.49 2.18 6.67
N SER A 56 4.74 2.38 7.02
CA SER A 56 5.07 2.99 8.34
C SER A 56 5.37 4.46 8.13
N LEU A 57 5.96 4.81 7.01
CA LEU A 57 6.27 6.23 6.74
C LEU A 57 5.05 7.06 7.12
N ASN A 58 3.88 6.50 6.89
CA ASN A 58 2.64 7.20 7.27
C ASN A 58 2.04 6.38 8.42
N ARG A 59 1.02 6.85 9.06
CA ARG A 59 0.48 6.04 10.18
C ARG A 59 -1.05 6.08 10.21
N TYR A 60 -1.69 6.41 9.13
CA TYR A 60 -3.18 6.38 9.18
C TYR A 60 -3.63 4.94 8.94
N PHE A 61 -2.69 4.06 8.63
CA PHE A 61 -3.06 2.63 8.44
C PHE A 61 -2.98 1.92 9.79
N ILE A 62 -4.11 1.60 10.34
CA ILE A 62 -4.11 0.93 11.67
C ILE A 62 -3.80 -0.57 11.51
N LYS A 63 -2.55 -0.91 11.36
CA LYS A 63 -2.19 -2.35 11.22
C LYS A 63 -2.17 -3.02 12.60
N VAL A 64 -2.63 -4.24 12.67
CA VAL A 64 -2.66 -4.94 13.98
C VAL A 64 -1.26 -5.49 14.30
N PRO A 65 -0.97 -5.62 15.57
CA PRO A 65 0.33 -6.12 16.05
C PRO A 65 0.39 -7.65 15.93
N ARG A 66 1.57 -8.19 15.81
CA ARG A 66 1.71 -9.67 15.70
C ARG A 66 1.76 -10.28 17.10
N SER A 67 1.50 -11.55 17.23
CA SER A 67 1.54 -12.18 18.57
C SER A 67 1.01 -13.62 18.48
N GLN A 68 1.89 -14.59 18.49
CA GLN A 68 1.44 -16.00 18.41
C GLN A 68 0.35 -16.13 17.34
N GLU A 69 0.60 -15.66 16.15
CA GLU A 69 -0.42 -15.75 15.08
C GLU A 69 -0.04 -16.86 14.10
N GLU A 70 0.94 -16.63 13.27
CA GLU A 70 1.36 -17.67 12.30
C GLU A 70 2.88 -17.76 12.25
N PRO A 71 3.38 -18.87 11.78
CA PRO A 71 4.83 -19.11 11.67
C PRO A 71 5.39 -18.40 10.43
N GLY A 72 5.68 -17.13 10.56
CA GLY A 72 6.23 -16.37 9.40
C GLY A 72 5.73 -14.92 9.45
N LYS A 73 4.66 -14.63 8.77
CA LYS A 73 4.13 -13.24 8.78
C LYS A 73 2.65 -13.25 9.16
N GLY A 74 2.14 -12.16 9.64
CA GLY A 74 0.70 -12.11 10.03
C GLY A 74 0.30 -10.66 10.30
N SER A 75 0.75 -9.75 9.49
CA SER A 75 0.39 -8.31 9.71
C SER A 75 -0.65 -7.88 8.69
N PHE A 76 -1.71 -7.25 9.13
CA PHE A 76 -2.76 -6.81 8.18
C PHE A 76 -2.89 -5.29 8.27
N TRP A 77 -2.98 -4.60 7.16
CA TRP A 77 -3.11 -3.12 7.24
C TRP A 77 -4.56 -2.69 7.10
N ARG A 78 -5.17 -2.27 8.18
CA ARG A 78 -6.59 -1.82 8.10
C ARG A 78 -6.62 -0.31 8.10
N ILE A 79 -7.36 0.29 7.20
CA ILE A 79 -7.41 1.77 7.16
C ILE A 79 -8.45 2.29 8.15
N ASP A 80 -8.10 3.28 8.92
CA ASP A 80 -9.07 3.84 9.91
C ASP A 80 -10.07 4.73 9.15
N PRO A 81 -11.03 5.28 9.87
CA PRO A 81 -12.07 6.14 9.28
C PRO A 81 -11.50 7.51 8.93
N ALA A 82 -10.76 8.11 9.83
CA ALA A 82 -10.18 9.44 9.54
C ALA A 82 -8.76 9.22 9.00
N SER A 83 -8.58 8.16 8.28
CA SER A 83 -7.24 7.84 7.73
C SER A 83 -7.34 7.70 6.21
N GLU A 84 -8.20 6.85 5.75
CA GLU A 84 -8.34 6.67 4.28
C GLU A 84 -8.48 8.03 3.61
N SER A 85 -9.59 8.70 3.83
CA SER A 85 -9.80 10.04 3.21
C SER A 85 -8.50 10.87 3.23
N LYS A 86 -7.60 10.58 4.12
CA LYS A 86 -6.33 11.36 4.18
C LYS A 86 -5.32 10.79 3.17
N LEU A 87 -4.97 9.53 3.30
CA LEU A 87 -3.97 8.91 2.37
C LEU A 87 -4.46 8.99 0.92
N ILE A 88 -5.72 9.13 0.68
CA ILE A 88 -6.18 9.21 -0.74
C ILE A 88 -5.80 10.59 -1.26
N GLU A 89 -5.73 11.56 -0.40
CA GLU A 89 -5.35 12.92 -0.82
C GLU A 89 -3.83 13.02 -0.82
N GLN A 90 -3.16 12.24 -0.01
CA GLN A 90 -1.68 12.28 0.02
C GLN A 90 -1.14 11.32 -1.04
N ALA A 91 -1.99 10.46 -1.55
CA ALA A 91 -1.54 9.49 -2.59
C ALA A 91 -1.88 10.02 -3.98
N PHE A 92 -2.90 10.83 -4.10
CA PHE A 92 -3.27 11.36 -5.44
C PHE A 92 -2.68 12.76 -5.62
N ARG A 93 -1.48 12.97 -5.18
CA ARG A 93 -0.86 14.32 -5.33
C ARG A 93 0.67 14.19 -5.27
N LYS A 94 1.22 13.28 -6.02
CA LYS A 94 2.71 13.11 -6.01
C LYS A 94 3.22 13.08 -7.44
N ARG A 95 2.73 13.97 -8.28
CA ARG A 95 3.18 13.99 -9.69
C ARG A 95 2.35 15.00 -10.48
N ARG A 96 2.57 15.10 -11.76
CA ARG A 96 1.77 16.05 -12.60
C ARG A 96 1.85 15.62 -14.07
N PRO A 97 0.93 14.78 -14.45
CA PRO A 97 0.85 14.27 -15.83
C PRO A 97 0.24 15.31 -16.77
N ARG A 98 0.30 15.09 -18.05
CA ARG A 98 -0.29 16.06 -19.01
C ARG A 98 -1.73 15.66 -19.33
N ASP A 1 -2.63 1.79 -15.68
CA ASP A 1 -1.55 2.78 -15.91
C ASP A 1 -0.36 2.08 -16.59
N SER A 2 0.77 2.72 -16.64
CA SER A 2 1.95 2.09 -17.29
C SER A 2 2.83 1.42 -16.23
N LYS A 3 4.02 1.03 -16.60
CA LYS A 3 4.93 0.38 -15.61
C LYS A 3 5.10 1.24 -14.36
N PRO A 4 5.30 2.54 -14.54
CA PRO A 4 5.47 3.48 -13.41
C PRO A 4 4.12 3.82 -12.78
N PRO A 5 3.90 3.33 -11.58
CA PRO A 5 2.65 3.57 -10.85
C PRO A 5 2.68 4.92 -10.14
N TYR A 6 3.20 4.95 -8.94
CA TYR A 6 3.27 6.22 -8.17
C TYR A 6 4.40 6.13 -7.15
N SER A 7 4.32 6.88 -6.09
CA SER A 7 5.38 6.82 -5.06
C SER A 7 5.16 5.59 -4.18
N TYR A 8 5.68 5.60 -2.98
CA TYR A 8 5.49 4.41 -2.09
C TYR A 8 4.36 4.67 -1.10
N ALA A 9 4.05 5.92 -0.83
CA ALA A 9 2.96 6.23 0.13
C ALA A 9 1.63 6.31 -0.61
N GLN A 10 1.65 6.18 -1.91
CA GLN A 10 0.37 6.27 -2.69
C GLN A 10 -0.09 4.86 -3.07
N LEU A 11 0.82 3.99 -3.40
CA LEU A 11 0.45 2.61 -3.82
C LEU A 11 -0.23 1.85 -2.66
N ILE A 12 -0.23 2.39 -1.48
CA ILE A 12 -0.93 1.68 -0.36
C ILE A 12 -2.31 2.31 -0.23
N VAL A 13 -2.35 3.61 -0.27
CA VAL A 13 -3.65 4.33 -0.19
C VAL A 13 -4.67 3.59 -1.05
N GLN A 14 -4.51 3.65 -2.34
CA GLN A 14 -5.46 2.97 -3.26
C GLN A 14 -5.75 1.56 -2.75
N ALA A 15 -4.74 0.72 -2.67
CA ALA A 15 -4.95 -0.67 -2.19
C ALA A 15 -5.99 -0.73 -1.07
N ILE A 16 -5.97 0.23 -0.18
CA ILE A 16 -6.95 0.22 0.95
C ILE A 16 -8.29 0.80 0.45
N THR A 17 -8.30 2.02 0.03
CA THR A 17 -9.57 2.63 -0.47
C THR A 17 -9.92 1.99 -1.82
N MET A 18 -9.10 2.19 -2.81
CA MET A 18 -9.38 1.60 -4.14
C MET A 18 -9.87 0.16 -3.98
N ALA A 19 -9.52 -0.50 -2.91
CA ALA A 19 -9.97 -1.90 -2.72
C ALA A 19 -11.34 -1.89 -2.02
N PRO A 20 -12.20 -2.78 -2.44
CA PRO A 20 -13.55 -2.89 -1.86
C PRO A 20 -13.48 -3.60 -0.51
N ASP A 21 -13.19 -2.86 0.52
CA ASP A 21 -13.10 -3.48 1.87
C ASP A 21 -12.44 -2.49 2.83
N LYS A 22 -11.64 -1.59 2.31
CA LYS A 22 -10.97 -0.59 3.19
C LYS A 22 -9.90 -1.30 4.04
N GLN A 23 -9.66 -2.55 3.77
CA GLN A 23 -8.64 -3.31 4.54
C GLN A 23 -7.72 -3.99 3.54
N LEU A 24 -6.44 -3.91 3.76
CA LEU A 24 -5.50 -4.53 2.80
C LEU A 24 -4.30 -5.08 3.54
N THR A 25 -3.89 -6.27 3.23
CA THR A 25 -2.71 -6.82 3.92
C THR A 25 -1.48 -6.21 3.28
N LEU A 26 -0.31 -6.44 3.81
CA LEU A 26 0.89 -5.84 3.19
C LEU A 26 0.90 -6.28 1.71
N ASN A 27 0.54 -7.50 1.47
CA ASN A 27 0.51 -8.01 0.08
C ASN A 27 -0.24 -7.02 -0.82
N GLY A 28 -1.29 -6.41 -0.31
CA GLY A 28 -2.09 -5.43 -1.12
C GLY A 28 -1.18 -4.73 -2.13
N ILE A 29 -0.23 -3.96 -1.67
CA ILE A 29 0.68 -3.26 -2.62
C ILE A 29 1.14 -4.24 -3.72
N TYR A 30 1.66 -5.37 -3.33
CA TYR A 30 2.16 -6.37 -4.34
C TYR A 30 1.02 -6.82 -5.27
N THR A 31 0.05 -7.53 -4.75
CA THR A 31 -1.07 -8.01 -5.60
C THR A 31 -1.91 -6.85 -6.15
N HIS A 32 -1.58 -5.64 -5.79
CA HIS A 32 -2.36 -4.48 -6.30
C HIS A 32 -1.57 -3.83 -7.43
N ILE A 33 -0.28 -4.00 -7.41
CA ILE A 33 0.57 -3.40 -8.46
C ILE A 33 0.45 -4.22 -9.75
N THR A 34 1.20 -5.27 -9.84
CA THR A 34 1.15 -6.13 -11.07
C THR A 34 -0.31 -6.31 -11.49
N LYS A 35 -1.23 -6.24 -10.57
CA LYS A 35 -2.66 -6.41 -10.91
C LYS A 35 -3.08 -5.39 -11.97
N ASN A 36 -2.82 -4.13 -11.75
CA ASN A 36 -3.22 -3.10 -12.75
C ASN A 36 -2.02 -2.72 -13.64
N TYR A 37 -1.02 -2.11 -13.07
CA TYR A 37 0.17 -1.72 -13.89
C TYR A 37 0.59 -2.91 -14.77
N PRO A 38 1.48 -2.68 -15.72
CA PRO A 38 1.94 -3.75 -16.63
C PRO A 38 2.83 -4.77 -15.93
N TYR A 39 4.10 -4.48 -15.77
CA TYR A 39 5.00 -5.48 -15.11
C TYR A 39 5.85 -4.81 -14.03
N TYR A 40 5.29 -4.52 -12.89
CA TYR A 40 6.09 -3.92 -11.79
C TYR A 40 6.72 -5.05 -10.98
N ARG A 41 7.42 -5.94 -11.62
CA ARG A 41 8.04 -7.07 -10.88
C ARG A 41 9.09 -7.75 -11.77
N THR A 42 9.64 -7.03 -12.71
CA THR A 42 10.66 -7.65 -13.61
C THR A 42 11.84 -6.69 -13.74
N ALA A 43 12.91 -6.94 -13.00
CA ALA A 43 14.09 -6.04 -13.09
C ALA A 43 13.67 -4.62 -12.68
N ASP A 44 12.65 -4.50 -11.88
CA ASP A 44 12.20 -3.15 -11.44
C ASP A 44 12.85 -2.80 -10.11
N LYS A 45 13.10 -1.54 -9.87
CA LYS A 45 13.73 -1.14 -8.58
C LYS A 45 13.01 -1.85 -7.45
N GLY A 46 13.74 -2.39 -6.52
CA GLY A 46 13.11 -3.10 -5.36
C GLY A 46 11.96 -2.28 -4.80
N TRP A 47 10.78 -2.46 -5.31
CA TRP A 47 9.60 -1.69 -4.80
C TRP A 47 8.80 -2.57 -3.84
N GLN A 48 9.19 -3.80 -3.67
CA GLN A 48 8.45 -4.71 -2.75
C GLN A 48 8.72 -4.29 -1.30
N ASN A 49 9.93 -4.43 -0.85
CA ASN A 49 10.25 -4.05 0.56
C ASN A 49 10.19 -2.53 0.69
N SER A 50 10.42 -1.83 -0.39
CA SER A 50 10.39 -0.35 -0.33
C SER A 50 8.96 0.13 -0.06
N ILE A 51 7.99 -0.73 -0.24
CA ILE A 51 6.58 -0.30 0.01
C ILE A 51 6.23 -0.49 1.49
N ARG A 52 6.35 -1.68 2.00
CA ARG A 52 6.02 -1.91 3.44
C ARG A 52 6.55 -0.75 4.29
N HIS A 53 7.57 -0.07 3.82
CA HIS A 53 8.13 1.06 4.60
C HIS A 53 7.10 2.18 4.76
N ASN A 54 6.48 2.62 3.70
CA ASN A 54 5.46 3.71 3.82
C ASN A 54 4.32 3.22 4.71
N LEU A 55 3.97 1.97 4.62
CA LEU A 55 2.86 1.45 5.47
C LEU A 55 3.07 1.94 6.90
N SER A 56 4.30 2.16 7.29
CA SER A 56 4.58 2.64 8.67
C SER A 56 4.67 4.17 8.66
N LEU A 57 5.45 4.72 7.76
CA LEU A 57 5.56 6.21 7.70
C LEU A 57 4.16 6.80 7.81
N ASN A 58 3.32 6.50 6.87
CA ASN A 58 1.93 7.01 6.94
C ASN A 58 1.12 6.02 7.78
N ARG A 59 0.84 6.36 9.00
CA ARG A 59 0.09 5.42 9.88
C ARG A 59 -1.38 5.33 9.47
N TYR A 60 -1.75 5.93 8.37
CA TYR A 60 -3.18 5.82 7.92
C TYR A 60 -3.64 4.37 8.06
N PHE A 61 -2.70 3.46 7.99
CA PHE A 61 -3.06 2.02 8.07
C PHE A 61 -2.57 1.46 9.38
N ILE A 62 -3.49 1.14 10.25
CA ILE A 62 -3.12 0.59 11.57
C ILE A 62 -2.80 -0.90 11.44
N LYS A 63 -1.56 -1.24 11.22
CA LYS A 63 -1.21 -2.69 11.10
C LYS A 63 -1.19 -3.32 12.49
N VAL A 64 -1.92 -4.41 12.64
CA VAL A 64 -1.97 -5.08 13.97
C VAL A 64 -1.03 -6.29 13.99
N PRO A 65 -0.25 -6.41 15.03
CA PRO A 65 0.70 -7.52 15.19
C PRO A 65 -0.03 -8.77 15.69
N ARG A 66 -0.83 -8.63 16.71
CA ARG A 66 -1.57 -9.80 17.25
C ARG A 66 -2.49 -9.33 18.38
N SER A 67 -3.49 -10.11 18.70
CA SER A 67 -4.42 -9.71 19.80
C SER A 67 -5.65 -10.62 19.79
N GLN A 68 -6.53 -10.45 18.84
CA GLN A 68 -7.75 -11.31 18.80
C GLN A 68 -7.90 -11.91 17.39
N GLU A 69 -6.84 -12.38 16.82
CA GLU A 69 -6.93 -12.97 15.45
C GLU A 69 -5.93 -14.13 15.33
N GLU A 70 -6.00 -15.08 16.23
CA GLU A 70 -5.05 -16.22 16.16
C GLU A 70 -4.98 -16.75 14.72
N PRO A 71 -6.13 -17.08 14.17
CA PRO A 71 -6.22 -17.59 12.80
C PRO A 71 -6.13 -16.44 11.80
N GLY A 72 -4.99 -16.25 11.20
CA GLY A 72 -4.83 -15.14 10.21
C GLY A 72 -3.36 -15.04 9.78
N LYS A 73 -3.02 -13.98 9.09
CA LYS A 73 -1.61 -13.82 8.64
C LYS A 73 -0.77 -13.22 9.76
N GLY A 74 0.37 -12.68 9.45
CA GLY A 74 1.23 -12.07 10.52
C GLY A 74 0.71 -10.68 10.88
N SER A 75 0.40 -9.87 9.90
CA SER A 75 -0.10 -8.50 10.19
C SER A 75 -1.05 -8.04 9.08
N PHE A 76 -1.72 -6.94 9.28
CA PHE A 76 -2.66 -6.44 8.23
C PHE A 76 -2.80 -4.92 8.35
N TRP A 77 -2.57 -4.19 7.29
CA TRP A 77 -2.71 -2.71 7.36
C TRP A 77 -4.17 -2.34 7.14
N ARG A 78 -4.91 -2.14 8.21
CA ARG A 78 -6.34 -1.78 8.05
C ARG A 78 -6.49 -0.27 8.08
N ILE A 79 -7.27 0.28 7.18
CA ILE A 79 -7.44 1.75 7.15
C ILE A 79 -8.43 2.18 8.23
N ASP A 80 -8.02 3.05 9.10
CA ASP A 80 -8.92 3.50 10.19
C ASP A 80 -9.93 4.51 9.63
N PRO A 81 -10.84 4.93 10.46
CA PRO A 81 -11.88 5.91 10.07
C PRO A 81 -11.27 7.30 9.99
N ALA A 82 -10.08 7.45 10.50
CA ALA A 82 -9.41 8.77 10.45
C ALA A 82 -8.16 8.64 9.58
N SER A 83 -8.12 7.65 8.72
CA SER A 83 -6.94 7.45 7.86
C SER A 83 -7.31 7.73 6.42
N GLU A 84 -7.99 6.82 5.76
CA GLU A 84 -8.41 6.99 4.33
C GLU A 84 -8.57 8.49 4.03
N SER A 85 -9.14 9.17 4.96
CA SER A 85 -9.35 10.64 4.80
C SER A 85 -8.14 11.33 4.14
N LYS A 86 -6.97 11.23 4.71
CA LYS A 86 -5.79 11.94 4.14
C LYS A 86 -5.04 11.10 3.08
N LEU A 87 -4.55 9.93 3.41
CA LEU A 87 -3.79 9.15 2.37
C LEU A 87 -4.53 9.19 1.07
N ILE A 88 -5.81 9.05 1.12
CA ILE A 88 -6.60 9.09 -0.11
C ILE A 88 -6.27 10.38 -0.87
N GLU A 89 -6.28 11.48 -0.18
CA GLU A 89 -5.95 12.76 -0.85
C GLU A 89 -4.50 12.72 -1.33
N GLN A 90 -3.65 11.95 -0.69
CA GLN A 90 -2.22 11.89 -1.13
C GLN A 90 -2.10 10.98 -2.35
N ALA A 91 -3.02 10.06 -2.53
CA ALA A 91 -2.93 9.14 -3.70
C ALA A 91 -3.91 9.61 -4.79
N PHE A 92 -4.71 10.61 -4.50
CA PHE A 92 -5.68 11.09 -5.52
C PHE A 92 -5.08 12.26 -6.30
N ARG A 93 -4.06 12.87 -5.78
CA ARG A 93 -3.43 14.02 -6.50
C ARG A 93 -2.35 13.50 -7.44
N LYS A 94 -2.73 12.84 -8.50
CA LYS A 94 -1.71 12.31 -9.46
C LYS A 94 -0.89 13.48 -10.01
N ARG A 95 0.22 13.18 -10.65
CA ARG A 95 1.07 14.28 -11.19
C ARG A 95 1.18 14.13 -12.71
N ARG A 96 1.89 15.03 -13.35
CA ARG A 96 2.05 14.94 -14.84
C ARG A 96 3.53 15.07 -15.19
N PRO A 97 3.93 14.37 -16.22
CA PRO A 97 5.32 14.38 -16.71
C PRO A 97 5.61 15.65 -17.50
N ARG A 98 4.80 15.94 -18.49
CA ARG A 98 5.03 17.17 -19.30
C ARG A 98 4.56 18.40 -18.52
N ASP A 1 -1.40 -1.79 -20.71
CA ASP A 1 -1.72 -0.48 -21.34
C ASP A 1 -0.68 0.56 -20.93
N SER A 2 -0.48 0.74 -19.64
CA SER A 2 0.52 1.73 -19.17
C SER A 2 0.96 1.36 -17.75
N LYS A 3 2.21 1.59 -17.42
CA LYS A 3 2.71 1.24 -16.07
C LYS A 3 3.15 2.52 -15.33
N PRO A 4 2.18 3.26 -14.85
CA PRO A 4 2.44 4.51 -14.11
C PRO A 4 2.82 4.22 -12.65
N PRO A 5 4.06 4.49 -12.33
CA PRO A 5 4.57 4.28 -10.96
C PRO A 5 4.14 5.43 -10.06
N TYR A 6 3.82 5.15 -8.82
CA TYR A 6 3.38 6.27 -7.92
C TYR A 6 4.45 6.48 -6.85
N SER A 7 4.15 7.24 -5.84
CA SER A 7 5.16 7.46 -4.77
C SER A 7 5.16 6.24 -3.86
N TYR A 8 5.96 6.24 -2.85
CA TYR A 8 6.00 5.07 -1.93
C TYR A 8 4.86 5.19 -0.92
N ALA A 9 4.26 6.34 -0.82
CA ALA A 9 3.14 6.52 0.16
C ALA A 9 1.80 6.43 -0.57
N GLN A 10 1.81 6.33 -1.87
CA GLN A 10 0.51 6.25 -2.63
C GLN A 10 0.23 4.80 -3.03
N LEU A 11 1.26 4.05 -3.28
CA LEU A 11 1.07 2.63 -3.70
C LEU A 11 0.29 1.84 -2.64
N ILE A 12 0.11 2.39 -1.47
CA ILE A 12 -0.65 1.66 -0.43
C ILE A 12 -2.05 2.27 -0.37
N VAL A 13 -2.11 3.56 -0.42
CA VAL A 13 -3.41 4.28 -0.38
C VAL A 13 -4.32 3.78 -1.50
N GLN A 14 -3.74 3.29 -2.55
CA GLN A 14 -4.55 2.84 -3.69
C GLN A 14 -5.07 1.42 -3.48
N ALA A 15 -4.38 0.62 -2.70
CA ALA A 15 -4.85 -0.77 -2.48
C ALA A 15 -6.00 -0.78 -1.45
N ILE A 16 -5.82 -0.12 -0.34
CA ILE A 16 -6.89 -0.10 0.70
C ILE A 16 -8.17 0.52 0.11
N THR A 17 -8.12 1.76 -0.29
CA THR A 17 -9.32 2.42 -0.86
C THR A 17 -9.89 1.57 -2.00
N MET A 18 -9.12 1.34 -3.02
CA MET A 18 -9.61 0.53 -4.16
C MET A 18 -10.27 -0.75 -3.66
N ALA A 19 -9.87 -1.24 -2.52
CA ALA A 19 -10.50 -2.49 -1.99
C ALA A 19 -11.84 -2.14 -1.36
N PRO A 20 -12.82 -2.99 -1.59
CA PRO A 20 -14.18 -2.79 -1.07
C PRO A 20 -14.28 -3.21 0.41
N ASP A 21 -13.16 -3.42 1.05
CA ASP A 21 -13.19 -3.82 2.48
C ASP A 21 -12.46 -2.78 3.32
N LYS A 22 -11.73 -1.90 2.69
CA LYS A 22 -10.99 -0.85 3.46
C LYS A 22 -9.85 -1.50 4.24
N GLN A 23 -9.65 -2.78 4.06
CA GLN A 23 -8.56 -3.48 4.78
C GLN A 23 -7.69 -4.21 3.75
N LEU A 24 -6.40 -4.13 3.88
CA LEU A 24 -5.53 -4.81 2.88
C LEU A 24 -4.31 -5.36 3.58
N THR A 25 -3.88 -6.54 3.21
CA THR A 25 -2.68 -7.11 3.86
C THR A 25 -1.47 -6.46 3.23
N LEU A 26 -0.30 -6.63 3.79
CA LEU A 26 0.89 -6.01 3.18
C LEU A 26 0.87 -6.38 1.69
N ASN A 27 0.38 -7.54 1.41
CA ASN A 27 0.29 -8.00 0.00
C ASN A 27 -0.53 -7.00 -0.82
N GLY A 28 -1.68 -6.60 -0.30
CA GLY A 28 -2.57 -5.62 -1.02
C GLY A 28 -1.76 -4.79 -2.03
N ILE A 29 -0.94 -3.89 -1.57
CA ILE A 29 -0.14 -3.09 -2.53
C ILE A 29 0.50 -4.02 -3.56
N TYR A 30 1.22 -5.02 -3.10
CA TYR A 30 1.89 -5.98 -4.03
C TYR A 30 0.88 -6.55 -5.03
N THR A 31 -0.01 -7.40 -4.58
CA THR A 31 -1.01 -8.03 -5.48
C THR A 31 -1.92 -6.97 -6.13
N HIS A 32 -1.78 -5.72 -5.77
CA HIS A 32 -2.66 -4.67 -6.35
C HIS A 32 -1.88 -3.95 -7.45
N ILE A 33 -0.57 -4.01 -7.39
CA ILE A 33 0.25 -3.33 -8.42
C ILE A 33 0.30 -4.17 -9.71
N THR A 34 1.06 -5.23 -9.70
CA THR A 34 1.16 -6.09 -10.92
C THR A 34 -0.22 -6.24 -11.56
N LYS A 35 -1.26 -6.17 -10.77
CA LYS A 35 -2.63 -6.31 -11.34
C LYS A 35 -3.00 -5.04 -12.09
N ASN A 36 -2.83 -3.90 -11.46
CA ASN A 36 -3.17 -2.61 -12.13
C ASN A 36 -2.17 -2.34 -13.26
N TYR A 37 -0.93 -2.12 -12.93
CA TYR A 37 0.09 -1.83 -13.97
C TYR A 37 0.39 -3.15 -14.73
N PRO A 38 1.03 -3.05 -15.87
CA PRO A 38 1.36 -4.25 -16.67
C PRO A 38 2.53 -5.03 -16.04
N TYR A 39 3.59 -4.36 -15.67
CA TYR A 39 4.73 -5.10 -15.05
C TYR A 39 5.49 -4.19 -14.08
N TYR A 40 4.93 -3.92 -12.93
CA TYR A 40 5.63 -3.07 -11.94
C TYR A 40 6.74 -3.89 -11.29
N ARG A 41 6.48 -5.15 -11.04
CA ARG A 41 7.52 -6.01 -10.41
C ARG A 41 8.70 -6.18 -11.37
N THR A 42 8.45 -6.18 -12.65
CA THR A 42 9.55 -6.33 -13.62
C THR A 42 10.11 -4.96 -13.98
N ALA A 43 11.41 -4.81 -13.96
CA ALA A 43 12.02 -3.49 -14.29
C ALA A 43 11.82 -2.53 -13.11
N ASP A 44 11.47 -3.04 -11.97
CA ASP A 44 11.26 -2.15 -10.79
C ASP A 44 11.07 -3.00 -9.54
N LYS A 45 12.13 -3.57 -9.03
CA LYS A 45 12.01 -4.41 -7.81
C LYS A 45 12.23 -3.54 -6.56
N GLY A 46 12.10 -2.25 -6.71
CA GLY A 46 12.29 -1.35 -5.54
C GLY A 46 10.98 -1.20 -4.78
N TRP A 47 9.92 -0.85 -5.46
CA TRP A 47 8.61 -0.69 -4.78
C TRP A 47 8.26 -1.96 -4.01
N GLN A 48 8.86 -3.06 -4.35
CA GLN A 48 8.54 -4.33 -3.63
C GLN A 48 8.53 -4.09 -2.11
N ASN A 49 9.65 -4.23 -1.47
CA ASN A 49 9.69 -4.00 0.01
C ASN A 49 9.46 -2.53 0.32
N SER A 50 9.72 -1.66 -0.62
CA SER A 50 9.52 -0.21 -0.38
C SER A 50 8.15 0.01 0.26
N ILE A 51 7.11 -0.53 -0.32
CA ILE A 51 5.74 -0.34 0.25
C ILE A 51 5.75 -0.58 1.77
N ARG A 52 6.23 -1.71 2.20
CA ARG A 52 6.25 -2.00 3.66
C ARG A 52 6.88 -0.82 4.39
N HIS A 53 7.89 -0.22 3.82
CA HIS A 53 8.55 0.93 4.48
C HIS A 53 7.56 2.09 4.65
N ASN A 54 6.70 2.31 3.69
CA ASN A 54 5.71 3.43 3.81
C ASN A 54 4.43 2.89 4.46
N LEU A 55 4.53 1.78 5.14
CA LEU A 55 3.34 1.20 5.80
C LEU A 55 3.38 1.54 7.29
N SER A 56 4.53 1.90 7.79
CA SER A 56 4.66 2.26 9.22
C SER A 56 4.67 3.79 9.35
N LEU A 57 5.53 4.44 8.61
CA LEU A 57 5.57 5.92 8.67
C LEU A 57 4.13 6.42 8.54
N ASN A 58 3.55 6.29 7.38
CA ASN A 58 2.13 6.70 7.22
C ASN A 58 1.34 5.86 8.22
N ARG A 59 1.05 6.38 9.36
CA ARG A 59 0.34 5.58 10.39
C ARG A 59 -1.15 5.47 10.08
N TYR A 60 -1.65 6.11 9.06
CA TYR A 60 -3.10 5.96 8.79
C TYR A 60 -3.41 4.46 8.69
N PHE A 61 -2.45 3.73 8.19
CA PHE A 61 -2.64 2.26 8.04
C PHE A 61 -2.43 1.62 9.39
N ILE A 62 -3.50 1.47 10.12
CA ILE A 62 -3.41 0.87 11.47
C ILE A 62 -3.24 -0.64 11.34
N LYS A 63 -2.04 -1.08 11.14
CA LYS A 63 -1.80 -2.54 11.02
C LYS A 63 -1.60 -3.13 12.42
N VAL A 64 -1.47 -4.43 12.51
CA VAL A 64 -1.29 -5.07 13.84
C VAL A 64 0.08 -5.77 13.89
N PRO A 65 0.64 -5.84 15.08
CA PRO A 65 1.95 -6.48 15.30
C PRO A 65 1.82 -8.01 15.29
N ARG A 66 2.91 -8.71 15.39
CA ARG A 66 2.86 -10.19 15.39
C ARG A 66 3.88 -10.75 16.38
N SER A 67 5.14 -10.53 16.12
CA SER A 67 6.19 -11.04 17.06
C SER A 67 6.07 -12.55 17.19
N GLN A 68 5.94 -13.25 16.10
CA GLN A 68 5.83 -14.73 16.15
C GLN A 68 4.76 -15.12 17.16
N GLU A 69 3.51 -15.06 16.78
CA GLU A 69 2.42 -15.43 17.73
C GLU A 69 1.19 -15.90 16.95
N GLU A 70 0.70 -15.09 16.05
CA GLU A 70 -0.51 -15.49 15.26
C GLU A 70 -0.07 -16.13 13.95
N PRO A 71 -0.68 -17.24 13.61
CA PRO A 71 -0.38 -17.97 12.37
C PRO A 71 -1.10 -17.31 11.19
N GLY A 72 -2.33 -16.93 11.36
CA GLY A 72 -3.08 -16.27 10.25
C GLY A 72 -2.81 -14.77 10.26
N LYS A 73 -3.82 -13.97 10.40
CA LYS A 73 -3.61 -12.49 10.42
C LYS A 73 -2.53 -12.14 11.43
N GLY A 74 -1.61 -11.29 11.05
CA GLY A 74 -0.52 -10.90 11.99
C GLY A 74 0.09 -9.57 11.54
N SER A 75 0.30 -9.41 10.26
CA SER A 75 0.88 -8.13 9.76
C SER A 75 -0.07 -7.53 8.73
N PHE A 76 -1.30 -7.27 9.10
CA PHE A 76 -2.27 -6.69 8.14
C PHE A 76 -2.28 -5.17 8.28
N TRP A 77 -2.27 -4.45 7.18
CA TRP A 77 -2.28 -2.97 7.26
C TRP A 77 -3.67 -2.47 6.87
N ARG A 78 -4.47 -2.05 7.83
CA ARG A 78 -5.83 -1.56 7.47
C ARG A 78 -5.90 -0.06 7.69
N ILE A 79 -6.88 0.59 7.12
CA ILE A 79 -6.98 2.06 7.30
C ILE A 79 -8.07 2.39 8.32
N ASP A 80 -7.88 3.42 9.08
CA ASP A 80 -8.89 3.81 10.11
C ASP A 80 -10.06 4.53 9.41
N PRO A 81 -11.08 4.82 10.18
CA PRO A 81 -12.28 5.50 9.66
C PRO A 81 -12.00 6.99 9.45
N ALA A 82 -10.88 7.46 9.91
CA ALA A 82 -10.52 8.88 9.73
C ALA A 82 -9.07 8.94 9.27
N SER A 83 -8.74 8.17 8.27
CA SER A 83 -7.34 8.15 7.77
C SER A 83 -7.35 8.01 6.25
N GLU A 84 -8.09 7.07 5.75
CA GLU A 84 -8.15 6.87 4.28
C GLU A 84 -8.37 8.23 3.62
N SER A 85 -9.54 8.78 3.76
CA SER A 85 -9.85 10.11 3.14
C SER A 85 -8.62 11.03 3.17
N LYS A 86 -7.74 10.86 4.11
CA LYS A 86 -6.53 11.73 4.17
C LYS A 86 -5.49 11.24 3.14
N LEU A 87 -5.04 10.02 3.25
CA LEU A 87 -4.00 9.50 2.28
C LEU A 87 -4.54 9.48 0.86
N ILE A 88 -5.75 9.06 0.64
CA ILE A 88 -6.27 9.03 -0.77
C ILE A 88 -6.01 10.39 -1.40
N GLU A 89 -5.89 11.41 -0.58
CA GLU A 89 -5.65 12.76 -1.12
C GLU A 89 -4.19 12.87 -1.55
N GLN A 90 -3.29 12.30 -0.79
CA GLN A 90 -1.85 12.37 -1.15
C GLN A 90 -1.49 11.23 -2.11
N ALA A 91 -2.40 10.33 -2.36
CA ALA A 91 -2.09 9.19 -3.28
C ALA A 91 -2.58 9.51 -4.70
N PHE A 92 -3.87 9.58 -4.88
CA PHE A 92 -4.43 9.86 -6.23
C PHE A 92 -3.74 11.09 -6.83
N ARG A 93 -3.23 11.97 -6.02
CA ARG A 93 -2.54 13.17 -6.58
C ARG A 93 -1.05 12.88 -6.74
N LYS A 94 -0.70 12.13 -7.75
CA LYS A 94 0.74 11.78 -7.98
C LYS A 94 1.53 13.08 -8.19
N ARG A 95 2.70 13.16 -7.62
CA ARG A 95 3.54 14.38 -7.79
C ARG A 95 4.37 14.26 -9.07
N ARG A 96 5.07 15.31 -9.43
CA ARG A 96 5.90 15.24 -10.67
C ARG A 96 7.39 15.30 -10.28
N PRO A 97 8.06 14.19 -10.45
CA PRO A 97 9.50 14.09 -10.12
C PRO A 97 10.35 14.76 -11.19
N ARG A 98 10.14 14.43 -12.43
CA ARG A 98 10.93 15.05 -13.53
C ARG A 98 12.36 14.50 -13.50
N ASP A 1 1.05 2.63 -21.57
CA ASP A 1 2.12 2.54 -22.60
C ASP A 1 3.47 2.31 -21.92
N SER A 2 3.56 2.58 -20.65
CA SER A 2 4.85 2.37 -19.93
C SER A 2 4.58 2.23 -18.43
N LYS A 3 4.75 1.04 -17.90
CA LYS A 3 4.50 0.82 -16.44
C LYS A 3 4.96 2.04 -15.63
N PRO A 4 4.01 2.88 -15.31
CA PRO A 4 4.29 4.10 -14.53
C PRO A 4 4.39 3.75 -13.03
N PRO A 5 5.53 4.04 -12.45
CA PRO A 5 5.77 3.78 -11.02
C PRO A 5 5.05 4.82 -10.16
N TYR A 6 4.62 4.46 -8.99
CA TYR A 6 3.91 5.44 -8.13
C TYR A 6 4.74 5.67 -6.86
N SER A 7 4.32 6.56 -6.01
CA SER A 7 5.09 6.77 -4.77
C SER A 7 4.75 5.65 -3.80
N TYR A 8 5.64 5.29 -2.94
CA TYR A 8 5.34 4.18 -2.00
C TYR A 8 4.16 4.58 -1.09
N ALA A 9 3.79 5.84 -1.12
CA ALA A 9 2.64 6.28 -0.28
C ALA A 9 1.33 6.01 -1.02
N GLN A 10 1.29 6.27 -2.30
CA GLN A 10 0.03 6.02 -3.08
C GLN A 10 -0.15 4.52 -3.29
N LEU A 11 0.91 3.85 -3.68
CA LEU A 11 0.82 2.39 -3.93
C LEU A 11 0.07 1.67 -2.79
N ILE A 12 0.00 2.28 -1.64
CA ILE A 12 -0.72 1.64 -0.51
C ILE A 12 -2.17 2.12 -0.50
N VAL A 13 -2.38 3.39 -0.60
CA VAL A 13 -3.76 3.92 -0.59
C VAL A 13 -4.59 3.24 -1.68
N GLN A 14 -4.19 3.40 -2.91
CA GLN A 14 -4.94 2.77 -4.03
C GLN A 14 -5.36 1.35 -3.65
N ALA A 15 -4.65 0.69 -2.78
CA ALA A 15 -5.05 -0.70 -2.41
C ALA A 15 -6.14 -0.66 -1.34
N ILE A 16 -5.98 0.16 -0.33
CA ILE A 16 -7.01 0.25 0.75
C ILE A 16 -8.29 0.88 0.18
N THR A 17 -8.21 2.08 -0.32
CA THR A 17 -9.42 2.74 -0.89
C THR A 17 -10.04 1.83 -1.95
N MET A 18 -9.24 1.27 -2.80
CA MET A 18 -9.79 0.37 -3.86
C MET A 18 -10.42 -0.86 -3.21
N ALA A 19 -9.94 -1.25 -2.06
CA ALA A 19 -10.52 -2.45 -1.39
C ALA A 19 -11.94 -2.11 -0.92
N PRO A 20 -12.84 -3.04 -1.11
CA PRO A 20 -14.25 -2.85 -0.72
C PRO A 20 -14.44 -3.07 0.77
N ASP A 21 -13.45 -3.64 1.42
CA ASP A 21 -13.57 -3.88 2.89
C ASP A 21 -12.84 -2.78 3.65
N LYS A 22 -12.23 -1.85 2.95
CA LYS A 22 -11.50 -0.76 3.64
C LYS A 22 -10.28 -1.33 4.36
N GLN A 23 -9.88 -2.53 4.01
CA GLN A 23 -8.71 -3.15 4.67
C GLN A 23 -7.88 -3.86 3.61
N LEU A 24 -6.59 -3.86 3.75
CA LEU A 24 -5.74 -4.53 2.73
C LEU A 24 -4.55 -5.20 3.40
N THR A 25 -4.15 -6.34 2.90
CA THR A 25 -2.98 -7.02 3.48
C THR A 25 -1.72 -6.35 2.93
N LEU A 26 -0.59 -6.55 3.54
CA LEU A 26 0.63 -5.92 2.99
C LEU A 26 0.67 -6.25 1.49
N ASN A 27 0.30 -7.44 1.16
CA ASN A 27 0.28 -7.85 -0.27
C ASN A 27 -0.43 -6.77 -1.09
N GLY A 28 -1.58 -6.32 -0.64
CA GLY A 28 -2.36 -5.25 -1.37
C GLY A 28 -1.46 -4.50 -2.34
N ILE A 29 -0.60 -3.66 -1.85
CA ILE A 29 0.30 -2.91 -2.76
C ILE A 29 0.81 -3.84 -3.87
N TYR A 30 1.60 -4.83 -3.52
CA TYR A 30 2.15 -5.76 -4.56
C TYR A 30 1.02 -6.38 -5.40
N THR A 31 0.18 -7.18 -4.80
CA THR A 31 -0.91 -7.84 -5.57
C THR A 31 -1.86 -6.81 -6.20
N HIS A 32 -1.64 -5.53 -5.99
CA HIS A 32 -2.54 -4.53 -6.61
C HIS A 32 -1.87 -3.96 -7.85
N ILE A 33 -0.78 -3.29 -7.64
CA ILE A 33 -0.03 -2.69 -8.78
C ILE A 33 0.23 -3.76 -9.84
N THR A 34 0.58 -4.96 -9.44
CA THR A 34 0.85 -6.03 -10.44
C THR A 34 -0.41 -6.26 -11.30
N LYS A 35 -1.54 -6.45 -10.67
CA LYS A 35 -2.78 -6.68 -11.44
C LYS A 35 -3.15 -5.42 -12.20
N ASN A 36 -2.50 -4.31 -11.90
CA ASN A 36 -2.83 -3.04 -12.61
C ASN A 36 -1.79 -2.79 -13.72
N TYR A 37 -0.70 -2.15 -13.40
CA TYR A 37 0.34 -1.87 -14.42
C TYR A 37 0.70 -3.20 -15.12
N PRO A 38 1.40 -3.13 -16.25
CA PRO A 38 1.79 -4.33 -16.99
C PRO A 38 2.90 -5.11 -16.27
N TYR A 39 4.05 -4.52 -16.11
CA TYR A 39 5.15 -5.27 -15.43
C TYR A 39 5.57 -4.54 -14.13
N TYR A 40 6.38 -5.20 -13.33
CA TYR A 40 6.83 -4.59 -12.05
C TYR A 40 7.52 -5.68 -11.22
N ARG A 41 7.10 -6.90 -11.38
CA ARG A 41 7.71 -8.02 -10.62
C ARG A 41 8.86 -8.62 -11.44
N THR A 42 9.01 -8.21 -12.67
CA THR A 42 10.12 -8.75 -13.50
C THR A 42 11.46 -8.31 -12.89
N ALA A 43 12.15 -7.39 -13.52
CA ALA A 43 13.45 -6.93 -12.92
C ALA A 43 13.18 -6.50 -11.48
N ASP A 44 11.95 -6.19 -11.18
CA ASP A 44 11.56 -5.77 -9.81
C ASP A 44 12.58 -4.83 -9.20
N LYS A 45 12.52 -3.57 -9.54
CA LYS A 45 13.47 -2.60 -8.93
C LYS A 45 13.00 -2.38 -7.50
N GLY A 46 13.75 -2.87 -6.53
CA GLY A 46 13.38 -2.76 -5.07
C GLY A 46 12.29 -1.71 -4.81
N TRP A 47 11.08 -1.97 -5.23
CA TRP A 47 9.98 -1.00 -4.98
C TRP A 47 9.07 -1.53 -3.86
N GLN A 48 9.24 -2.77 -3.51
CA GLN A 48 8.39 -3.35 -2.43
C GLN A 48 8.94 -2.96 -1.06
N ASN A 49 10.20 -3.18 -0.84
CA ASN A 49 10.81 -2.82 0.47
C ASN A 49 10.37 -1.41 0.86
N SER A 50 10.28 -0.52 -0.10
CA SER A 50 9.87 0.87 0.20
C SER A 50 8.39 0.89 0.63
N ILE A 51 7.57 0.11 -0.02
CA ILE A 51 6.12 0.09 0.33
C ILE A 51 5.97 -0.17 1.83
N ARG A 52 6.19 -1.38 2.27
CA ARG A 52 6.07 -1.68 3.73
C ARG A 52 6.61 -0.51 4.57
N HIS A 53 7.54 0.23 4.02
CA HIS A 53 8.11 1.39 4.77
C HIS A 53 7.02 2.41 5.11
N ASN A 54 6.27 2.86 4.13
CA ASN A 54 5.20 3.86 4.42
C ASN A 54 4.09 3.19 5.22
N LEU A 55 3.97 1.89 5.13
CA LEU A 55 2.90 1.19 5.90
C LEU A 55 3.08 1.53 7.38
N SER A 56 4.29 1.82 7.78
CA SER A 56 4.55 2.20 9.19
C SER A 56 4.66 3.72 9.28
N LEU A 57 5.57 4.30 8.53
CA LEU A 57 5.70 5.78 8.56
C LEU A 57 4.30 6.39 8.48
N ASN A 58 3.63 6.20 7.38
CA ASN A 58 2.24 6.73 7.26
C ASN A 58 1.32 5.80 8.05
N ARG A 59 0.95 6.19 9.23
CA ARG A 59 0.09 5.31 10.07
C ARG A 59 -1.34 5.25 9.54
N TYR A 60 -1.62 5.86 8.42
CA TYR A 60 -3.00 5.78 7.87
C TYR A 60 -3.44 4.31 7.90
N PHE A 61 -2.48 3.43 7.86
CA PHE A 61 -2.79 1.97 7.85
C PHE A 61 -2.46 1.37 9.20
N ILE A 62 -3.44 1.30 10.06
CA ILE A 62 -3.21 0.73 11.41
C ILE A 62 -3.15 -0.79 11.31
N LYS A 63 -2.00 -1.32 11.06
CA LYS A 63 -1.87 -2.80 10.96
C LYS A 63 -1.74 -3.40 12.36
N VAL A 64 -2.03 -4.67 12.49
CA VAL A 64 -1.94 -5.33 13.83
C VAL A 64 -0.91 -6.46 13.78
N PRO A 65 -0.40 -6.82 14.94
CA PRO A 65 0.60 -7.90 15.07
C PRO A 65 -0.07 -9.27 15.00
N ARG A 66 -0.93 -9.58 15.92
CA ARG A 66 -1.60 -10.92 15.90
C ARG A 66 -3.09 -10.76 16.22
N SER A 67 -3.80 -11.85 16.30
CA SER A 67 -5.25 -11.79 16.60
C SER A 67 -5.83 -13.20 16.65
N GLN A 68 -6.06 -13.78 15.50
CA GLN A 68 -6.62 -15.17 15.47
C GLN A 68 -5.63 -16.09 14.76
N GLU A 69 -4.36 -15.93 15.03
CA GLU A 69 -3.34 -16.79 14.38
C GLU A 69 -2.20 -17.05 15.37
N GLU A 70 -2.35 -18.02 16.23
CA GLU A 70 -1.27 -18.31 17.21
C GLU A 70 -0.01 -18.79 16.49
N PRO A 71 -0.18 -19.75 15.62
CA PRO A 71 0.94 -20.32 14.85
C PRO A 71 1.32 -19.40 13.68
N GLY A 72 2.53 -18.91 13.66
CA GLY A 72 2.96 -18.02 12.56
C GLY A 72 3.04 -16.57 13.08
N LYS A 73 2.17 -15.72 12.63
CA LYS A 73 2.20 -14.31 13.09
C LYS A 73 1.06 -13.53 12.43
N GLY A 74 1.04 -13.49 11.13
CA GLY A 74 -0.06 -12.76 10.41
C GLY A 74 0.26 -11.27 10.38
N SER A 75 -0.22 -10.57 9.38
CA SER A 75 0.05 -9.11 9.29
C SER A 75 -0.95 -8.47 8.32
N PHE A 76 -1.60 -7.41 8.74
CA PHE A 76 -2.58 -6.74 7.85
C PHE A 76 -2.57 -5.23 8.10
N TRP A 77 -2.55 -4.45 7.06
CA TRP A 77 -2.56 -2.97 7.25
C TRP A 77 -3.97 -2.47 6.99
N ARG A 78 -4.71 -2.15 8.02
CA ARG A 78 -6.10 -1.68 7.79
C ARG A 78 -6.18 -0.17 7.86
N ILE A 79 -7.04 0.42 7.09
CA ILE A 79 -7.17 1.90 7.11
C ILE A 79 -8.19 2.29 8.19
N ASP A 80 -7.81 3.15 9.09
CA ASP A 80 -8.74 3.58 10.16
C ASP A 80 -9.75 4.58 9.57
N PRO A 81 -10.71 4.96 10.37
CA PRO A 81 -11.75 5.91 9.95
C PRO A 81 -11.18 7.32 9.89
N ALA A 82 -9.95 7.47 10.30
CA ALA A 82 -9.31 8.81 10.25
C ALA A 82 -8.00 8.70 9.46
N SER A 83 -7.90 7.70 8.64
CA SER A 83 -6.67 7.52 7.83
C SER A 83 -7.00 7.73 6.36
N GLU A 84 -7.67 6.78 5.76
CA GLU A 84 -8.04 6.87 4.31
C GLU A 84 -8.18 8.33 3.88
N SER A 85 -8.95 9.09 4.60
CA SER A 85 -9.16 10.53 4.24
C SER A 85 -7.85 11.22 3.80
N LYS A 86 -6.79 11.06 4.54
CA LYS A 86 -5.52 11.74 4.17
C LYS A 86 -4.80 11.00 3.02
N LEU A 87 -4.15 9.90 3.31
CA LEU A 87 -3.41 9.14 2.24
C LEU A 87 -4.18 9.14 0.92
N ILE A 88 -5.48 9.02 0.96
CA ILE A 88 -6.25 8.99 -0.32
C ILE A 88 -5.76 10.13 -1.20
N GLU A 89 -5.75 11.31 -0.67
CA GLU A 89 -5.30 12.46 -1.47
C GLU A 89 -3.82 12.27 -1.84
N GLN A 90 -3.06 11.63 -0.99
CA GLN A 90 -1.63 11.42 -1.31
C GLN A 90 -1.49 10.44 -2.48
N ALA A 91 -2.49 9.62 -2.70
CA ALA A 91 -2.42 8.64 -3.82
C ALA A 91 -3.17 9.18 -5.03
N PHE A 92 -4.03 10.14 -4.84
CA PHE A 92 -4.80 10.70 -5.99
C PHE A 92 -4.08 11.96 -6.50
N ARG A 93 -2.80 12.03 -6.31
CA ARG A 93 -2.04 13.23 -6.79
C ARG A 93 -0.77 12.78 -7.49
N LYS A 94 -0.90 12.12 -8.62
CA LYS A 94 0.31 11.64 -9.35
C LYS A 94 1.19 12.84 -9.72
N ARG A 95 2.42 12.60 -10.08
CA ARG A 95 3.32 13.71 -10.46
C ARG A 95 3.61 13.64 -11.97
N ARG A 96 3.14 14.61 -12.71
CA ARG A 96 3.39 14.59 -14.18
C ARG A 96 3.71 16.02 -14.66
N PRO A 97 4.96 16.39 -14.56
CA PRO A 97 5.43 17.72 -14.97
C PRO A 97 5.58 17.79 -16.50
N ARG A 98 6.61 17.17 -17.02
CA ARG A 98 6.81 17.21 -18.50
C ARG A 98 5.76 16.32 -19.18
N ASP A 1 6.66 2.34 -24.26
CA ASP A 1 5.49 2.58 -23.38
C ASP A 1 5.57 1.67 -22.16
N SER A 2 6.57 1.84 -21.33
CA SER A 2 6.70 0.97 -20.13
C SER A 2 6.00 1.64 -18.95
N LYS A 3 5.75 0.90 -17.89
CA LYS A 3 5.08 1.49 -16.71
C LYS A 3 6.13 1.82 -15.63
N PRO A 4 6.38 3.09 -15.44
CA PRO A 4 7.37 3.56 -14.45
C PRO A 4 6.78 3.47 -13.02
N PRO A 5 7.65 3.59 -12.06
CA PRO A 5 7.26 3.53 -10.63
C PRO A 5 6.65 4.86 -10.18
N TYR A 6 6.02 4.87 -9.05
CA TYR A 6 5.40 6.13 -8.54
C TYR A 6 5.89 6.36 -7.12
N SER A 7 5.18 7.11 -6.35
CA SER A 7 5.61 7.34 -4.95
C SER A 7 5.25 6.10 -4.15
N TYR A 8 6.03 5.78 -3.16
CA TYR A 8 5.75 4.56 -2.37
C TYR A 8 4.64 4.84 -1.35
N ALA A 9 4.12 6.04 -1.33
CA ALA A 9 3.03 6.37 -0.38
C ALA A 9 1.69 6.31 -1.13
N GLN A 10 1.74 6.20 -2.44
CA GLN A 10 0.47 6.14 -3.23
C GLN A 10 0.16 4.70 -3.61
N LEU A 11 1.16 3.89 -3.79
CA LEU A 11 0.92 2.47 -4.18
C LEU A 11 0.31 1.68 -3.02
N ILE A 12 0.19 2.28 -1.88
CA ILE A 12 -0.44 1.57 -0.73
C ILE A 12 -1.86 2.11 -0.62
N VAL A 13 -1.94 3.39 -0.50
CA VAL A 13 -3.26 4.07 -0.39
C VAL A 13 -4.19 3.57 -1.49
N GLN A 14 -3.95 3.97 -2.70
CA GLN A 14 -4.80 3.56 -3.85
C GLN A 14 -5.24 2.09 -3.70
N ALA A 15 -4.49 1.28 -2.99
CA ALA A 15 -4.89 -0.15 -2.82
C ALA A 15 -5.94 -0.30 -1.72
N ILE A 16 -5.69 0.24 -0.55
CA ILE A 16 -6.68 0.11 0.56
C ILE A 16 -7.97 0.86 0.22
N THR A 17 -7.86 2.04 -0.34
CA THR A 17 -9.07 2.82 -0.69
C THR A 17 -9.74 2.18 -1.89
N MET A 18 -9.03 1.35 -2.61
CA MET A 18 -9.61 0.69 -3.81
C MET A 18 -10.25 -0.64 -3.39
N ALA A 19 -9.81 -1.19 -2.28
CA ALA A 19 -10.41 -2.48 -1.82
C ALA A 19 -11.78 -2.20 -1.20
N PRO A 20 -12.71 -3.08 -1.45
CA PRO A 20 -14.09 -2.95 -0.94
C PRO A 20 -14.16 -3.37 0.53
N ASP A 21 -13.75 -2.51 1.43
CA ASP A 21 -13.78 -2.85 2.88
C ASP A 21 -12.87 -1.90 3.65
N LYS A 22 -11.94 -1.27 2.99
CA LYS A 22 -11.02 -0.33 3.69
C LYS A 22 -10.01 -1.14 4.51
N GLN A 23 -9.73 -2.35 4.08
CA GLN A 23 -8.77 -3.21 4.81
C GLN A 23 -7.94 -3.99 3.79
N LEU A 24 -6.65 -4.01 3.94
CA LEU A 24 -5.82 -4.74 2.95
C LEU A 24 -4.54 -5.27 3.62
N THR A 25 -4.07 -6.40 3.17
CA THR A 25 -2.83 -6.96 3.75
C THR A 25 -1.63 -6.24 3.13
N LEU A 26 -0.45 -6.44 3.66
CA LEU A 26 0.73 -5.76 3.06
C LEU A 26 0.84 -6.20 1.61
N ASN A 27 0.69 -7.47 1.36
CA ASN A 27 0.77 -7.96 -0.04
C ASN A 27 -0.19 -7.15 -0.91
N GLY A 28 -1.26 -6.65 -0.34
CA GLY A 28 -2.23 -5.85 -1.14
C GLY A 28 -1.49 -4.94 -2.11
N ILE A 29 -0.61 -4.10 -1.64
CA ILE A 29 0.12 -3.20 -2.58
C ILE A 29 0.83 -4.04 -3.64
N TYR A 30 1.44 -5.14 -3.26
CA TYR A 30 2.15 -5.98 -4.26
C TYR A 30 1.18 -6.49 -5.33
N THR A 31 0.24 -7.30 -4.93
CA THR A 31 -0.75 -7.88 -5.90
C THR A 31 -1.67 -6.80 -6.46
N HIS A 32 -1.49 -5.56 -6.10
CA HIS A 32 -2.39 -4.51 -6.66
C HIS A 32 -1.66 -3.79 -7.79
N ILE A 33 -0.49 -3.28 -7.51
CA ILE A 33 0.27 -2.58 -8.57
C ILE A 33 0.38 -3.50 -9.80
N THR A 34 0.49 -4.77 -9.59
CA THR A 34 0.60 -5.72 -10.73
C THR A 34 -0.75 -5.81 -11.45
N LYS A 35 -1.82 -5.70 -10.72
CA LYS A 35 -3.17 -5.80 -11.36
C LYS A 35 -3.36 -4.63 -12.33
N ASN A 36 -2.76 -3.51 -12.06
CA ASN A 36 -2.92 -2.34 -12.96
C ASN A 36 -1.79 -2.33 -14.01
N TYR A 37 -0.57 -2.14 -13.58
CA TYR A 37 0.56 -2.12 -14.55
C TYR A 37 0.72 -3.52 -15.18
N PRO A 38 1.46 -3.62 -16.26
CA PRO A 38 1.68 -4.91 -16.93
C PRO A 38 2.63 -5.80 -16.12
N TYR A 39 3.86 -5.40 -15.98
CA TYR A 39 4.82 -6.23 -15.19
C TYR A 39 5.39 -5.42 -14.02
N TYR A 40 6.00 -6.08 -13.08
CA TYR A 40 6.58 -5.36 -11.91
C TYR A 40 7.12 -6.39 -10.92
N ARG A 41 6.31 -7.35 -10.56
CA ARG A 41 6.75 -8.40 -9.60
C ARG A 41 7.43 -9.53 -10.38
N THR A 42 8.31 -9.20 -11.28
CA THR A 42 9.02 -10.26 -12.07
C THR A 42 10.53 -10.11 -11.90
N ALA A 43 11.04 -8.93 -12.15
CA ALA A 43 12.51 -8.72 -12.01
C ALA A 43 12.80 -7.21 -12.01
N ASP A 44 12.01 -6.45 -11.30
CA ASP A 44 12.25 -4.98 -11.25
C ASP A 44 12.92 -4.62 -9.93
N LYS A 45 13.49 -3.43 -9.85
CA LYS A 45 14.16 -3.02 -8.60
C LYS A 45 13.31 -3.44 -7.39
N GLY A 46 13.93 -3.99 -6.39
CA GLY A 46 13.16 -4.43 -5.19
C GLY A 46 12.16 -3.35 -4.78
N TRP A 47 10.96 -3.41 -5.28
CA TRP A 47 9.94 -2.39 -4.92
C TRP A 47 9.01 -2.96 -3.85
N GLN A 48 9.43 -4.01 -3.20
CA GLN A 48 8.57 -4.62 -2.14
C GLN A 48 8.84 -3.94 -0.79
N ASN A 49 10.07 -3.95 -0.36
CA ASN A 49 10.41 -3.30 0.94
C ASN A 49 10.06 -1.82 0.87
N SER A 50 10.01 -1.28 -0.31
CA SER A 50 9.68 0.17 -0.45
C SER A 50 8.24 0.41 0.02
N ILE A 51 7.34 -0.48 -0.30
CA ILE A 51 5.93 -0.29 0.14
C ILE A 51 5.82 -0.50 1.64
N ARG A 52 6.28 -1.61 2.15
CA ARG A 52 6.20 -1.86 3.63
C ARG A 52 6.84 -0.69 4.37
N HIS A 53 7.79 -0.02 3.77
CA HIS A 53 8.46 1.12 4.44
C HIS A 53 7.48 2.30 4.57
N ASN A 54 6.63 2.48 3.60
CA ASN A 54 5.66 3.61 3.68
C ASN A 54 4.38 3.14 4.37
N LEU A 55 4.43 2.03 5.05
CA LEU A 55 3.21 1.53 5.75
C LEU A 55 3.30 1.91 7.22
N SER A 56 4.47 2.33 7.67
CA SER A 56 4.63 2.75 9.08
C SER A 56 4.60 4.28 9.13
N LEU A 57 5.31 4.93 8.24
CA LEU A 57 5.30 6.41 8.21
C LEU A 57 3.85 6.87 8.06
N ASN A 58 3.27 6.68 6.90
CA ASN A 58 1.85 7.07 6.72
C ASN A 58 1.04 6.20 7.68
N ARG A 59 0.82 6.68 8.86
CA ARG A 59 0.08 5.86 9.87
C ARG A 59 -1.38 5.64 9.48
N TYR A 60 -1.83 6.10 8.34
CA TYR A 60 -3.23 5.83 7.98
C TYR A 60 -3.47 4.33 8.13
N PHE A 61 -2.51 3.56 7.70
CA PHE A 61 -2.62 2.07 7.77
C PHE A 61 -2.34 1.58 9.17
N ILE A 62 -3.34 1.56 10.00
CA ILE A 62 -3.12 1.06 11.37
C ILE A 62 -3.08 -0.47 11.31
N LYS A 63 -1.93 -1.03 11.08
CA LYS A 63 -1.84 -2.51 11.01
C LYS A 63 -1.81 -3.08 12.43
N VAL A 64 -2.25 -4.30 12.59
CA VAL A 64 -2.25 -4.91 13.94
C VAL A 64 -1.05 -5.87 14.06
N PRO A 65 -0.28 -5.70 15.11
CA PRO A 65 0.91 -6.54 15.35
C PRO A 65 0.49 -7.90 15.93
N ARG A 66 -0.63 -7.94 16.61
CA ARG A 66 -1.09 -9.24 17.19
C ARG A 66 -2.01 -9.93 16.19
N SER A 67 -1.88 -11.22 16.04
CA SER A 67 -2.74 -11.96 15.09
C SER A 67 -2.22 -13.38 14.91
N GLN A 68 -1.15 -13.54 14.17
CA GLN A 68 -0.58 -14.90 13.97
C GLN A 68 0.61 -15.10 14.91
N GLU A 69 0.44 -14.82 16.17
CA GLU A 69 1.56 -14.98 17.13
C GLU A 69 2.86 -14.48 16.51
N GLU A 70 2.92 -13.23 16.15
CA GLU A 70 4.16 -12.69 15.52
C GLU A 70 4.36 -11.24 15.97
N PRO A 71 5.61 -10.84 16.05
CA PRO A 71 5.99 -9.47 16.46
C PRO A 71 5.79 -8.49 15.31
N GLY A 72 6.46 -8.70 14.21
CA GLY A 72 6.30 -7.78 13.06
C GLY A 72 6.31 -8.58 11.76
N LYS A 73 5.28 -9.36 11.53
CA LYS A 73 5.24 -10.17 10.27
C LYS A 73 3.83 -10.74 10.09
N GLY A 74 3.41 -10.90 8.87
CA GLY A 74 2.05 -11.46 8.61
C GLY A 74 1.01 -10.55 9.27
N SER A 75 1.22 -9.26 9.22
CA SER A 75 0.24 -8.32 9.83
C SER A 75 -0.73 -7.81 8.77
N PHE A 76 -1.79 -7.18 9.18
CA PHE A 76 -2.77 -6.63 8.20
C PHE A 76 -2.75 -5.11 8.27
N TRP A 77 -2.60 -4.44 7.16
CA TRP A 77 -2.58 -2.95 7.19
C TRP A 77 -3.98 -2.41 6.89
N ARG A 78 -4.70 -1.99 7.89
CA ARG A 78 -6.06 -1.46 7.63
C ARG A 78 -6.10 0.01 8.01
N ILE A 79 -6.89 0.81 7.36
CA ILE A 79 -6.91 2.24 7.73
C ILE A 79 -7.91 2.49 8.86
N ASP A 80 -7.70 3.54 9.59
CA ASP A 80 -8.62 3.87 10.72
C ASP A 80 -9.87 4.55 10.14
N PRO A 81 -10.79 4.89 11.00
CA PRO A 81 -12.04 5.56 10.60
C PRO A 81 -11.78 7.02 10.28
N ALA A 82 -10.58 7.48 10.52
CA ALA A 82 -10.24 8.89 10.22
C ALA A 82 -8.89 8.93 9.51
N SER A 83 -8.71 8.06 8.55
CA SER A 83 -7.41 8.01 7.82
C SER A 83 -7.65 7.46 6.41
N GLU A 84 -8.45 6.44 6.30
CA GLU A 84 -8.73 5.85 4.96
C GLU A 84 -9.05 6.97 3.97
N SER A 85 -9.53 8.07 4.46
CA SER A 85 -9.86 9.22 3.58
C SER A 85 -8.63 10.11 3.42
N LYS A 86 -7.80 10.19 4.41
CA LYS A 86 -6.59 11.06 4.34
C LYS A 86 -5.53 10.46 3.38
N LEU A 87 -5.25 9.19 3.48
CA LEU A 87 -4.21 8.59 2.58
C LEU A 87 -4.65 8.73 1.11
N ILE A 88 -5.91 8.57 0.82
CA ILE A 88 -6.34 8.72 -0.62
C ILE A 88 -5.75 10.02 -1.18
N GLU A 89 -5.46 10.95 -0.31
CA GLU A 89 -4.88 12.24 -0.78
C GLU A 89 -3.42 12.03 -1.17
N GLN A 90 -2.68 11.31 -0.36
CA GLN A 90 -1.24 11.07 -0.69
C GLN A 90 -1.14 10.25 -1.97
N ALA A 91 -2.17 9.52 -2.32
CA ALA A 91 -2.11 8.70 -3.55
C ALA A 91 -2.86 9.40 -4.68
N PHE A 92 -3.66 10.39 -4.35
CA PHE A 92 -4.40 11.10 -5.42
C PHE A 92 -3.51 12.23 -5.96
N ARG A 93 -2.23 12.03 -5.95
CA ARG A 93 -1.29 13.06 -6.44
C ARG A 93 -0.09 12.36 -7.08
N LYS A 94 1.07 12.92 -6.92
CA LYS A 94 2.29 12.31 -7.53
C LYS A 94 3.50 12.62 -6.65
N ARG A 95 4.68 12.48 -7.19
CA ARG A 95 5.90 12.77 -6.39
C ARG A 95 6.16 14.28 -6.39
N ARG A 96 6.97 14.76 -5.48
CA ARG A 96 7.26 16.22 -5.44
C ARG A 96 8.78 16.44 -5.43
N PRO A 97 9.35 16.56 -6.59
CA PRO A 97 10.79 16.79 -6.75
C PRO A 97 11.15 18.25 -6.48
N ARG A 98 12.12 18.49 -5.64
CA ARG A 98 12.51 19.90 -5.33
C ARG A 98 12.99 20.59 -6.61
N ASP A 1 0.66 1.93 -18.94
CA ASP A 1 1.33 1.26 -20.08
C ASP A 1 2.75 0.85 -19.66
N SER A 2 3.56 1.79 -19.28
CA SER A 2 4.95 1.46 -18.86
C SER A 2 5.08 1.66 -17.35
N LYS A 3 5.13 0.58 -16.61
CA LYS A 3 5.26 0.64 -15.11
C LYS A 3 5.91 1.96 -14.66
N PRO A 4 5.08 2.96 -14.49
CA PRO A 4 5.53 4.29 -14.05
C PRO A 4 5.66 4.30 -12.52
N PRO A 5 6.67 4.96 -12.04
CA PRO A 5 6.93 5.06 -10.59
C PRO A 5 5.98 6.05 -9.93
N TYR A 6 5.40 5.69 -8.83
CA TYR A 6 4.47 6.63 -8.14
C TYR A 6 5.07 6.99 -6.78
N SER A 7 4.32 7.63 -5.93
CA SER A 7 4.88 7.96 -4.59
C SER A 7 4.79 6.70 -3.73
N TYR A 8 5.72 6.52 -2.84
CA TYR A 8 5.69 5.30 -2.00
C TYR A 8 4.51 5.40 -1.03
N ALA A 9 4.09 6.58 -0.71
CA ALA A 9 2.93 6.73 0.22
C ALA A 9 1.63 6.72 -0.59
N GLN A 10 1.73 6.66 -1.89
CA GLN A 10 0.51 6.67 -2.75
C GLN A 10 0.19 5.23 -3.21
N LEU A 11 1.19 4.44 -3.46
CA LEU A 11 0.95 3.06 -3.96
C LEU A 11 0.25 2.21 -2.88
N ILE A 12 0.07 2.73 -1.70
CA ILE A 12 -0.62 1.92 -0.65
C ILE A 12 -2.06 2.40 -0.56
N VAL A 13 -2.23 3.69 -0.45
CA VAL A 13 -3.60 4.24 -0.38
C VAL A 13 -4.48 3.54 -1.42
N GLN A 14 -4.22 3.80 -2.66
CA GLN A 14 -5.02 3.17 -3.76
C GLN A 14 -5.40 1.73 -3.38
N ALA A 15 -4.53 0.98 -2.77
CA ALA A 15 -4.89 -0.42 -2.40
C ALA A 15 -5.97 -0.41 -1.33
N ILE A 16 -5.75 0.28 -0.24
CA ILE A 16 -6.78 0.33 0.84
C ILE A 16 -8.13 0.73 0.22
N THR A 17 -8.17 1.81 -0.50
CA THR A 17 -9.45 2.25 -1.12
C THR A 17 -9.88 1.24 -2.19
N MET A 18 -8.96 0.49 -2.71
CA MET A 18 -9.33 -0.51 -3.77
C MET A 18 -9.84 -1.78 -3.10
N ALA A 19 -9.58 -1.95 -1.84
CA ALA A 19 -10.06 -3.17 -1.13
C ALA A 19 -11.57 -3.02 -0.84
N PRO A 20 -12.30 -4.10 -0.98
CA PRO A 20 -13.75 -4.10 -0.77
C PRO A 20 -14.09 -4.11 0.72
N ASP A 21 -13.12 -3.96 1.57
CA ASP A 21 -13.40 -3.98 3.03
C ASP A 21 -12.73 -2.76 3.69
N LYS A 22 -12.09 -1.93 2.92
CA LYS A 22 -11.41 -0.74 3.50
C LYS A 22 -10.10 -1.16 4.15
N GLN A 23 -9.84 -2.44 4.24
CA GLN A 23 -8.59 -2.92 4.85
C GLN A 23 -7.98 -3.97 3.93
N LEU A 24 -6.69 -4.16 3.99
CA LEU A 24 -6.06 -5.17 3.10
C LEU A 24 -4.71 -5.60 3.66
N THR A 25 -4.19 -6.70 3.17
CA THR A 25 -2.89 -7.19 3.68
C THR A 25 -1.75 -6.39 3.04
N LEU A 26 -0.59 -6.45 3.60
CA LEU A 26 0.54 -5.70 2.99
C LEU A 26 0.60 -6.09 1.51
N ASN A 27 0.36 -7.33 1.23
CA ASN A 27 0.38 -7.80 -0.19
C ASN A 27 -0.44 -6.84 -1.06
N GLY A 28 -1.58 -6.39 -0.58
CA GLY A 28 -2.44 -5.46 -1.37
C GLY A 28 -1.59 -4.61 -2.31
N ILE A 29 -0.78 -3.72 -1.79
CA ILE A 29 0.03 -2.89 -2.70
C ILE A 29 0.74 -3.79 -3.72
N TYR A 30 1.38 -4.83 -3.27
CA TYR A 30 2.10 -5.76 -4.19
C TYR A 30 1.15 -6.24 -5.30
N THR A 31 0.21 -7.09 -4.96
CA THR A 31 -0.74 -7.62 -5.97
C THR A 31 -1.56 -6.48 -6.59
N HIS A 32 -1.44 -5.29 -6.07
CA HIS A 32 -2.22 -4.15 -6.63
C HIS A 32 -1.68 -3.77 -8.01
N ILE A 33 -0.39 -3.80 -8.20
CA ILE A 33 0.17 -3.42 -9.52
C ILE A 33 0.18 -4.63 -10.46
N THR A 34 0.87 -5.67 -10.09
CA THR A 34 0.94 -6.87 -10.95
C THR A 34 -0.45 -7.17 -11.54
N LYS A 35 -1.48 -6.77 -10.86
CA LYS A 35 -2.86 -7.04 -11.37
C LYS A 35 -3.34 -5.85 -12.20
N ASN A 36 -3.01 -4.65 -11.80
CA ASN A 36 -3.47 -3.45 -12.58
C ASN A 36 -2.36 -2.99 -13.52
N TYR A 37 -1.43 -2.21 -13.04
CA TYR A 37 -0.32 -1.72 -13.91
C TYR A 37 0.25 -2.92 -14.68
N PRO A 38 1.16 -2.66 -15.60
CA PRO A 38 1.78 -3.73 -16.41
C PRO A 38 2.65 -4.64 -15.54
N TYR A 39 3.27 -4.11 -14.52
CA TYR A 39 4.11 -4.99 -13.65
C TYR A 39 4.95 -4.13 -12.68
N TYR A 40 5.27 -4.67 -11.52
CA TYR A 40 6.10 -3.91 -10.54
C TYR A 40 7.10 -4.88 -9.92
N ARG A 41 6.67 -6.08 -9.62
CA ARG A 41 7.60 -7.09 -9.02
C ARG A 41 8.66 -7.47 -10.05
N THR A 42 8.30 -7.52 -11.31
CA THR A 42 9.28 -7.89 -12.36
C THR A 42 10.35 -6.80 -12.46
N ALA A 43 9.98 -5.62 -12.90
CA ALA A 43 10.97 -4.52 -13.02
C ALA A 43 11.01 -3.74 -11.71
N ASP A 44 12.06 -2.98 -11.50
CA ASP A 44 12.16 -2.19 -10.24
C ASP A 44 12.07 -3.14 -9.05
N LYS A 45 13.17 -3.36 -8.37
CA LYS A 45 13.15 -4.27 -7.20
C LYS A 45 13.11 -3.46 -5.90
N GLY A 46 12.95 -2.17 -6.00
CA GLY A 46 12.90 -1.33 -4.77
C GLY A 46 11.46 -1.24 -4.26
N TRP A 47 10.53 -0.92 -5.12
CA TRP A 47 9.11 -0.81 -4.68
C TRP A 47 8.75 -1.98 -3.75
N GLN A 48 9.30 -3.14 -3.99
CA GLN A 48 8.98 -4.32 -3.14
C GLN A 48 8.90 -3.91 -1.65
N ASN A 49 9.98 -4.02 -0.93
CA ASN A 49 9.94 -3.65 0.51
C ASN A 49 9.75 -2.14 0.66
N SER A 50 9.75 -1.41 -0.43
CA SER A 50 9.57 0.07 -0.33
C SER A 50 8.15 0.37 0.17
N ILE A 51 7.17 -0.32 -0.32
CA ILE A 51 5.77 -0.07 0.13
C ILE A 51 5.69 -0.28 1.64
N ARG A 52 6.15 -1.39 2.13
CA ARG A 52 6.11 -1.62 3.60
C ARG A 52 6.83 -0.46 4.29
N HIS A 53 7.78 0.14 3.61
CA HIS A 53 8.52 1.28 4.21
C HIS A 53 7.56 2.45 4.39
N ASN A 54 6.66 2.64 3.47
CA ASN A 54 5.68 3.76 3.59
C ASN A 54 4.47 3.25 4.37
N LEU A 55 4.57 2.09 4.95
CA LEU A 55 3.43 1.53 5.74
C LEU A 55 3.70 1.80 7.22
N SER A 56 4.91 2.19 7.54
CA SER A 56 5.26 2.50 8.96
C SER A 56 5.23 4.02 9.12
N LEU A 57 5.83 4.73 8.22
CA LEU A 57 5.82 6.22 8.30
C LEU A 57 4.36 6.67 8.28
N ASN A 58 3.59 6.14 7.37
CA ASN A 58 2.15 6.51 7.30
C ASN A 58 1.40 5.60 8.28
N ARG A 59 1.03 6.11 9.41
CA ARG A 59 0.35 5.26 10.42
C ARG A 59 -1.16 5.19 10.16
N TYR A 60 -1.68 5.92 9.20
CA TYR A 60 -3.15 5.81 8.96
C TYR A 60 -3.49 4.33 8.85
N PHE A 61 -2.58 3.56 8.32
CA PHE A 61 -2.81 2.11 8.16
C PHE A 61 -2.59 1.44 9.50
N ILE A 62 -3.65 1.28 10.25
CA ILE A 62 -3.52 0.65 11.59
C ILE A 62 -3.39 -0.86 11.43
N LYS A 63 -2.21 -1.32 11.15
CA LYS A 63 -2.01 -2.79 10.99
C LYS A 63 -1.91 -3.44 12.37
N VAL A 64 -2.48 -4.61 12.52
CA VAL A 64 -2.43 -5.31 13.83
C VAL A 64 -1.66 -6.63 13.68
N PRO A 65 -0.72 -6.86 14.57
CA PRO A 65 0.10 -8.09 14.55
C PRO A 65 -0.69 -9.25 15.16
N ARG A 66 -0.97 -10.27 14.39
CA ARG A 66 -1.73 -11.42 14.95
C ARG A 66 -0.87 -12.14 15.99
N SER A 67 -1.23 -13.34 16.36
CA SER A 67 -0.44 -14.08 17.36
C SER A 67 -0.20 -15.51 16.86
N GLN A 68 0.26 -15.65 15.65
CA GLN A 68 0.52 -17.02 15.10
C GLN A 68 -0.74 -17.87 15.24
N GLU A 69 -1.84 -17.41 14.71
CA GLU A 69 -3.10 -18.20 14.81
C GLU A 69 -3.35 -18.94 13.49
N GLU A 70 -3.98 -18.30 12.55
CA GLU A 70 -4.26 -18.97 11.25
C GLU A 70 -3.02 -18.92 10.35
N PRO A 71 -2.49 -17.75 10.16
CA PRO A 71 -1.31 -17.53 9.31
C PRO A 71 -0.03 -17.93 10.04
N GLY A 72 0.28 -17.30 11.13
CA GLY A 72 1.51 -17.65 11.87
C GLY A 72 2.27 -16.37 12.23
N LYS A 73 2.40 -15.46 11.30
CA LYS A 73 3.12 -14.20 11.58
C LYS A 73 2.97 -13.25 10.39
N GLY A 74 2.19 -12.21 10.54
CA GLY A 74 2.00 -11.25 9.42
C GLY A 74 1.57 -9.89 9.98
N SER A 75 0.87 -9.11 9.20
CA SER A 75 0.42 -7.78 9.69
C SER A 75 -0.57 -7.18 8.69
N PHE A 76 -1.85 -7.36 8.93
CA PHE A 76 -2.86 -6.80 7.99
C PHE A 76 -2.90 -5.28 8.12
N TRP A 77 -2.87 -4.55 7.03
CA TRP A 77 -2.90 -3.06 7.16
C TRP A 77 -4.34 -2.58 7.02
N ARG A 78 -4.97 -2.20 8.11
CA ARG A 78 -6.37 -1.75 8.04
C ARG A 78 -6.44 -0.22 8.05
N ILE A 79 -7.11 0.37 7.11
CA ILE A 79 -7.19 1.85 7.09
C ILE A 79 -8.30 2.30 8.05
N ASP A 80 -8.00 3.23 8.91
CA ASP A 80 -9.02 3.72 9.87
C ASP A 80 -9.99 4.67 9.14
N PRO A 81 -10.98 5.15 9.86
CA PRO A 81 -11.99 6.06 9.29
C PRO A 81 -11.42 7.45 9.08
N ALA A 82 -10.69 7.95 10.03
CA ALA A 82 -10.08 9.30 9.88
C ALA A 82 -8.66 9.12 9.35
N SER A 83 -8.46 8.11 8.53
CA SER A 83 -7.11 7.84 7.98
C SER A 83 -7.17 7.85 6.46
N GLU A 84 -7.99 7.01 5.88
CA GLU A 84 -8.07 6.97 4.39
C GLU A 84 -8.20 8.39 3.86
N SER A 85 -9.30 9.02 4.10
CA SER A 85 -9.53 10.43 3.61
C SER A 85 -8.22 11.23 3.60
N LYS A 86 -7.29 10.92 4.47
CA LYS A 86 -6.01 11.69 4.52
C LYS A 86 -5.02 11.17 3.48
N LEU A 87 -4.79 9.88 3.45
CA LEU A 87 -3.80 9.30 2.47
C LEU A 87 -4.35 9.35 1.04
N ILE A 88 -5.64 9.41 0.87
CA ILE A 88 -6.18 9.46 -0.52
C ILE A 88 -5.76 10.80 -1.11
N GLU A 89 -5.46 11.75 -0.27
CA GLU A 89 -5.04 13.07 -0.77
C GLU A 89 -3.56 12.99 -1.17
N GLN A 90 -2.80 12.15 -0.53
CA GLN A 90 -1.37 12.02 -0.89
C GLN A 90 -1.23 10.96 -1.99
N ALA A 91 -2.24 10.18 -2.20
CA ALA A 91 -2.17 9.14 -3.26
C ALA A 91 -2.91 9.63 -4.51
N PHE A 92 -3.79 10.59 -4.34
CA PHE A 92 -4.52 11.14 -5.52
C PHE A 92 -3.86 12.45 -5.94
N ARG A 93 -2.59 12.59 -5.65
CA ARG A 93 -1.87 13.84 -6.03
C ARG A 93 -0.38 13.62 -5.82
N LYS A 94 0.32 13.25 -6.85
CA LYS A 94 1.78 13.01 -6.72
C LYS A 94 2.47 14.28 -6.23
N ARG A 95 3.77 14.26 -6.13
CA ARG A 95 4.50 15.47 -5.64
C ARG A 95 5.49 15.93 -6.71
N ARG A 96 5.01 16.25 -7.88
CA ARG A 96 5.93 16.71 -8.96
C ARG A 96 6.24 18.21 -8.79
N PRO A 97 5.20 19.01 -8.75
CA PRO A 97 5.33 20.47 -8.60
C PRO A 97 5.60 20.83 -7.13
N ARG A 98 4.94 20.17 -6.22
CA ARG A 98 5.15 20.47 -4.78
C ARG A 98 5.55 19.19 -4.04
N ASP A 1 8.04 1.91 -18.98
CA ASP A 1 6.73 1.95 -19.67
C ASP A 1 5.62 2.24 -18.66
N SER A 2 5.87 2.00 -17.41
CA SER A 2 4.83 2.28 -16.38
C SER A 2 5.41 2.00 -14.99
N LYS A 3 6.67 2.28 -14.80
CA LYS A 3 7.29 2.04 -13.47
C LYS A 3 7.96 3.30 -12.93
N PRO A 4 7.27 4.42 -13.01
CA PRO A 4 7.79 5.72 -12.51
C PRO A 4 7.68 5.77 -10.98
N PRO A 5 8.19 6.82 -10.40
CA PRO A 5 8.14 7.02 -8.95
C PRO A 5 6.72 7.44 -8.54
N TYR A 6 5.95 6.52 -8.04
CA TYR A 6 4.55 6.82 -7.65
C TYR A 6 3.97 5.51 -7.16
N SER A 7 4.53 4.99 -6.11
CA SER A 7 4.09 3.68 -5.61
C SER A 7 4.02 3.67 -4.08
N TYR A 8 5.12 3.40 -3.44
CA TYR A 8 5.18 3.31 -1.94
C TYR A 8 3.99 3.96 -1.22
N ALA A 9 3.66 5.19 -1.52
CA ALA A 9 2.51 5.83 -0.78
C ALA A 9 1.18 5.60 -1.49
N GLN A 10 0.97 6.27 -2.58
CA GLN A 10 -0.31 6.15 -3.34
C GLN A 10 -0.78 4.69 -3.46
N LEU A 11 0.11 3.76 -3.30
CA LEU A 11 -0.28 2.32 -3.44
C LEU A 11 -0.98 1.81 -2.18
N ILE A 12 -0.37 1.94 -1.03
CA ILE A 12 -1.06 1.44 0.19
C ILE A 12 -2.36 2.21 0.35
N VAL A 13 -2.41 3.40 -0.15
CA VAL A 13 -3.65 4.20 -0.07
C VAL A 13 -4.77 3.46 -0.79
N GLN A 14 -4.77 3.49 -2.09
CA GLN A 14 -5.83 2.79 -2.88
C GLN A 14 -5.97 1.33 -2.43
N ALA A 15 -4.90 0.59 -2.48
CA ALA A 15 -4.96 -0.85 -2.09
C ALA A 15 -5.90 -1.05 -0.89
N ILE A 16 -6.02 -0.07 -0.04
CA ILE A 16 -6.93 -0.22 1.13
C ILE A 16 -8.30 0.39 0.79
N THR A 17 -8.33 1.63 0.38
CA THR A 17 -9.63 2.25 0.03
C THR A 17 -10.15 1.61 -1.26
N MET A 18 -9.41 1.76 -2.33
CA MET A 18 -9.85 1.14 -3.62
C MET A 18 -10.34 -0.28 -3.34
N ALA A 19 -9.78 -0.94 -2.36
CA ALA A 19 -10.23 -2.31 -2.04
C ALA A 19 -11.63 -2.24 -1.43
N PRO A 20 -12.47 -3.20 -1.77
CA PRO A 20 -13.86 -3.24 -1.29
C PRO A 20 -13.94 -3.77 0.16
N ASP A 21 -12.83 -3.82 0.85
CA ASP A 21 -12.86 -4.30 2.26
C ASP A 21 -12.32 -3.21 3.19
N LYS A 22 -11.66 -2.22 2.64
CA LYS A 22 -11.11 -1.13 3.50
C LYS A 22 -9.92 -1.67 4.30
N GLN A 23 -9.56 -2.90 4.11
CA GLN A 23 -8.42 -3.50 4.84
C GLN A 23 -7.57 -4.24 3.82
N LEU A 24 -6.28 -4.20 3.96
CA LEU A 24 -5.43 -4.91 2.98
C LEU A 24 -4.20 -5.48 3.66
N THR A 25 -3.74 -6.61 3.21
CA THR A 25 -2.52 -7.18 3.80
C THR A 25 -1.33 -6.43 3.21
N LEU A 26 -0.16 -6.63 3.71
CA LEU A 26 1.00 -5.92 3.12
C LEU A 26 1.07 -6.32 1.64
N ASN A 27 0.89 -7.58 1.37
CA ASN A 27 0.92 -8.05 -0.04
C ASN A 27 0.04 -7.12 -0.89
N GLY A 28 -1.04 -6.61 -0.32
CA GLY A 28 -1.94 -5.71 -1.08
C GLY A 28 -1.13 -4.86 -2.06
N ILE A 29 -0.27 -4.02 -1.57
CA ILE A 29 0.54 -3.18 -2.49
C ILE A 29 1.01 -4.00 -3.69
N TYR A 30 1.70 -5.08 -3.44
CA TYR A 30 2.22 -5.91 -4.56
C TYR A 30 1.09 -6.33 -5.51
N THR A 31 0.07 -6.98 -5.00
CA THR A 31 -1.05 -7.43 -5.89
C THR A 31 -1.87 -6.23 -6.37
N HIS A 32 -1.51 -5.04 -5.97
CA HIS A 32 -2.28 -3.84 -6.42
C HIS A 32 -1.49 -3.16 -7.53
N ILE A 33 -0.40 -2.54 -7.19
CA ILE A 33 0.43 -1.87 -8.20
C ILE A 33 0.55 -2.76 -9.43
N THR A 34 0.66 -4.04 -9.24
CA THR A 34 0.79 -4.97 -10.40
C THR A 34 -0.52 -4.94 -11.20
N LYS A 35 -1.64 -5.05 -10.54
CA LYS A 35 -2.94 -5.03 -11.26
C LYS A 35 -2.98 -3.81 -12.18
N ASN A 36 -2.33 -2.74 -11.79
CA ASN A 36 -2.32 -1.52 -12.63
C ASN A 36 -1.03 -1.47 -13.45
N TYR A 37 -0.04 -0.75 -12.98
CA TYR A 37 1.25 -0.69 -13.73
C TYR A 37 1.83 -2.11 -13.86
N PRO A 38 1.82 -2.68 -15.06
CA PRO A 38 2.35 -4.04 -15.25
C PRO A 38 3.88 -4.03 -15.29
N TYR A 39 4.47 -2.87 -15.23
CA TYR A 39 5.95 -2.79 -15.26
C TYR A 39 6.49 -2.82 -13.83
N TYR A 40 6.42 -3.95 -13.18
CA TYR A 40 6.92 -4.04 -11.78
C TYR A 40 7.17 -5.51 -11.42
N ARG A 41 6.28 -6.38 -11.77
CA ARG A 41 6.47 -7.82 -11.45
C ARG A 41 7.25 -8.50 -12.57
N THR A 42 8.44 -8.04 -12.85
CA THR A 42 9.25 -8.66 -13.93
C THR A 42 10.63 -9.02 -13.37
N ALA A 43 11.24 -8.13 -12.64
CA ALA A 43 12.59 -8.43 -12.08
C ALA A 43 13.05 -7.25 -11.21
N ASP A 44 12.12 -6.58 -10.58
CA ASP A 44 12.51 -5.41 -9.72
C ASP A 44 12.09 -5.70 -8.28
N LYS A 45 12.92 -6.38 -7.55
CA LYS A 45 12.58 -6.71 -6.13
C LYS A 45 13.07 -5.59 -5.21
N GLY A 46 13.02 -4.36 -5.66
CA GLY A 46 13.49 -3.23 -4.81
C GLY A 46 12.28 -2.53 -4.17
N TRP A 47 11.40 -1.99 -4.97
CA TRP A 47 10.21 -1.30 -4.42
C TRP A 47 9.36 -2.29 -3.61
N GLN A 48 9.46 -3.55 -3.91
CA GLN A 48 8.65 -4.56 -3.17
C GLN A 48 8.61 -4.22 -1.67
N ASN A 49 9.61 -4.63 -0.94
CA ASN A 49 9.62 -4.35 0.53
C ASN A 49 9.68 -2.83 0.77
N SER A 50 10.21 -2.09 -0.16
CA SER A 50 10.31 -0.61 0.02
C SER A 50 8.91 -0.01 0.15
N ILE A 51 7.89 -0.70 -0.24
CA ILE A 51 6.51 -0.14 -0.13
C ILE A 51 6.01 -0.30 1.31
N ARG A 52 6.32 -1.39 1.94
CA ARG A 52 5.85 -1.60 3.34
C ARG A 52 6.51 -0.52 4.22
N HIS A 53 7.68 -0.08 3.86
CA HIS A 53 8.36 0.97 4.66
C HIS A 53 7.41 2.16 4.81
N ASN A 54 6.47 2.27 3.91
CA ASN A 54 5.48 3.38 3.98
C ASN A 54 4.37 2.94 4.93
N LEU A 55 4.03 1.68 4.87
CA LEU A 55 2.97 1.16 5.78
C LEU A 55 3.30 1.58 7.21
N SER A 56 4.55 1.86 7.48
CA SER A 56 4.96 2.30 8.84
C SER A 56 5.11 3.81 8.84
N LEU A 57 5.92 4.34 7.96
CA LEU A 57 6.10 5.83 7.90
C LEU A 57 4.71 6.48 7.99
N ASN A 58 3.90 6.25 7.00
CA ASN A 58 2.53 6.82 7.04
C ASN A 58 1.68 5.89 7.91
N ARG A 59 1.36 6.30 9.10
CA ARG A 59 0.55 5.43 9.99
C ARG A 59 -0.90 5.38 9.52
N TYR A 60 -1.20 6.00 8.40
CA TYR A 60 -2.58 5.97 7.86
C TYR A 60 -3.17 4.59 8.05
N PHE A 61 -2.35 3.60 7.83
CA PHE A 61 -2.81 2.19 7.91
C PHE A 61 -2.43 1.60 9.26
N ILE A 62 -3.39 1.57 10.14
CA ILE A 62 -3.14 1.02 11.50
C ILE A 62 -3.18 -0.51 11.42
N LYS A 63 -2.07 -1.12 11.12
CA LYS A 63 -2.06 -2.61 11.02
C LYS A 63 -2.03 -3.23 12.42
N VAL A 64 -2.79 -4.29 12.58
CA VAL A 64 -2.85 -4.99 13.88
C VAL A 64 -1.90 -6.19 13.84
N PRO A 65 -1.15 -6.38 14.90
CA PRO A 65 -0.18 -7.49 15.01
C PRO A 65 -0.90 -8.80 15.34
N ARG A 66 -0.19 -9.89 15.38
CA ARG A 66 -0.83 -11.19 15.70
C ARG A 66 -1.08 -11.29 17.20
N SER A 67 -0.08 -11.64 17.96
CA SER A 67 -0.26 -11.75 19.44
C SER A 67 1.03 -12.29 20.07
N GLN A 68 2.11 -11.59 19.92
CA GLN A 68 3.39 -12.08 20.50
C GLN A 68 3.66 -13.52 20.07
N GLU A 69 3.40 -13.82 18.82
CA GLU A 69 3.62 -15.20 18.32
C GLU A 69 4.58 -15.17 17.13
N GLU A 70 4.59 -14.09 16.40
CA GLU A 70 5.49 -13.99 15.21
C GLU A 70 6.12 -12.60 15.16
N PRO A 71 7.32 -12.53 14.63
CA PRO A 71 8.06 -11.26 14.51
C PRO A 71 7.53 -10.46 13.31
N GLY A 72 7.71 -10.96 12.12
CA GLY A 72 7.23 -10.21 10.92
C GLY A 72 6.59 -11.19 9.94
N LYS A 73 6.68 -10.93 8.67
CA LYS A 73 6.08 -11.84 7.66
C LYS A 73 4.66 -12.21 8.10
N GLY A 74 4.03 -11.38 8.88
CA GLY A 74 2.64 -11.69 9.34
C GLY A 74 2.01 -10.42 9.93
N SER A 75 1.21 -9.73 9.15
CA SER A 75 0.56 -8.49 9.68
C SER A 75 -0.49 -8.03 8.68
N PHE A 76 -1.33 -7.10 9.07
CA PHE A 76 -2.38 -6.62 8.12
C PHE A 76 -2.61 -5.12 8.33
N TRP A 77 -2.45 -4.32 7.29
CA TRP A 77 -2.67 -2.85 7.46
C TRP A 77 -4.15 -2.50 7.29
N ARG A 78 -4.71 -1.79 8.24
CA ARG A 78 -6.15 -1.41 8.14
C ARG A 78 -6.26 0.11 8.09
N ILE A 79 -7.13 0.65 7.28
CA ILE A 79 -7.26 2.13 7.22
C ILE A 79 -8.09 2.62 8.40
N ASP A 80 -7.69 3.69 9.02
CA ASP A 80 -8.46 4.21 10.18
C ASP A 80 -9.68 4.99 9.66
N PRO A 81 -10.58 5.29 10.55
CA PRO A 81 -11.81 6.02 10.23
C PRO A 81 -11.51 7.51 10.04
N ALA A 82 -10.27 7.88 10.14
CA ALA A 82 -9.88 9.30 9.95
C ALA A 82 -8.54 9.37 9.23
N SER A 83 -8.30 8.45 8.33
CA SER A 83 -7.02 8.46 7.58
C SER A 83 -7.29 8.18 6.11
N GLU A 84 -8.01 7.13 5.83
CA GLU A 84 -8.32 6.76 4.41
C GLU A 84 -8.61 8.02 3.57
N SER A 85 -9.78 8.58 3.71
CA SER A 85 -10.13 9.79 2.90
C SER A 85 -8.92 10.72 2.74
N LYS A 86 -8.01 10.70 3.67
CA LYS A 86 -6.80 11.58 3.58
C LYS A 86 -5.74 10.99 2.65
N LEU A 87 -5.34 9.75 2.84
CA LEU A 87 -4.28 9.16 1.95
C LEU A 87 -4.76 9.17 0.51
N ILE A 88 -6.01 8.85 0.27
CA ILE A 88 -6.52 8.85 -1.14
C ILE A 88 -6.03 10.12 -1.83
N GLU A 89 -5.81 11.17 -1.07
CA GLU A 89 -5.32 12.44 -1.67
C GLU A 89 -3.83 12.31 -1.93
N GLN A 90 -3.10 11.79 -0.98
CA GLN A 90 -1.63 11.63 -1.19
C GLN A 90 -1.40 10.52 -2.22
N ALA A 91 -2.45 9.83 -2.59
CA ALA A 91 -2.31 8.74 -3.59
C ALA A 91 -2.73 9.26 -4.96
N PHE A 92 -3.65 10.19 -5.00
CA PHE A 92 -4.10 10.73 -6.32
C PHE A 92 -3.47 12.12 -6.54
N ARG A 93 -2.45 12.44 -5.80
CA ARG A 93 -1.81 13.77 -5.97
C ARG A 93 -0.36 13.72 -5.49
N LYS A 94 0.39 12.77 -5.96
CA LYS A 94 1.82 12.67 -5.53
C LYS A 94 2.71 12.42 -6.76
N ARG A 95 2.64 13.29 -7.72
CA ARG A 95 3.47 13.11 -8.95
C ARG A 95 3.71 14.48 -9.59
N ARG A 96 4.39 15.35 -8.90
CA ARG A 96 4.66 16.71 -9.47
C ARG A 96 6.13 17.09 -9.26
N PRO A 97 6.61 17.95 -10.12
CA PRO A 97 8.00 18.42 -10.06
C PRO A 97 8.16 19.48 -8.96
N ARG A 98 9.35 19.96 -8.76
CA ARG A 98 9.55 20.99 -7.70
C ARG A 98 8.88 22.30 -8.11
N ASP A 1 -1.16 0.97 -20.28
CA ASP A 1 0.19 0.72 -20.84
C ASP A 1 1.20 1.67 -20.19
N SER A 2 2.39 1.74 -20.71
CA SER A 2 3.41 2.65 -20.13
C SER A 2 3.40 2.52 -18.60
N LYS A 3 3.96 1.46 -18.09
CA LYS A 3 4.00 1.25 -16.62
C LYS A 3 4.29 2.58 -15.90
N PRO A 4 3.26 3.19 -15.39
CA PRO A 4 3.37 4.47 -14.66
C PRO A 4 3.85 4.21 -13.23
N PRO A 5 5.02 4.71 -12.92
CA PRO A 5 5.62 4.53 -11.58
C PRO A 5 4.98 5.48 -10.56
N TYR A 6 4.63 4.98 -9.41
CA TYR A 6 4.02 5.87 -8.38
C TYR A 6 4.90 5.86 -7.14
N SER A 7 4.51 6.56 -6.11
CA SER A 7 5.35 6.57 -4.88
C SER A 7 5.08 5.28 -4.10
N TYR A 8 5.78 5.06 -3.03
CA TYR A 8 5.56 3.82 -2.25
C TYR A 8 4.44 4.03 -1.23
N ALA A 9 4.24 5.24 -0.78
CA ALA A 9 3.17 5.49 0.22
C ALA A 9 1.81 5.61 -0.47
N GLN A 10 1.80 5.72 -1.78
CA GLN A 10 0.51 5.84 -2.50
C GLN A 10 -0.01 4.45 -2.88
N LEU A 11 0.86 3.55 -3.21
CA LEU A 11 0.43 2.18 -3.60
C LEU A 11 -0.35 1.53 -2.45
N ILE A 12 -0.24 2.07 -1.26
CA ILE A 12 -1.00 1.48 -0.12
C ILE A 12 -2.35 2.19 -0.04
N VAL A 13 -2.36 3.46 -0.34
CA VAL A 13 -3.63 4.22 -0.30
C VAL A 13 -4.62 3.61 -1.30
N GLN A 14 -4.31 3.68 -2.56
CA GLN A 14 -5.22 3.11 -3.60
C GLN A 14 -5.49 1.64 -3.31
N ALA A 15 -4.71 1.02 -2.46
CA ALA A 15 -4.94 -0.42 -2.17
C ALA A 15 -5.92 -0.56 -1.00
N ILE A 16 -5.93 0.38 -0.11
CA ILE A 16 -6.87 0.30 1.05
C ILE A 16 -8.28 0.70 0.58
N THR A 17 -8.42 1.87 0.02
CA THR A 17 -9.75 2.31 -0.47
C THR A 17 -10.24 1.31 -1.52
N MET A 18 -9.34 0.80 -2.33
CA MET A 18 -9.76 -0.19 -3.37
C MET A 18 -10.05 -1.52 -2.71
N ALA A 19 -9.38 -1.82 -1.61
CA ALA A 19 -9.63 -3.10 -0.91
C ALA A 19 -11.14 -3.27 -0.71
N PRO A 20 -11.58 -4.51 -0.66
CA PRO A 20 -13.00 -4.85 -0.50
C PRO A 20 -13.49 -4.62 0.94
N ASP A 21 -12.71 -4.01 1.76
CA ASP A 21 -13.15 -3.77 3.16
C ASP A 21 -12.39 -2.56 3.72
N LYS A 22 -11.88 -1.73 2.87
CA LYS A 22 -11.12 -0.55 3.36
C LYS A 22 -9.85 -1.02 4.08
N GLN A 23 -9.56 -2.29 3.99
CA GLN A 23 -8.34 -2.82 4.67
C GLN A 23 -7.71 -3.88 3.75
N LEU A 24 -6.46 -4.17 3.92
CA LEU A 24 -5.84 -5.18 3.01
C LEU A 24 -4.54 -5.72 3.60
N THR A 25 -4.06 -6.81 3.05
CA THR A 25 -2.78 -7.39 3.55
C THR A 25 -1.63 -6.61 2.96
N LEU A 26 -0.50 -6.59 3.59
CA LEU A 26 0.63 -5.83 3.01
C LEU A 26 0.73 -6.18 1.52
N ASN A 27 0.59 -7.44 1.20
CA ASN A 27 0.65 -7.86 -0.22
C ASN A 27 -0.10 -6.85 -1.09
N GLY A 28 -1.28 -6.45 -0.67
CA GLY A 28 -2.10 -5.46 -1.44
C GLY A 28 -1.20 -4.59 -2.30
N ILE A 29 -0.27 -3.89 -1.71
CA ILE A 29 0.64 -3.04 -2.53
C ILE A 29 1.07 -3.83 -3.77
N TYR A 30 1.79 -4.89 -3.56
CA TYR A 30 2.31 -5.71 -4.69
C TYR A 30 1.16 -6.25 -5.56
N THR A 31 0.26 -7.00 -4.99
CA THR A 31 -0.86 -7.58 -5.80
C THR A 31 -1.81 -6.48 -6.30
N HIS A 32 -1.54 -5.23 -6.00
CA HIS A 32 -2.44 -4.16 -6.49
C HIS A 32 -1.79 -3.48 -7.69
N ILE A 33 -0.64 -2.93 -7.48
CA ILE A 33 0.08 -2.25 -8.59
C ILE A 33 0.26 -3.23 -9.76
N THR A 34 0.48 -4.48 -9.45
CA THR A 34 0.67 -5.49 -10.54
C THR A 34 -0.58 -5.55 -11.42
N LYS A 35 -1.74 -5.61 -10.84
CA LYS A 35 -2.98 -5.67 -11.65
C LYS A 35 -3.20 -4.35 -12.38
N ASN A 36 -2.51 -3.31 -11.98
CA ASN A 36 -2.69 -2.00 -12.66
C ASN A 36 -1.67 -1.87 -13.80
N TYR A 37 -0.44 -1.60 -13.48
CA TYR A 37 0.59 -1.46 -14.55
C TYR A 37 0.84 -2.85 -15.16
N PRO A 38 1.75 -2.95 -16.10
CA PRO A 38 2.05 -4.23 -16.77
C PRO A 38 2.95 -5.11 -15.88
N TYR A 39 4.24 -4.86 -15.92
CA TYR A 39 5.18 -5.68 -15.10
C TYR A 39 5.67 -4.86 -13.90
N TYR A 40 6.29 -5.50 -12.94
CA TYR A 40 6.80 -4.77 -11.74
C TYR A 40 7.30 -5.77 -10.70
N ARG A 41 6.43 -6.56 -10.16
CA ARG A 41 6.85 -7.56 -9.14
C ARG A 41 7.69 -8.65 -9.79
N THR A 42 7.81 -8.63 -11.09
CA THR A 42 8.62 -9.68 -11.78
C THR A 42 9.77 -9.03 -12.53
N ALA A 43 9.80 -7.72 -12.58
CA ALA A 43 10.90 -7.02 -13.30
C ALA A 43 11.77 -6.27 -12.29
N ASP A 44 11.31 -6.13 -11.08
CA ASP A 44 12.11 -5.41 -10.06
C ASP A 44 11.69 -5.86 -8.65
N LYS A 45 12.59 -6.42 -7.90
CA LYS A 45 12.24 -6.87 -6.52
C LYS A 45 12.72 -5.84 -5.50
N GLY A 46 12.96 -4.63 -5.93
CA GLY A 46 13.43 -3.58 -4.99
C GLY A 46 12.22 -2.83 -4.41
N TRP A 47 11.38 -2.31 -5.26
CA TRP A 47 10.19 -1.57 -4.75
C TRP A 47 9.29 -2.50 -3.94
N GLN A 48 9.39 -3.78 -4.17
CA GLN A 48 8.52 -4.73 -3.40
C GLN A 48 8.58 -4.38 -1.91
N ASN A 49 9.63 -4.77 -1.24
CA ASN A 49 9.74 -4.46 0.22
C ASN A 49 9.90 -2.96 0.42
N SER A 50 10.25 -2.23 -0.60
CA SER A 50 10.43 -0.77 -0.46
C SER A 50 9.08 -0.11 -0.17
N ILE A 51 8.00 -0.86 -0.25
CA ILE A 51 6.67 -0.26 0.02
C ILE A 51 6.37 -0.31 1.52
N ARG A 52 6.46 -1.46 2.13
CA ARG A 52 6.18 -1.56 3.59
C ARG A 52 6.76 -0.35 4.31
N HIS A 53 7.78 0.26 3.77
CA HIS A 53 8.38 1.45 4.42
C HIS A 53 7.30 2.51 4.68
N ASN A 54 6.57 2.89 3.67
CA ASN A 54 5.49 3.90 3.86
C ASN A 54 4.45 3.32 4.81
N LEU A 55 4.17 2.05 4.68
CA LEU A 55 3.16 1.42 5.58
C LEU A 55 3.44 1.86 7.02
N SER A 56 4.66 2.20 7.32
CA SER A 56 5.01 2.65 8.70
C SER A 56 4.93 4.18 8.77
N LEU A 57 5.69 4.87 7.98
CA LEU A 57 5.63 6.35 8.01
C LEU A 57 4.17 6.78 8.03
N ASN A 58 3.46 6.48 6.98
CA ASN A 58 2.02 6.82 6.95
C ASN A 58 1.31 5.91 7.96
N ARG A 59 1.04 6.41 9.13
CA ARG A 59 0.40 5.54 10.15
C ARG A 59 -1.11 5.46 9.94
N TYR A 60 -1.65 6.10 8.93
CA TYR A 60 -3.13 5.97 8.75
C TYR A 60 -3.45 4.48 8.72
N PHE A 61 -2.53 3.70 8.21
CA PHE A 61 -2.75 2.23 8.11
C PHE A 61 -2.51 1.58 9.45
N ILE A 62 -3.55 1.42 10.22
CA ILE A 62 -3.41 0.79 11.55
C ILE A 62 -3.31 -0.73 11.37
N LYS A 63 -2.13 -1.21 11.09
CA LYS A 63 -1.98 -2.69 10.90
C LYS A 63 -1.89 -3.37 12.27
N VAL A 64 -2.42 -4.56 12.34
CA VAL A 64 -2.39 -5.32 13.64
C VAL A 64 -1.04 -6.01 13.80
N PRO A 65 -0.69 -6.31 15.02
CA PRO A 65 0.57 -6.98 15.36
C PRO A 65 0.49 -8.48 15.07
N ARG A 66 1.50 -9.04 14.46
CA ARG A 66 1.48 -10.49 14.15
C ARG A 66 1.76 -11.29 15.42
N SER A 67 0.90 -12.19 15.77
CA SER A 67 1.11 -13.02 17.00
C SER A 67 -0.12 -13.87 17.27
N GLN A 68 -0.22 -14.44 18.45
CA GLN A 68 -1.40 -15.28 18.75
C GLN A 68 -2.41 -14.48 19.58
N GLU A 69 -2.65 -13.25 19.21
CA GLU A 69 -3.62 -12.42 19.98
C GLU A 69 -4.49 -11.62 19.00
N GLU A 70 -4.98 -12.26 17.98
CA GLU A 70 -5.83 -11.54 17.00
C GLU A 70 -7.26 -11.44 17.55
N PRO A 71 -7.87 -10.29 17.37
CA PRO A 71 -9.24 -10.03 17.84
C PRO A 71 -10.26 -10.65 16.88
N GLY A 72 -10.01 -10.56 15.60
CA GLY A 72 -10.97 -11.15 14.62
C GLY A 72 -10.23 -12.14 13.71
N LYS A 73 -10.25 -11.92 12.42
CA LYS A 73 -9.55 -12.85 11.49
C LYS A 73 -9.22 -12.11 10.20
N GLY A 74 -8.28 -12.63 9.44
CA GLY A 74 -7.90 -11.97 8.17
C GLY A 74 -7.67 -10.47 8.42
N SER A 75 -6.67 -10.14 9.19
CA SER A 75 -6.40 -8.70 9.47
C SER A 75 -5.03 -8.33 8.90
N PHE A 76 -4.76 -7.07 8.77
CA PHE A 76 -3.43 -6.65 8.22
C PHE A 76 -3.36 -5.12 8.18
N TRP A 77 -3.01 -4.49 7.07
CA TRP A 77 -2.96 -3.01 7.09
C TRP A 77 -4.38 -2.46 6.95
N ARG A 78 -5.00 -2.13 8.05
CA ARG A 78 -6.38 -1.58 7.98
C ARG A 78 -6.33 -0.06 8.05
N ILE A 79 -7.22 0.60 7.38
CA ILE A 79 -7.20 2.08 7.42
C ILE A 79 -8.26 2.55 8.43
N ASP A 80 -7.97 3.58 9.17
CA ASP A 80 -8.96 4.07 10.17
C ASP A 80 -10.05 4.87 9.45
N PRO A 81 -11.05 5.28 10.20
CA PRO A 81 -12.19 6.05 9.65
C PRO A 81 -11.78 7.48 9.35
N ALA A 82 -10.80 7.99 10.05
CA ALA A 82 -10.33 9.36 9.81
C ALA A 82 -8.92 9.29 9.22
N SER A 83 -8.71 8.36 8.32
CA SER A 83 -7.36 8.20 7.73
C SER A 83 -7.48 8.01 6.21
N GLU A 84 -8.32 7.11 5.78
CA GLU A 84 -8.47 6.88 4.32
C GLU A 84 -8.59 8.22 3.61
N SER A 85 -9.71 8.86 3.74
CA SER A 85 -9.92 10.19 3.06
C SER A 85 -8.65 11.04 3.09
N LYS A 86 -7.76 10.81 4.01
CA LYS A 86 -6.52 11.63 4.06
C LYS A 86 -5.48 11.09 3.06
N LEU A 87 -5.11 9.84 3.18
CA LEU A 87 -4.09 9.25 2.23
C LEU A 87 -4.61 9.27 0.80
N ILE A 88 -5.89 9.25 0.60
CA ILE A 88 -6.42 9.25 -0.80
C ILE A 88 -5.98 10.54 -1.48
N GLU A 89 -5.64 11.53 -0.70
CA GLU A 89 -5.21 12.82 -1.30
C GLU A 89 -3.70 12.78 -1.54
N GLN A 90 -2.98 12.02 -0.75
CA GLN A 90 -1.51 11.94 -0.95
C GLN A 90 -1.19 10.88 -2.00
N ALA A 91 -2.13 10.03 -2.29
CA ALA A 91 -1.88 8.96 -3.30
C ALA A 91 -2.51 9.36 -4.64
N PHE A 92 -3.74 9.79 -4.65
CA PHE A 92 -4.38 10.18 -5.93
C PHE A 92 -3.47 11.19 -6.64
N ARG A 93 -2.59 11.83 -5.91
CA ARG A 93 -1.68 12.81 -6.54
C ARG A 93 -0.65 12.07 -7.39
N LYS A 94 0.52 12.61 -7.52
CA LYS A 94 1.57 11.94 -8.34
C LYS A 94 2.87 11.88 -7.53
N ARG A 95 3.97 11.60 -8.19
CA ARG A 95 5.26 11.52 -7.46
C ARG A 95 6.03 12.83 -7.66
N ARG A 96 6.47 13.45 -6.60
CA ARG A 96 7.22 14.73 -6.73
C ARG A 96 7.72 15.20 -5.36
N PRO A 97 6.78 15.42 -4.45
CA PRO A 97 7.11 15.88 -3.09
C PRO A 97 7.64 14.71 -2.25
N ARG A 98 8.88 14.77 -1.85
CA ARG A 98 9.45 13.66 -1.03
C ARG A 98 10.13 14.24 0.22
N ASP A 1 0.74 2.03 -21.89
CA ASP A 1 1.79 2.80 -21.16
C ASP A 1 1.54 2.69 -19.65
N SER A 2 1.64 1.51 -19.11
CA SER A 2 1.42 1.34 -17.65
C SER A 2 2.75 0.95 -16.99
N LYS A 3 3.81 1.60 -17.37
CA LYS A 3 5.13 1.26 -16.78
C LYS A 3 5.40 2.10 -15.51
N PRO A 4 5.12 3.37 -15.56
CA PRO A 4 5.36 4.27 -14.40
C PRO A 4 4.25 4.13 -13.35
N PRO A 5 4.63 3.59 -12.21
CA PRO A 5 3.69 3.38 -11.08
C PRO A 5 3.50 4.70 -10.32
N TYR A 6 3.12 4.63 -9.05
CA TYR A 6 2.93 5.88 -8.26
C TYR A 6 4.01 5.95 -7.19
N SER A 7 3.81 6.75 -6.18
CA SER A 7 4.82 6.84 -5.10
C SER A 7 4.64 5.65 -4.16
N TYR A 8 5.48 5.51 -3.18
CA TYR A 8 5.35 4.36 -2.25
C TYR A 8 4.20 4.61 -1.27
N ALA A 9 3.94 5.84 -0.94
CA ALA A 9 2.82 6.14 0.00
C ALA A 9 1.49 6.17 -0.76
N GLN A 10 1.54 6.02 -2.06
CA GLN A 10 0.28 6.05 -2.86
C GLN A 10 -0.14 4.62 -3.20
N LEU A 11 0.78 3.85 -3.71
CA LEU A 11 0.45 2.45 -4.10
C LEU A 11 -0.24 1.71 -2.95
N ILE A 12 -0.15 2.22 -1.74
CA ILE A 12 -0.84 1.53 -0.62
C ILE A 12 -2.27 2.04 -0.56
N VAL A 13 -2.42 3.32 -0.56
CA VAL A 13 -3.78 3.92 -0.49
C VAL A 13 -4.71 3.23 -1.49
N GLN A 14 -4.50 3.47 -2.77
CA GLN A 14 -5.38 2.85 -3.79
C GLN A 14 -5.67 1.39 -3.44
N ALA A 15 -4.77 0.75 -2.74
CA ALA A 15 -5.01 -0.68 -2.38
C ALA A 15 -6.04 -0.78 -1.25
N ILE A 16 -5.92 0.05 -0.24
CA ILE A 16 -6.91 0.01 0.88
C ILE A 16 -8.28 0.44 0.34
N THR A 17 -8.37 1.64 -0.16
CA THR A 17 -9.67 2.12 -0.69
C THR A 17 -10.20 1.11 -1.71
N MET A 18 -9.40 0.70 -2.65
CA MET A 18 -9.86 -0.28 -3.65
C MET A 18 -10.25 -1.59 -2.96
N ALA A 19 -9.65 -1.87 -1.83
CA ALA A 19 -10.00 -3.12 -1.10
C ALA A 19 -11.52 -3.15 -0.86
N PRO A 20 -12.10 -4.32 -0.98
CA PRO A 20 -13.55 -4.51 -0.82
C PRO A 20 -13.95 -4.48 0.66
N ASP A 21 -13.02 -4.29 1.55
CA ASP A 21 -13.37 -4.25 3.00
C ASP A 21 -12.70 -3.04 3.66
N LYS A 22 -12.01 -2.24 2.89
CA LYS A 22 -11.33 -1.05 3.48
C LYS A 22 -10.09 -1.51 4.25
N GLN A 23 -9.86 -2.80 4.29
CA GLN A 23 -8.67 -3.32 5.01
C GLN A 23 -7.99 -4.38 4.15
N LEU A 24 -6.70 -4.50 4.20
CA LEU A 24 -6.02 -5.53 3.37
C LEU A 24 -4.67 -5.93 3.95
N THR A 25 -4.07 -6.96 3.40
CA THR A 25 -2.76 -7.44 3.92
C THR A 25 -1.63 -6.66 3.24
N LEU A 26 -0.47 -6.64 3.82
CA LEU A 26 0.64 -5.91 3.16
C LEU A 26 0.70 -6.33 1.70
N ASN A 27 0.41 -7.56 1.45
CA ASN A 27 0.44 -8.07 0.05
C ASN A 27 -0.42 -7.18 -0.85
N GLY A 28 -1.60 -6.82 -0.41
CA GLY A 28 -2.51 -5.96 -1.23
C GLY A 28 -1.69 -5.04 -2.15
N ILE A 29 -0.87 -4.19 -1.59
CA ILE A 29 -0.08 -3.29 -2.46
C ILE A 29 0.68 -4.08 -3.53
N TYR A 30 1.40 -5.10 -3.13
CA TYR A 30 2.16 -5.90 -4.14
C TYR A 30 1.23 -6.44 -5.23
N THR A 31 0.21 -7.18 -4.86
CA THR A 31 -0.72 -7.74 -5.88
C THR A 31 -1.64 -6.66 -6.45
N HIS A 32 -1.45 -5.43 -6.05
CA HIS A 32 -2.31 -4.33 -6.57
C HIS A 32 -1.54 -3.57 -7.65
N ILE A 33 -0.53 -2.87 -7.23
CA ILE A 33 0.30 -2.09 -8.19
C ILE A 33 0.47 -2.88 -9.50
N THR A 34 0.57 -4.18 -9.40
CA THR A 34 0.75 -5.00 -10.64
C THR A 34 -0.42 -4.73 -11.59
N LYS A 35 -1.63 -4.91 -11.14
CA LYS A 35 -2.80 -4.68 -12.01
C LYS A 35 -3.09 -3.17 -12.08
N ASN A 36 -2.25 -2.37 -11.49
CA ASN A 36 -2.49 -0.90 -11.52
C ASN A 36 -1.61 -0.24 -12.58
N TYR A 37 -0.33 -0.10 -12.34
CA TYR A 37 0.54 0.56 -13.34
C TYR A 37 1.55 -0.45 -13.96
N PRO A 38 2.76 -0.60 -13.43
CA PRO A 38 3.72 -1.55 -14.02
C PRO A 38 3.38 -2.98 -13.62
N TYR A 39 3.98 -3.94 -14.27
CA TYR A 39 3.72 -5.35 -13.92
C TYR A 39 4.40 -5.65 -12.58
N TYR A 40 5.61 -5.19 -12.42
CA TYR A 40 6.35 -5.40 -11.14
C TYR A 40 6.07 -6.81 -10.60
N ARG A 41 5.80 -7.76 -11.45
CA ARG A 41 5.53 -9.13 -10.96
C ARG A 41 6.30 -10.15 -11.81
N THR A 42 7.60 -10.10 -11.76
CA THR A 42 8.41 -11.06 -12.56
C THR A 42 9.87 -11.00 -12.12
N ALA A 43 10.38 -9.83 -11.88
CA ALA A 43 11.79 -9.70 -11.44
C ALA A 43 12.04 -8.29 -10.90
N ASP A 44 11.92 -8.10 -9.61
CA ASP A 44 12.16 -6.75 -9.03
C ASP A 44 11.73 -6.74 -7.56
N LYS A 45 12.58 -7.23 -6.69
CA LYS A 45 12.24 -7.25 -5.24
C LYS A 45 12.70 -5.95 -4.58
N GLY A 46 12.73 -4.88 -5.33
CA GLY A 46 13.18 -3.58 -4.75
C GLY A 46 11.96 -2.82 -4.18
N TRP A 47 10.99 -2.54 -5.01
CA TRP A 47 9.80 -1.81 -4.52
C TRP A 47 9.01 -2.69 -3.54
N GLN A 48 9.31 -3.96 -3.51
CA GLN A 48 8.58 -4.87 -2.57
C GLN A 48 8.76 -4.36 -1.14
N ASN A 49 9.98 -4.15 -0.73
CA ASN A 49 10.22 -3.66 0.66
C ASN A 49 9.92 -2.15 0.72
N SER A 50 9.60 -1.55 -0.39
CA SER A 50 9.31 -0.09 -0.40
C SER A 50 7.92 0.16 0.20
N ILE A 51 6.91 -0.51 -0.33
CA ILE A 51 5.54 -0.30 0.21
C ILE A 51 5.53 -0.53 1.72
N ARG A 52 5.97 -1.67 2.17
CA ARG A 52 5.98 -1.94 3.64
C ARG A 52 6.65 -0.76 4.36
N HIS A 53 7.56 -0.08 3.71
CA HIS A 53 8.25 1.06 4.35
C HIS A 53 7.26 2.20 4.60
N ASN A 54 6.36 2.44 3.69
CA ASN A 54 5.37 3.53 3.88
C ASN A 54 4.25 3.04 4.80
N LEU A 55 4.06 1.75 4.86
CA LEU A 55 2.98 1.21 5.75
C LEU A 55 3.28 1.61 7.20
N SER A 56 4.53 1.85 7.50
CA SER A 56 4.90 2.26 8.89
C SER A 56 5.07 3.77 8.90
N LEU A 57 5.87 4.31 8.03
CA LEU A 57 6.04 5.79 7.98
C LEU A 57 4.66 6.42 8.05
N ASN A 58 3.86 6.20 7.03
CA ASN A 58 2.48 6.73 7.06
C ASN A 58 1.70 5.87 8.05
N ARG A 59 1.30 6.43 9.16
CA ARG A 59 0.59 5.60 10.18
C ARG A 59 -0.92 5.56 9.93
N TYR A 60 -1.43 6.28 8.97
CA TYR A 60 -2.91 6.19 8.74
C TYR A 60 -3.27 4.72 8.64
N PHE A 61 -2.35 3.92 8.18
CA PHE A 61 -2.61 2.47 8.03
C PHE A 61 -2.46 1.83 9.39
N ILE A 62 -3.56 1.63 10.07
CA ILE A 62 -3.49 1.02 11.41
C ILE A 62 -3.30 -0.48 11.27
N LYS A 63 -2.08 -0.90 11.10
CA LYS A 63 -1.80 -2.36 10.96
C LYS A 63 -1.60 -2.95 12.36
N VAL A 64 -2.26 -4.04 12.64
CA VAL A 64 -2.10 -4.66 13.98
C VAL A 64 -1.22 -5.90 13.88
N PRO A 65 -0.37 -6.08 14.86
CA PRO A 65 0.55 -7.23 14.91
C PRO A 65 -0.19 -8.49 15.38
N ARG A 66 0.25 -9.64 14.97
CA ARG A 66 -0.45 -10.88 15.40
C ARG A 66 0.50 -12.07 15.30
N SER A 67 0.21 -13.14 15.99
CA SER A 67 1.10 -14.33 15.95
C SER A 67 2.53 -13.92 16.28
N GLN A 68 3.40 -14.87 16.47
CA GLN A 68 4.81 -14.53 16.81
C GLN A 68 5.58 -14.24 15.52
N GLU A 69 5.48 -13.04 15.01
CA GLU A 69 6.20 -12.69 13.76
C GLU A 69 6.10 -13.85 12.76
N GLU A 70 4.98 -14.52 12.73
CA GLU A 70 4.83 -15.66 11.78
C GLU A 70 5.06 -15.17 10.35
N PRO A 71 5.53 -16.06 9.52
CA PRO A 71 5.80 -15.75 8.10
C PRO A 71 4.50 -15.74 7.30
N GLY A 72 4.02 -16.90 6.91
CA GLY A 72 2.77 -16.96 6.12
C GLY A 72 1.71 -16.07 6.77
N LYS A 73 1.79 -15.88 8.07
CA LYS A 73 0.79 -15.02 8.76
C LYS A 73 1.43 -13.68 9.10
N GLY A 74 1.73 -12.87 8.12
CA GLY A 74 2.35 -11.56 8.40
C GLY A 74 1.37 -10.67 9.16
N SER A 75 1.43 -9.38 8.94
CA SER A 75 0.50 -8.47 9.66
C SER A 75 -0.55 -7.91 8.68
N PHE A 76 -1.58 -7.30 9.18
CA PHE A 76 -2.62 -6.73 8.28
C PHE A 76 -2.57 -5.20 8.31
N TRP A 77 -2.59 -4.54 7.17
CA TRP A 77 -2.53 -3.05 7.18
C TRP A 77 -3.91 -2.51 6.81
N ARG A 78 -4.66 -2.06 7.78
CA ARG A 78 -6.01 -1.52 7.45
C ARG A 78 -6.03 -0.02 7.71
N ILE A 79 -6.94 0.69 7.10
CA ILE A 79 -6.97 2.15 7.32
C ILE A 79 -8.07 2.53 8.30
N ASP A 80 -7.84 3.55 9.07
CA ASP A 80 -8.85 4.00 10.07
C ASP A 80 -9.97 4.76 9.35
N PRO A 81 -10.98 5.12 10.10
CA PRO A 81 -12.13 5.86 9.56
C PRO A 81 -11.77 7.33 9.31
N ALA A 82 -10.64 7.74 9.78
CA ALA A 82 -10.20 9.14 9.57
C ALA A 82 -8.73 9.11 9.15
N SER A 83 -8.42 8.33 8.15
CA SER A 83 -7.00 8.23 7.70
C SER A 83 -6.97 8.08 6.19
N GLU A 84 -7.70 7.14 5.67
CA GLU A 84 -7.71 6.94 4.18
C GLU A 84 -7.94 8.29 3.50
N SER A 85 -9.08 8.88 3.70
CA SER A 85 -9.38 10.20 3.07
C SER A 85 -8.14 11.10 3.02
N LYS A 86 -7.20 10.91 3.91
CA LYS A 86 -5.98 11.77 3.90
C LYS A 86 -4.95 11.22 2.89
N LEU A 87 -4.69 9.94 2.93
CA LEU A 87 -3.68 9.34 1.98
C LEU A 87 -4.24 9.24 0.57
N ILE A 88 -5.53 9.14 0.43
CA ILE A 88 -6.10 9.05 -0.95
C ILE A 88 -5.92 10.42 -1.58
N GLU A 89 -5.73 11.43 -0.75
CA GLU A 89 -5.51 12.78 -1.27
C GLU A 89 -4.09 12.86 -1.81
N GLN A 90 -3.19 12.09 -1.26
CA GLN A 90 -1.79 12.12 -1.75
C GLN A 90 -1.55 10.93 -2.69
N ALA A 91 -2.48 10.01 -2.74
CA ALA A 91 -2.29 8.83 -3.65
C ALA A 91 -2.93 9.13 -5.01
N PHE A 92 -4.13 9.63 -5.02
CA PHE A 92 -4.79 9.94 -6.32
C PHE A 92 -4.07 11.13 -6.97
N ARG A 93 -3.49 11.99 -6.17
CA ARG A 93 -2.77 13.17 -6.74
C ARG A 93 -1.26 12.91 -6.68
N LYS A 94 -0.69 12.43 -7.75
CA LYS A 94 0.77 12.16 -7.74
C LYS A 94 1.54 13.46 -7.46
N ARG A 95 2.82 13.37 -7.29
CA ARG A 95 3.62 14.59 -7.02
C ARG A 95 3.49 15.55 -8.21
N ARG A 96 4.10 16.71 -8.13
CA ARG A 96 3.99 17.68 -9.26
C ARG A 96 5.37 18.27 -9.56
N PRO A 97 6.18 17.50 -10.24
CA PRO A 97 7.55 17.90 -10.61
C PRO A 97 7.51 18.82 -11.84
N ARG A 98 7.08 20.04 -11.67
CA ARG A 98 7.02 20.98 -12.83
C ARG A 98 8.43 21.16 -13.41
N ASP A 1 2.77 3.05 -21.04
CA ASP A 1 1.98 4.16 -20.44
C ASP A 1 2.19 4.19 -18.93
N SER A 2 2.03 3.06 -18.28
CA SER A 2 2.21 3.02 -16.80
C SER A 2 3.61 2.49 -16.47
N LYS A 3 4.62 3.03 -17.11
CA LYS A 3 6.01 2.56 -16.84
C LYS A 3 6.51 3.11 -15.49
N PRO A 4 6.25 4.36 -15.22
CA PRO A 4 6.70 5.00 -13.96
C PRO A 4 5.74 4.62 -12.82
N PRO A 5 6.30 4.34 -11.68
CA PRO A 5 5.52 3.96 -10.49
C PRO A 5 4.92 5.19 -9.82
N TYR A 6 4.33 5.02 -8.67
CA TYR A 6 3.76 6.18 -7.95
C TYR A 6 4.62 6.41 -6.71
N SER A 7 4.16 7.17 -5.76
CA SER A 7 4.99 7.36 -4.56
C SER A 7 4.82 6.13 -3.68
N TYR A 8 5.78 5.82 -2.87
CA TYR A 8 5.64 4.62 -2.01
C TYR A 8 4.55 4.87 -0.96
N ALA A 9 4.06 6.08 -0.89
CA ALA A 9 2.99 6.38 0.10
C ALA A 9 1.63 6.31 -0.60
N GLN A 10 1.61 6.24 -1.90
CA GLN A 10 0.32 6.17 -2.64
C GLN A 10 0.02 4.72 -3.06
N LEU A 11 1.05 3.98 -3.41
CA LEU A 11 0.82 2.57 -3.86
C LEU A 11 0.13 1.77 -2.76
N ILE A 12 0.07 2.31 -1.56
CA ILE A 12 -0.62 1.59 -0.46
C ILE A 12 -2.05 2.11 -0.41
N VAL A 13 -2.18 3.39 -0.60
CA VAL A 13 -3.51 4.05 -0.59
C VAL A 13 -4.45 3.41 -1.63
N GLN A 14 -4.01 3.33 -2.85
CA GLN A 14 -4.85 2.77 -3.93
C GLN A 14 -5.20 1.30 -3.67
N ALA A 15 -4.60 0.70 -2.66
CA ALA A 15 -4.92 -0.72 -2.37
C ALA A 15 -5.95 -0.80 -1.25
N ILE A 16 -5.98 0.17 -0.38
CA ILE A 16 -6.96 0.15 0.74
C ILE A 16 -8.33 0.58 0.20
N THR A 17 -8.47 1.81 -0.20
CA THR A 17 -9.78 2.28 -0.73
C THR A 17 -10.34 1.23 -1.71
N MET A 18 -9.55 0.80 -2.64
CA MET A 18 -10.04 -0.22 -3.61
C MET A 18 -10.28 -1.55 -2.87
N ALA A 19 -9.44 -1.87 -1.93
CA ALA A 19 -9.61 -3.14 -1.17
C ALA A 19 -11.07 -3.24 -0.69
N PRO A 20 -11.44 -4.42 -0.27
CA PRO A 20 -12.81 -4.69 0.22
C PRO A 20 -12.99 -4.16 1.64
N ASP A 21 -13.67 -3.05 1.78
CA ASP A 21 -13.92 -2.44 3.13
C ASP A 21 -12.77 -1.51 3.49
N LYS A 22 -11.94 -1.16 2.55
CA LYS A 22 -10.80 -0.25 2.86
C LYS A 22 -9.81 -0.98 3.77
N GLN A 23 -9.75 -2.28 3.66
CA GLN A 23 -8.81 -3.06 4.51
C GLN A 23 -8.07 -4.06 3.62
N LEU A 24 -6.82 -4.29 3.87
CA LEU A 24 -6.09 -5.26 3.02
C LEU A 24 -4.83 -5.76 3.71
N THR A 25 -4.16 -6.72 3.12
CA THR A 25 -2.93 -7.26 3.74
C THR A 25 -1.70 -6.74 3.01
N LEU A 26 -0.58 -6.66 3.66
CA LEU A 26 0.66 -6.16 3.00
C LEU A 26 0.74 -6.72 1.58
N ASN A 27 0.18 -7.87 1.38
CA ASN A 27 0.17 -8.50 0.03
C ASN A 27 -0.84 -7.79 -0.89
N GLY A 28 -1.21 -6.59 -0.57
CA GLY A 28 -2.18 -5.84 -1.39
C GLY A 28 -1.42 -4.86 -2.28
N ILE A 29 -0.64 -3.98 -1.70
CA ILE A 29 0.10 -3.02 -2.53
C ILE A 29 0.89 -3.79 -3.59
N TYR A 30 1.57 -4.83 -3.21
CA TYR A 30 2.35 -5.61 -4.20
C TYR A 30 1.41 -6.23 -5.24
N THR A 31 0.38 -6.91 -4.80
CA THR A 31 -0.56 -7.55 -5.77
C THR A 31 -1.54 -6.52 -6.32
N HIS A 32 -1.36 -5.27 -5.97
CA HIS A 32 -2.29 -4.23 -6.49
C HIS A 32 -1.58 -3.47 -7.60
N ILE A 33 -0.55 -2.75 -7.25
CA ILE A 33 0.21 -1.99 -8.27
C ILE A 33 0.38 -2.85 -9.52
N THR A 34 0.59 -4.13 -9.36
CA THR A 34 0.75 -5.01 -10.54
C THR A 34 -0.50 -4.90 -11.41
N LYS A 35 -1.66 -5.11 -10.83
CA LYS A 35 -2.92 -5.00 -11.62
C LYS A 35 -3.02 -3.59 -12.19
N ASN A 36 -2.31 -2.65 -11.61
CA ASN A 36 -2.37 -1.25 -12.12
C ASN A 36 -1.49 -1.12 -13.37
N TYR A 37 -0.20 -0.94 -13.17
CA TYR A 37 0.71 -0.80 -14.35
C TYR A 37 0.88 -2.19 -15.00
N PRO A 38 1.55 -2.25 -16.13
CA PRO A 38 1.76 -3.52 -16.86
C PRO A 38 2.85 -4.36 -16.19
N TYR A 39 4.08 -3.92 -16.27
CA TYR A 39 5.19 -4.70 -15.65
C TYR A 39 5.53 -4.14 -14.26
N TYR A 40 5.88 -4.98 -13.31
CA TYR A 40 6.22 -4.48 -11.95
C TYR A 40 6.14 -5.64 -10.94
N ARG A 41 6.97 -6.62 -11.09
CA ARG A 41 6.93 -7.77 -10.13
C ARG A 41 8.14 -8.68 -10.37
N THR A 42 8.26 -9.23 -11.54
CA THR A 42 9.41 -10.13 -11.83
C THR A 42 10.48 -9.35 -12.59
N ALA A 43 10.82 -8.18 -12.12
CA ALA A 43 11.86 -7.37 -12.82
C ALA A 43 12.42 -6.32 -11.86
N ASP A 44 11.58 -5.74 -11.05
CA ASP A 44 12.07 -4.69 -10.10
C ASP A 44 11.68 -5.09 -8.67
N LYS A 45 12.63 -5.50 -7.88
CA LYS A 45 12.31 -5.91 -6.48
C LYS A 45 12.65 -4.76 -5.53
N GLY A 46 13.02 -3.62 -6.05
CA GLY A 46 13.37 -2.47 -5.18
C GLY A 46 12.09 -1.82 -4.64
N TRP A 47 10.97 -2.09 -5.26
CA TRP A 47 9.69 -1.49 -4.78
C TRP A 47 8.96 -2.48 -3.88
N GLN A 48 9.50 -3.66 -3.69
CA GLN A 48 8.83 -4.66 -2.82
C GLN A 48 8.83 -4.16 -1.37
N ASN A 49 9.93 -4.28 -0.69
CA ASN A 49 10.00 -3.81 0.72
C ASN A 49 9.77 -2.30 0.78
N SER A 50 9.84 -1.64 -0.34
CA SER A 50 9.64 -0.17 -0.35
C SER A 50 8.24 0.17 0.15
N ILE A 51 7.28 -0.69 -0.07
CA ILE A 51 5.89 -0.41 0.40
C ILE A 51 5.79 -0.66 1.90
N ARG A 52 6.24 -1.80 2.36
CA ARG A 52 6.16 -2.08 3.81
C ARG A 52 6.82 -0.95 4.59
N HIS A 53 7.67 -0.19 3.94
CA HIS A 53 8.35 0.94 4.64
C HIS A 53 7.37 2.10 4.84
N ASN A 54 6.50 2.32 3.88
CA ASN A 54 5.52 3.44 4.01
C ASN A 54 4.28 2.94 4.73
N LEU A 55 4.35 1.76 5.30
CA LEU A 55 3.16 1.22 6.03
C LEU A 55 3.37 1.45 7.53
N SER A 56 4.60 1.67 7.92
CA SER A 56 4.91 1.93 9.35
C SER A 56 5.07 3.44 9.55
N LEU A 57 6.02 4.04 8.87
CA LEU A 57 6.21 5.51 9.01
C LEU A 57 4.85 6.17 8.78
N ASN A 58 4.16 5.77 7.74
CA ASN A 58 2.82 6.34 7.47
C ASN A 58 1.81 5.51 8.25
N ARG A 59 1.42 5.94 9.42
CA ARG A 59 0.45 5.15 10.23
C ARG A 59 -0.94 5.22 9.63
N TYR A 60 -1.09 5.89 8.50
CA TYR A 60 -2.43 5.96 7.85
C TYR A 60 -3.08 4.59 7.92
N PHE A 61 -2.27 3.58 7.82
CA PHE A 61 -2.77 2.18 7.85
C PHE A 61 -2.39 1.55 9.18
N ILE A 62 -3.33 1.49 10.08
CA ILE A 62 -3.04 0.91 11.40
C ILE A 62 -3.04 -0.61 11.30
N LYS A 63 -1.90 -1.18 11.00
CA LYS A 63 -1.84 -2.67 10.89
C LYS A 63 -1.83 -3.28 12.28
N VAL A 64 -2.69 -4.24 12.51
CA VAL A 64 -2.74 -4.90 13.84
C VAL A 64 -1.83 -6.12 13.86
N PRO A 65 -1.30 -6.42 15.02
CA PRO A 65 -0.40 -7.56 15.21
C PRO A 65 -1.20 -8.86 15.32
N ARG A 66 -0.54 -9.99 15.23
CA ARG A 66 -1.27 -11.28 15.33
C ARG A 66 -1.43 -11.66 16.80
N SER A 67 -1.42 -12.93 17.10
CA SER A 67 -1.57 -13.36 18.53
C SER A 67 -0.55 -12.61 19.39
N GLN A 68 0.65 -13.10 19.49
CA GLN A 68 1.68 -12.41 20.31
C GLN A 68 2.78 -11.88 19.40
N GLU A 69 2.47 -10.87 18.63
CA GLU A 69 3.50 -10.29 17.71
C GLU A 69 4.30 -11.41 17.06
N GLU A 70 3.90 -11.85 15.90
CA GLU A 70 4.65 -12.94 15.21
C GLU A 70 4.95 -12.52 13.77
N PRO A 71 6.19 -12.21 13.52
CA PRO A 71 6.63 -11.77 12.18
C PRO A 71 6.74 -12.96 11.23
N GLY A 72 6.39 -12.79 9.99
CA GLY A 72 6.48 -13.90 9.02
C GLY A 72 5.11 -14.11 8.36
N LYS A 73 4.05 -13.89 9.09
CA LYS A 73 2.69 -14.08 8.50
C LYS A 73 1.64 -13.60 9.50
N GLY A 74 1.41 -12.32 9.58
CA GLY A 74 0.39 -11.80 10.54
C GLY A 74 0.43 -10.27 10.54
N SER A 75 0.41 -9.65 9.39
CA SER A 75 0.43 -8.17 9.33
C SER A 75 -0.65 -7.67 8.36
N PHE A 76 -1.71 -7.11 8.88
CA PHE A 76 -2.79 -6.61 8.00
C PHE A 76 -2.86 -5.09 8.11
N TRP A 77 -2.74 -4.37 7.01
CA TRP A 77 -2.80 -2.88 7.12
C TRP A 77 -4.24 -2.40 6.97
N ARG A 78 -4.81 -1.91 8.04
CA ARG A 78 -6.22 -1.43 7.99
C ARG A 78 -6.23 0.11 7.94
N ILE A 79 -7.09 0.67 7.13
CA ILE A 79 -7.16 2.15 7.04
C ILE A 79 -7.97 2.68 8.23
N ASP A 80 -7.51 3.71 8.88
CA ASP A 80 -8.29 4.25 10.03
C ASP A 80 -9.45 5.10 9.52
N PRO A 81 -10.39 5.36 10.38
CA PRO A 81 -11.58 6.17 10.04
C PRO A 81 -11.20 7.65 9.95
N ALA A 82 -9.97 7.96 10.21
CA ALA A 82 -9.52 9.36 10.13
C ALA A 82 -8.18 9.40 9.38
N SER A 83 -8.02 8.56 8.40
CA SER A 83 -6.74 8.53 7.64
C SER A 83 -7.04 8.28 6.18
N GLU A 84 -7.79 7.26 5.89
CA GLU A 84 -8.12 6.92 4.48
C GLU A 84 -8.39 8.20 3.67
N SER A 85 -9.55 8.77 3.79
CA SER A 85 -9.88 10.01 3.01
C SER A 85 -8.63 10.90 2.83
N LYS A 86 -7.74 10.86 3.77
CA LYS A 86 -6.50 11.70 3.65
C LYS A 86 -5.54 11.08 2.62
N LEU A 87 -5.23 9.81 2.74
CA LEU A 87 -4.29 9.17 1.77
C LEU A 87 -4.96 9.03 0.40
N ILE A 88 -6.16 8.52 0.35
CA ILE A 88 -6.83 8.39 -0.98
C ILE A 88 -6.76 9.75 -1.68
N GLU A 89 -6.65 10.80 -0.92
CA GLU A 89 -6.58 12.16 -1.52
C GLU A 89 -5.18 12.41 -2.07
N GLN A 90 -4.16 11.94 -1.39
CA GLN A 90 -2.78 12.17 -1.88
C GLN A 90 -2.36 11.02 -2.80
N ALA A 91 -3.19 10.02 -2.95
CA ALA A 91 -2.83 8.87 -3.83
C ALA A 91 -3.50 9.01 -5.20
N PHE A 92 -4.73 9.46 -5.21
CA PHE A 92 -5.44 9.62 -6.52
C PHE A 92 -4.92 10.86 -7.25
N ARG A 93 -3.99 11.56 -6.66
CA ARG A 93 -3.45 12.78 -7.34
C ARG A 93 -1.92 12.80 -7.19
N LYS A 94 -1.22 12.39 -8.19
CA LYS A 94 0.28 12.38 -8.11
C LYS A 94 0.78 13.81 -7.86
N ARG A 95 2.06 13.94 -7.61
CA ARG A 95 2.63 15.30 -7.36
C ARG A 95 2.99 15.95 -8.69
N ARG A 96 3.64 17.09 -8.65
CA ARG A 96 4.03 17.76 -9.93
C ARG A 96 4.79 19.05 -9.62
N PRO A 97 6.09 18.93 -9.50
CA PRO A 97 6.97 20.06 -9.21
C PRO A 97 7.20 20.88 -10.48
N ARG A 98 8.04 21.89 -10.41
CA ARG A 98 8.31 22.72 -11.61
C ARG A 98 7.02 23.43 -12.06
N ASP A 1 2.40 0.71 -22.37
CA ASP A 1 3.44 -0.24 -21.91
C ASP A 1 4.56 0.52 -21.20
N SER A 2 4.27 1.11 -20.07
CA SER A 2 5.32 1.87 -19.34
C SER A 2 4.96 1.94 -17.85
N LYS A 3 4.98 0.83 -17.17
CA LYS A 3 4.64 0.82 -15.72
C LYS A 3 5.16 2.08 -15.02
N PRO A 4 4.28 3.05 -14.85
CA PRO A 4 4.62 4.31 -14.19
C PRO A 4 4.62 4.11 -12.66
N PRO A 5 5.75 4.32 -12.04
CA PRO A 5 5.91 4.16 -10.58
C PRO A 5 5.30 5.35 -9.84
N TYR A 6 4.81 5.14 -8.65
CA TYR A 6 4.24 6.27 -7.87
C TYR A 6 5.02 6.42 -6.59
N SER A 7 4.58 7.24 -5.68
CA SER A 7 5.33 7.37 -4.40
C SER A 7 4.98 6.17 -3.53
N TYR A 8 5.89 5.73 -2.72
CA TYR A 8 5.61 4.54 -1.87
C TYR A 8 4.55 4.87 -0.81
N ALA A 9 4.11 6.11 -0.76
CA ALA A 9 3.07 6.49 0.23
C ALA A 9 1.70 6.37 -0.42
N GLN A 10 1.65 6.32 -1.73
CA GLN A 10 0.34 6.21 -2.45
C GLN A 10 0.13 4.76 -2.87
N LEU A 11 1.17 4.11 -3.31
CA LEU A 11 1.03 2.68 -3.76
C LEU A 11 0.27 1.87 -2.71
N ILE A 12 0.16 2.36 -1.50
CA ILE A 12 -0.59 1.61 -0.46
C ILE A 12 -2.00 2.14 -0.45
N VAL A 13 -2.12 3.43 -0.46
CA VAL A 13 -3.47 4.06 -0.46
C VAL A 13 -4.33 3.43 -1.55
N GLN A 14 -4.01 3.70 -2.79
CA GLN A 14 -4.79 3.14 -3.92
C GLN A 14 -5.20 1.69 -3.64
N ALA A 15 -4.45 0.98 -2.84
CA ALA A 15 -4.81 -0.44 -2.55
C ALA A 15 -5.92 -0.52 -1.50
N ILE A 16 -5.74 0.11 -0.36
CA ILE A 16 -6.79 0.06 0.70
C ILE A 16 -8.07 0.75 0.20
N THR A 17 -7.96 1.97 -0.24
CA THR A 17 -9.17 2.69 -0.74
C THR A 17 -9.84 1.87 -1.84
N MET A 18 -9.12 1.57 -2.89
CA MET A 18 -9.72 0.79 -4.01
C MET A 18 -10.27 -0.54 -3.45
N ALA A 19 -9.69 -1.04 -2.40
CA ALA A 19 -10.19 -2.32 -1.82
C ALA A 19 -11.58 -2.09 -1.23
N PRO A 20 -12.46 -3.04 -1.44
CA PRO A 20 -13.85 -2.95 -0.95
C PRO A 20 -13.91 -3.29 0.54
N ASP A 21 -12.93 -3.97 1.05
CA ASP A 21 -12.94 -4.32 2.50
C ASP A 21 -12.27 -3.22 3.30
N LYS A 22 -11.82 -2.18 2.67
CA LYS A 22 -11.15 -1.07 3.41
C LYS A 22 -10.04 -1.66 4.28
N GLN A 23 -9.57 -2.83 3.92
CA GLN A 23 -8.49 -3.50 4.70
C GLN A 23 -7.55 -4.16 3.69
N LEU A 24 -6.26 -4.00 3.87
CA LEU A 24 -5.32 -4.62 2.89
C LEU A 24 -4.00 -4.98 3.57
N THR A 25 -3.38 -6.03 3.13
CA THR A 25 -2.07 -6.40 3.72
C THR A 25 -1.01 -5.51 3.09
N LEU A 26 0.19 -5.51 3.59
CA LEU A 26 1.20 -4.63 2.96
C LEU A 26 1.55 -5.22 1.59
N ASN A 27 1.15 -6.44 1.36
CA ASN A 27 1.42 -7.08 0.05
C ASN A 27 0.29 -6.72 -0.91
N GLY A 28 -0.82 -6.25 -0.40
CA GLY A 28 -1.94 -5.87 -1.28
C GLY A 28 -1.39 -4.94 -2.36
N ILE A 29 -0.48 -4.07 -1.98
CA ILE A 29 0.11 -3.16 -2.99
C ILE A 29 0.73 -3.98 -4.11
N TYR A 30 1.45 -5.04 -3.78
CA TYR A 30 2.07 -5.87 -4.85
C TYR A 30 0.98 -6.49 -5.73
N THR A 31 0.02 -7.14 -5.14
CA THR A 31 -1.06 -7.78 -5.94
C THR A 31 -2.00 -6.72 -6.52
N HIS A 32 -1.72 -5.47 -6.29
CA HIS A 32 -2.62 -4.41 -6.83
C HIS A 32 -1.96 -3.83 -8.07
N ILE A 33 -0.79 -3.29 -7.90
CA ILE A 33 -0.05 -2.70 -9.04
C ILE A 33 0.16 -3.77 -10.12
N THR A 34 0.47 -4.98 -9.73
CA THR A 34 0.69 -6.06 -10.73
C THR A 34 -0.64 -6.42 -11.38
N LYS A 35 -1.71 -6.33 -10.64
CA LYS A 35 -3.04 -6.66 -11.21
C LYS A 35 -3.34 -5.72 -12.39
N ASN A 36 -2.95 -4.48 -12.28
CA ASN A 36 -3.20 -3.51 -13.38
C ASN A 36 -1.92 -3.31 -14.20
N TYR A 37 -0.94 -2.67 -13.63
CA TYR A 37 0.33 -2.43 -14.36
C TYR A 37 0.85 -3.76 -14.94
N PRO A 38 1.81 -3.70 -15.85
CA PRO A 38 2.36 -4.93 -16.49
C PRO A 38 3.26 -5.70 -15.52
N TYR A 39 4.55 -5.46 -15.56
CA TYR A 39 5.48 -6.22 -14.68
C TYR A 39 5.89 -5.37 -13.46
N TYR A 40 6.53 -5.99 -12.50
CA TYR A 40 6.97 -5.24 -11.28
C TYR A 40 7.40 -6.24 -10.20
N ARG A 41 6.52 -7.14 -9.84
CA ARG A 41 6.87 -8.15 -8.80
C ARG A 41 7.57 -9.33 -9.46
N THR A 42 8.70 -9.10 -10.08
CA THR A 42 9.42 -10.23 -10.74
C THR A 42 10.93 -9.97 -10.69
N ALA A 43 11.38 -8.93 -11.34
CA ALA A 43 12.85 -8.62 -11.32
C ALA A 43 13.08 -7.24 -10.73
N ASP A 44 12.17 -6.78 -9.91
CA ASP A 44 12.35 -5.43 -9.30
C ASP A 44 12.11 -5.51 -7.79
N LYS A 45 13.15 -5.60 -7.02
CA LYS A 45 12.98 -5.71 -5.53
C LYS A 45 13.16 -4.32 -4.90
N GLY A 46 12.86 -3.29 -5.62
CA GLY A 46 13.02 -1.91 -5.06
C GLY A 46 11.70 -1.46 -4.42
N TRP A 47 10.67 -1.32 -5.20
CA TRP A 47 9.37 -0.88 -4.64
C TRP A 47 8.78 -2.00 -3.79
N GLN A 48 9.22 -3.21 -4.01
CA GLN A 48 8.69 -4.36 -3.21
C GLN A 48 8.70 -4.01 -1.73
N ASN A 49 9.85 -4.08 -1.11
CA ASN A 49 9.93 -3.76 0.35
C ASN A 49 9.58 -2.29 0.58
N SER A 50 9.55 -1.50 -0.45
CA SER A 50 9.20 -0.05 -0.28
C SER A 50 7.79 0.08 0.31
N ILE A 51 6.88 -0.76 -0.10
CA ILE A 51 5.49 -0.69 0.42
C ILE A 51 5.51 -0.97 1.94
N ARG A 52 5.76 -2.19 2.36
CA ARG A 52 5.80 -2.47 3.82
C ARG A 52 6.53 -1.34 4.55
N HIS A 53 7.46 -0.71 3.88
CA HIS A 53 8.23 0.41 4.53
C HIS A 53 7.31 1.61 4.76
N ASN A 54 6.53 1.97 3.77
CA ASN A 54 5.61 3.13 3.93
C ASN A 54 4.34 2.67 4.66
N LEU A 55 4.35 1.48 5.19
CA LEU A 55 3.15 0.98 5.92
C LEU A 55 3.29 1.31 7.40
N SER A 56 4.47 1.68 7.82
CA SER A 56 4.70 2.04 9.24
C SER A 56 4.72 3.57 9.40
N LEU A 57 5.69 4.22 8.82
CA LEU A 57 5.75 5.71 8.93
C LEU A 57 4.35 6.27 8.67
N ASN A 58 3.76 5.94 7.57
CA ASN A 58 2.39 6.42 7.28
C ASN A 58 1.41 5.58 8.11
N ARG A 59 1.16 5.98 9.32
CA ARG A 59 0.26 5.19 10.21
C ARG A 59 -1.17 5.22 9.69
N TYR A 60 -1.44 5.90 8.60
CA TYR A 60 -2.82 5.91 8.03
C TYR A 60 -3.38 4.51 8.13
N PHE A 61 -2.53 3.56 7.88
CA PHE A 61 -2.93 2.13 7.91
C PHE A 61 -2.61 1.57 9.27
N ILE A 62 -3.58 1.51 10.13
CA ILE A 62 -3.36 1.01 11.50
C ILE A 62 -3.29 -0.52 11.49
N LYS A 63 -2.12 -1.04 11.27
CA LYS A 63 -1.98 -2.52 11.26
C LYS A 63 -1.87 -3.02 12.69
N VAL A 64 -2.13 -4.28 12.90
CA VAL A 64 -2.04 -4.84 14.28
C VAL A 64 -1.01 -5.98 14.31
N PRO A 65 -0.05 -5.88 15.21
CA PRO A 65 1.00 -6.89 15.35
C PRO A 65 0.46 -8.12 16.09
N ARG A 66 0.09 -9.15 15.37
CA ARG A 66 -0.43 -10.38 16.03
C ARG A 66 0.45 -11.57 15.67
N SER A 67 1.52 -11.34 14.95
CA SER A 67 2.42 -12.47 14.56
C SER A 67 2.88 -13.20 15.82
N GLN A 68 3.90 -14.00 15.71
CA GLN A 68 4.40 -14.75 16.89
C GLN A 68 5.55 -13.97 17.55
N GLU A 69 5.27 -13.27 18.62
CA GLU A 69 6.33 -12.49 19.32
C GLU A 69 7.25 -11.82 18.29
N GLU A 70 6.69 -11.35 17.21
CA GLU A 70 7.53 -10.70 16.16
C GLU A 70 6.76 -9.50 15.58
N PRO A 71 7.00 -8.34 16.12
CA PRO A 71 6.35 -7.10 15.68
C PRO A 71 6.98 -6.59 14.39
N GLY A 72 8.28 -6.64 14.29
CA GLY A 72 8.96 -6.15 13.05
C GLY A 72 8.31 -6.77 11.82
N LYS A 73 7.75 -7.95 11.96
CA LYS A 73 7.10 -8.60 10.78
C LYS A 73 5.86 -7.83 10.38
N GLY A 74 4.72 -8.17 10.92
CA GLY A 74 3.47 -7.45 10.57
C GLY A 74 2.34 -8.47 10.39
N SER A 75 1.12 -8.00 10.26
CA SER A 75 -0.02 -8.95 10.08
C SER A 75 -1.04 -8.37 9.09
N PHE A 76 -1.29 -7.09 9.14
CA PHE A 76 -2.27 -6.48 8.20
C PHE A 76 -2.39 -4.99 8.47
N TRP A 77 -2.32 -4.18 7.44
CA TRP A 77 -2.45 -2.70 7.64
C TRP A 77 -3.84 -2.28 7.19
N ARG A 78 -4.69 -1.89 8.11
CA ARG A 78 -6.06 -1.49 7.71
C ARG A 78 -6.20 0.03 7.76
N ILE A 79 -7.14 0.58 7.05
CA ILE A 79 -7.31 2.05 7.06
C ILE A 79 -8.26 2.45 8.18
N ASP A 80 -7.88 3.41 8.96
CA ASP A 80 -8.77 3.85 10.08
C ASP A 80 -9.88 4.75 9.52
N PRO A 81 -10.90 4.94 10.31
CA PRO A 81 -12.04 5.78 9.92
C PRO A 81 -11.68 7.26 10.04
N ALA A 82 -10.45 7.54 10.38
CA ALA A 82 -10.03 8.95 10.53
C ALA A 82 -8.69 9.15 9.81
N SER A 83 -8.31 8.24 8.95
CA SER A 83 -7.02 8.38 8.24
C SER A 83 -7.28 8.34 6.74
N GLU A 84 -7.72 7.22 6.24
CA GLU A 84 -8.00 7.02 4.78
C GLU A 84 -8.21 8.36 4.03
N SER A 85 -9.38 8.91 4.14
CA SER A 85 -9.74 10.19 3.42
C SER A 85 -8.52 11.08 3.12
N LYS A 86 -7.51 11.06 3.93
CA LYS A 86 -6.32 11.91 3.66
C LYS A 86 -5.36 11.18 2.68
N LEU A 87 -5.04 9.94 2.95
CA LEU A 87 -4.11 9.18 2.05
C LEU A 87 -4.76 9.01 0.68
N ILE A 88 -6.06 9.04 0.60
CA ILE A 88 -6.71 8.90 -0.74
C ILE A 88 -6.54 10.24 -1.46
N GLU A 89 -6.36 11.29 -0.72
CA GLU A 89 -6.16 12.62 -1.33
C GLU A 89 -4.66 12.84 -1.51
N GLN A 90 -3.85 12.06 -0.83
CA GLN A 90 -2.38 12.22 -0.95
C GLN A 90 -1.87 11.19 -1.95
N ALA A 91 -2.65 10.19 -2.25
CA ALA A 91 -2.20 9.15 -3.22
C ALA A 91 -2.78 9.45 -4.61
N PHE A 92 -4.04 9.78 -4.68
CA PHE A 92 -4.64 10.09 -6.01
C PHE A 92 -3.79 11.19 -6.67
N ARG A 93 -3.04 11.92 -5.88
CA ARG A 93 -2.20 13.00 -6.45
C ARG A 93 -1.13 12.38 -7.33
N LYS A 94 0.00 13.03 -7.44
CA LYS A 94 1.09 12.50 -8.30
C LYS A 94 2.41 12.59 -7.53
N ARG A 95 3.48 12.13 -8.14
CA ARG A 95 4.80 12.18 -7.45
C ARG A 95 5.09 13.63 -7.05
N ARG A 96 6.06 13.84 -6.20
CA ARG A 96 6.39 15.22 -5.77
C ARG A 96 6.87 16.03 -6.98
N PRO A 97 7.86 15.51 -7.66
CA PRO A 97 8.43 16.15 -8.85
C PRO A 97 7.53 15.92 -10.06
N ARG A 98 7.93 16.36 -11.23
CA ARG A 98 7.09 16.17 -12.43
C ARG A 98 7.92 15.51 -13.54
N ASP A 1 4.50 1.09 -20.36
CA ASP A 1 3.83 -0.06 -19.70
C ASP A 1 3.98 0.08 -18.19
N SER A 2 4.99 -0.51 -17.63
CA SER A 2 5.19 -0.42 -16.16
C SER A 2 6.52 0.28 -15.88
N LYS A 3 6.82 1.31 -16.61
CA LYS A 3 8.11 2.02 -16.39
C LYS A 3 7.96 3.12 -15.35
N PRO A 4 6.93 3.93 -15.49
CA PRO A 4 6.65 5.04 -14.55
C PRO A 4 5.91 4.55 -13.31
N PRO A 5 6.59 4.53 -12.19
CA PRO A 5 6.01 4.08 -10.91
C PRO A 5 5.29 5.24 -10.23
N TYR A 6 4.76 5.02 -9.05
CA TYR A 6 4.08 6.12 -8.32
C TYR A 6 4.85 6.35 -7.04
N SER A 7 4.31 7.07 -6.10
CA SER A 7 5.07 7.27 -4.85
C SER A 7 4.93 5.98 -4.02
N TYR A 8 5.89 5.68 -3.21
CA TYR A 8 5.79 4.43 -2.41
C TYR A 8 4.71 4.59 -1.34
N ALA A 9 4.13 5.76 -1.24
CA ALA A 9 3.07 5.96 -0.23
C ALA A 9 1.70 5.85 -0.91
N GLN A 10 1.63 6.08 -2.19
CA GLN A 10 0.32 5.98 -2.89
C GLN A 10 0.01 4.52 -3.23
N LEU A 11 1.02 3.77 -3.59
CA LEU A 11 0.80 2.33 -3.93
C LEU A 11 0.10 1.59 -2.79
N ILE A 12 -0.03 2.22 -1.65
CA ILE A 12 -0.72 1.54 -0.52
C ILE A 12 -2.13 2.11 -0.44
N VAL A 13 -2.23 3.38 -0.68
CA VAL A 13 -3.57 4.05 -0.64
C VAL A 13 -4.50 3.46 -1.69
N GLN A 14 -4.06 3.41 -2.93
CA GLN A 14 -4.94 2.87 -4.01
C GLN A 14 -5.28 1.39 -3.77
N ALA A 15 -4.75 0.78 -2.74
CA ALA A 15 -5.06 -0.64 -2.47
C ALA A 15 -6.10 -0.74 -1.35
N ILE A 16 -5.88 -0.02 -0.28
CA ILE A 16 -6.84 -0.04 0.86
C ILE A 16 -8.09 0.76 0.48
N THR A 17 -7.92 1.99 0.06
CA THR A 17 -9.10 2.82 -0.31
C THR A 17 -9.79 2.18 -1.50
N MET A 18 -9.07 1.40 -2.26
CA MET A 18 -9.68 0.73 -3.44
C MET A 18 -10.30 -0.59 -3.01
N ALA A 19 -9.81 -1.17 -1.96
CA ALA A 19 -10.38 -2.46 -1.49
C ALA A 19 -11.81 -2.23 -1.00
N PRO A 20 -12.68 -3.15 -1.32
CA PRO A 20 -14.10 -3.06 -0.93
C PRO A 20 -14.29 -3.46 0.53
N ASP A 21 -13.22 -3.74 1.22
CA ASP A 21 -13.36 -4.13 2.65
C ASP A 21 -12.74 -3.04 3.53
N LYS A 22 -12.01 -2.14 2.95
CA LYS A 22 -11.39 -1.06 3.76
C LYS A 22 -10.21 -1.64 4.55
N GLN A 23 -9.83 -2.85 4.22
CA GLN A 23 -8.69 -3.49 4.93
C GLN A 23 -7.84 -4.20 3.88
N LEU A 24 -6.56 -4.26 4.08
CA LEU A 24 -5.70 -4.92 3.05
C LEU A 24 -4.43 -5.44 3.71
N THR A 25 -3.95 -6.56 3.25
CA THR A 25 -2.69 -7.11 3.82
C THR A 25 -1.52 -6.34 3.20
N LEU A 26 -0.36 -6.44 3.77
CA LEU A 26 0.80 -5.72 3.17
C LEU A 26 0.91 -6.13 1.72
N ASN A 27 0.70 -7.39 1.45
CA ASN A 27 0.78 -7.89 0.05
C ASN A 27 -0.17 -7.07 -0.83
N GLY A 28 -1.32 -6.69 -0.31
CA GLY A 28 -2.30 -5.91 -1.11
C GLY A 28 -1.58 -4.95 -2.07
N ILE A 29 -0.69 -4.13 -1.58
CA ILE A 29 0.00 -3.19 -2.49
C ILE A 29 0.75 -3.97 -3.58
N TYR A 30 1.46 -5.00 -3.22
CA TYR A 30 2.20 -5.79 -4.25
C TYR A 30 1.22 -6.39 -5.27
N THR A 31 0.30 -7.20 -4.82
CA THR A 31 -0.67 -7.85 -5.75
C THR A 31 -1.66 -6.81 -6.31
N HIS A 32 -1.52 -5.56 -5.97
CA HIS A 32 -2.46 -4.54 -6.50
C HIS A 32 -1.78 -3.82 -7.66
N ILE A 33 -0.70 -3.15 -7.38
CA ILE A 33 0.03 -2.43 -8.45
C ILE A 33 0.14 -3.35 -9.67
N THR A 34 0.34 -4.61 -9.46
CA THR A 34 0.45 -5.55 -10.61
C THR A 34 -0.83 -5.47 -11.44
N LYS A 35 -1.96 -5.61 -10.80
CA LYS A 35 -3.24 -5.53 -11.54
C LYS A 35 -3.30 -4.23 -12.32
N ASN A 36 -2.60 -3.23 -11.87
CA ASN A 36 -2.59 -1.93 -12.59
C ASN A 36 -1.58 -1.98 -13.73
N TYR A 37 -0.35 -1.62 -13.47
CA TYR A 37 0.69 -1.66 -14.54
C TYR A 37 0.72 -3.09 -15.11
N PRO A 38 1.42 -3.29 -16.20
CA PRO A 38 1.52 -4.63 -16.82
C PRO A 38 2.41 -5.56 -15.99
N TYR A 39 3.62 -5.18 -15.73
CA TYR A 39 4.52 -6.06 -14.93
C TYR A 39 5.17 -5.27 -13.79
N TYR A 40 5.74 -5.95 -12.83
CA TYR A 40 6.40 -5.24 -11.69
C TYR A 40 6.73 -6.26 -10.59
N ARG A 41 5.75 -7.02 -10.17
CA ARG A 41 6.02 -8.03 -9.10
C ARG A 41 6.45 -9.35 -9.73
N THR A 42 7.27 -9.30 -10.74
CA THR A 42 7.74 -10.56 -11.38
C THR A 42 9.27 -10.64 -11.32
N ALA A 43 9.94 -9.53 -11.51
CA ALA A 43 11.43 -9.55 -11.44
C ALA A 43 11.92 -8.23 -10.85
N ASP A 44 11.38 -7.83 -9.72
CA ASP A 44 11.82 -6.56 -9.10
C ASP A 44 11.53 -6.59 -7.60
N LYS A 45 12.47 -7.00 -6.80
CA LYS A 45 12.24 -7.06 -5.34
C LYS A 45 12.68 -5.73 -4.71
N GLY A 46 12.57 -4.65 -5.43
CA GLY A 46 12.98 -3.34 -4.87
C GLY A 46 11.75 -2.58 -4.38
N TRP A 47 10.81 -2.32 -5.26
CA TRP A 47 9.58 -1.58 -4.83
C TRP A 47 8.75 -2.45 -3.89
N GLN A 48 9.12 -3.69 -3.73
CA GLN A 48 8.34 -4.58 -2.83
C GLN A 48 8.52 -4.12 -1.38
N ASN A 49 9.62 -4.48 -0.77
CA ASN A 49 9.86 -4.06 0.64
C ASN A 49 9.72 -2.54 0.76
N SER A 50 9.81 -1.83 -0.33
CA SER A 50 9.68 -0.35 -0.28
C SER A 50 8.31 0.04 0.27
N ILE A 51 7.26 -0.61 -0.18
CA ILE A 51 5.90 -0.27 0.32
C ILE A 51 5.84 -0.47 1.84
N ARG A 52 6.33 -1.58 2.33
CA ARG A 52 6.30 -1.80 3.80
C ARG A 52 6.90 -0.59 4.52
N HIS A 53 7.72 0.16 3.83
CA HIS A 53 8.34 1.36 4.45
C HIS A 53 7.30 2.47 4.58
N ASN A 54 6.47 2.64 3.58
CA ASN A 54 5.43 3.70 3.65
C ASN A 54 4.22 3.19 4.41
N LEU A 55 4.30 1.99 4.92
CA LEU A 55 3.14 1.45 5.70
C LEU A 55 3.33 1.86 7.16
N SER A 56 4.55 2.16 7.53
CA SER A 56 4.83 2.61 8.92
C SER A 56 4.81 4.14 8.94
N LEU A 57 5.61 4.76 8.11
CA LEU A 57 5.61 6.24 8.05
C LEU A 57 4.16 6.70 8.00
N ASN A 58 3.45 6.31 6.98
CA ASN A 58 2.02 6.68 6.88
C ASN A 58 1.26 5.84 7.90
N ARG A 59 1.06 6.37 9.08
CA ARG A 59 0.39 5.58 10.13
C ARG A 59 -1.11 5.44 9.87
N TYR A 60 -1.65 6.07 8.86
CA TYR A 60 -3.12 5.90 8.64
C TYR A 60 -3.43 4.40 8.59
N PHE A 61 -2.50 3.63 8.09
CA PHE A 61 -2.70 2.16 8.00
C PHE A 61 -2.46 1.57 9.36
N ILE A 62 -3.51 1.40 10.11
CA ILE A 62 -3.39 0.86 11.48
C ILE A 62 -3.22 -0.66 11.42
N LYS A 63 -2.03 -1.11 11.15
CA LYS A 63 -1.79 -2.58 11.09
C LYS A 63 -1.59 -3.11 12.51
N VAL A 64 -1.64 -4.40 12.68
CA VAL A 64 -1.45 -4.98 14.04
C VAL A 64 -0.15 -5.78 14.08
N PRO A 65 0.62 -5.61 15.13
CA PRO A 65 1.90 -6.30 15.31
C PRO A 65 1.65 -7.74 15.79
N ARG A 66 0.47 -8.03 16.26
CA ARG A 66 0.17 -9.40 16.74
C ARG A 66 -0.38 -10.25 15.59
N SER A 67 -0.03 -11.50 15.55
CA SER A 67 -0.53 -12.38 14.45
C SER A 67 0.09 -13.76 14.60
N GLN A 68 -0.22 -14.46 15.66
CA GLN A 68 0.35 -15.82 15.85
C GLN A 68 1.88 -15.73 15.84
N GLU A 69 2.42 -14.75 16.52
CA GLU A 69 3.91 -14.60 16.56
C GLU A 69 4.49 -14.87 15.16
N GLU A 70 4.23 -14.00 14.23
CA GLU A 70 4.77 -14.21 12.85
C GLU A 70 5.27 -12.88 12.29
N PRO A 71 6.54 -12.61 12.51
CA PRO A 71 7.19 -11.38 12.03
C PRO A 71 7.51 -11.49 10.53
N GLY A 72 7.11 -12.57 9.91
CA GLY A 72 7.39 -12.73 8.46
C GLY A 72 6.21 -12.19 7.64
N LYS A 73 5.10 -12.88 7.67
CA LYS A 73 3.91 -12.41 6.89
C LYS A 73 2.73 -12.20 7.83
N GLY A 74 2.99 -11.85 9.06
CA GLY A 74 1.87 -11.64 10.03
C GLY A 74 1.74 -10.14 10.33
N SER A 75 1.28 -9.38 9.37
CA SER A 75 1.12 -7.92 9.59
C SER A 75 0.06 -7.38 8.64
N PHE A 76 -1.16 -7.25 9.10
CA PHE A 76 -2.24 -6.74 8.20
C PHE A 76 -2.35 -5.22 8.36
N TRP A 77 -2.46 -4.51 7.28
CA TRP A 77 -2.58 -3.02 7.37
C TRP A 77 -4.04 -2.61 7.15
N ARG A 78 -4.73 -2.21 8.18
CA ARG A 78 -6.15 -1.81 7.99
C ARG A 78 -6.27 -0.29 8.11
N ILE A 79 -7.00 0.33 7.22
CA ILE A 79 -7.14 1.81 7.30
C ILE A 79 -8.17 2.20 8.37
N ASP A 80 -7.90 3.26 9.06
CA ASP A 80 -8.85 3.73 10.11
C ASP A 80 -10.03 4.44 9.42
N PRO A 81 -11.00 4.84 10.21
CA PRO A 81 -12.21 5.52 9.70
C PRO A 81 -11.90 6.98 9.34
N ALA A 82 -10.82 7.50 9.86
CA ALA A 82 -10.45 8.90 9.55
C ALA A 82 -9.01 8.89 9.02
N SER A 83 -8.74 8.02 8.09
CA SER A 83 -7.36 7.94 7.54
C SER A 83 -7.43 7.75 6.02
N GLU A 84 -8.21 6.82 5.57
CA GLU A 84 -8.31 6.58 4.10
C GLU A 84 -8.51 7.92 3.39
N SER A 85 -9.65 8.52 3.56
CA SER A 85 -9.91 9.84 2.90
C SER A 85 -8.67 10.75 2.98
N LYS A 86 -7.81 10.52 3.93
CA LYS A 86 -6.59 11.37 4.07
C LYS A 86 -5.49 10.93 3.09
N LEU A 87 -5.08 9.69 3.16
CA LEU A 87 -3.99 9.19 2.24
C LEU A 87 -4.42 9.29 0.78
N ILE A 88 -5.67 9.10 0.48
CA ILE A 88 -6.10 9.19 -0.95
C ILE A 88 -5.71 10.57 -1.47
N GLU A 89 -5.52 11.51 -0.57
CA GLU A 89 -5.16 12.88 -1.00
C GLU A 89 -3.66 12.92 -1.32
N GLN A 90 -2.87 12.15 -0.61
CA GLN A 90 -1.40 12.15 -0.88
C GLN A 90 -1.08 11.09 -1.94
N ALA A 91 -2.03 10.26 -2.26
CA ALA A 91 -1.79 9.20 -3.29
C ALA A 91 -2.40 9.64 -4.62
N PHE A 92 -3.68 9.87 -4.65
CA PHE A 92 -4.34 10.30 -5.91
C PHE A 92 -3.47 11.37 -6.58
N ARG A 93 -2.69 12.08 -5.82
CA ARG A 93 -1.83 13.13 -6.40
C ARG A 93 -0.52 12.51 -6.88
N LYS A 94 0.55 13.25 -6.86
CA LYS A 94 1.86 12.72 -7.32
C LYS A 94 2.96 13.20 -6.38
N ARG A 95 4.16 12.75 -6.58
CA ARG A 95 5.28 13.17 -5.69
C ARG A 95 5.41 14.70 -5.71
N ARG A 96 4.80 15.36 -4.77
CA ARG A 96 4.89 16.86 -4.73
C ARG A 96 6.08 17.28 -3.87
N PRO A 97 6.61 18.43 -4.15
CA PRO A 97 7.76 18.99 -3.42
C PRO A 97 7.31 19.56 -2.07
N ARG A 98 6.05 19.46 -1.76
CA ARG A 98 5.56 20.00 -0.46
C ARG A 98 4.48 19.08 0.11
N ASP A 1 2.98 4.08 -16.86
CA ASP A 1 3.38 2.65 -16.74
C ASP A 1 4.27 2.48 -15.49
N SER A 2 3.83 2.99 -14.37
CA SER A 2 4.64 2.86 -13.12
C SER A 2 6.10 3.16 -13.44
N LYS A 3 6.33 4.05 -14.35
CA LYS A 3 7.73 4.41 -14.71
C LYS A 3 8.27 5.47 -13.74
N PRO A 4 7.49 6.49 -13.50
CA PRO A 4 7.88 7.58 -12.59
C PRO A 4 7.65 7.17 -11.13
N PRO A 5 8.02 8.02 -10.22
CA PRO A 5 7.85 7.75 -8.78
C PRO A 5 6.38 7.88 -8.39
N TYR A 6 5.78 6.81 -7.95
CA TYR A 6 4.35 6.84 -7.58
C TYR A 6 4.01 5.46 -7.05
N SER A 7 4.68 5.04 -6.01
CA SER A 7 4.43 3.68 -5.48
C SER A 7 4.20 3.71 -3.96
N TYR A 8 5.26 3.63 -3.21
CA TYR A 8 5.17 3.61 -1.71
C TYR A 8 3.84 4.14 -1.16
N ALA A 9 3.44 5.34 -1.49
CA ALA A 9 2.17 5.88 -0.92
C ALA A 9 0.96 5.52 -1.79
N GLN A 10 0.75 6.24 -2.87
CA GLN A 10 -0.42 5.99 -3.77
C GLN A 10 -0.77 4.50 -3.81
N LEU A 11 0.20 3.65 -3.68
CA LEU A 11 -0.04 2.18 -3.71
C LEU A 11 -0.81 1.75 -2.45
N ILE A 12 -0.25 1.94 -1.30
CA ILE A 12 -0.96 1.53 -0.06
C ILE A 12 -2.36 2.12 -0.07
N VAL A 13 -2.47 3.38 -0.41
CA VAL A 13 -3.80 4.05 -0.42
C VAL A 13 -4.80 3.20 -1.21
N GLN A 14 -4.69 3.18 -2.51
CA GLN A 14 -5.65 2.39 -3.34
C GLN A 14 -5.91 1.01 -2.71
N ALA A 15 -4.89 0.22 -2.52
CA ALA A 15 -5.09 -1.14 -1.95
C ALA A 15 -6.12 -1.11 -0.81
N ILE A 16 -6.09 -0.09 0.02
CA ILE A 16 -7.05 -0.04 1.16
C ILE A 16 -8.37 0.63 0.73
N THR A 17 -8.33 1.86 0.30
CA THR A 17 -9.59 2.56 -0.10
C THR A 17 -10.07 2.02 -1.46
N MET A 18 -9.24 1.99 -2.45
CA MET A 18 -9.69 1.48 -3.78
C MET A 18 -10.18 0.04 -3.65
N ALA A 19 -9.77 -0.64 -2.60
CA ALA A 19 -10.21 -2.06 -2.42
C ALA A 19 -11.57 -2.07 -1.70
N PRO A 20 -12.40 -3.01 -2.08
CA PRO A 20 -13.75 -3.15 -1.48
C PRO A 20 -13.63 -3.83 -0.11
N ASP A 21 -13.32 -3.07 0.90
CA ASP A 21 -13.19 -3.66 2.27
C ASP A 21 -12.48 -2.67 3.19
N LYS A 22 -11.72 -1.76 2.64
CA LYS A 22 -11.01 -0.77 3.51
C LYS A 22 -9.92 -1.49 4.30
N GLN A 23 -9.65 -2.72 3.99
CA GLN A 23 -8.60 -3.48 4.70
C GLN A 23 -7.70 -4.14 3.68
N LEU A 24 -6.43 -4.08 3.86
CA LEU A 24 -5.51 -4.71 2.88
C LEU A 24 -4.26 -5.22 3.58
N THR A 25 -3.80 -6.37 3.19
CA THR A 25 -2.59 -6.90 3.84
C THR A 25 -1.37 -6.21 3.23
N LEU A 26 -0.22 -6.41 3.79
CA LEU A 26 0.99 -5.75 3.21
C LEU A 26 1.05 -6.11 1.72
N ASN A 27 0.79 -7.35 1.41
CA ASN A 27 0.82 -7.79 -0.01
C ASN A 27 0.00 -6.81 -0.86
N GLY A 28 -1.11 -6.35 -0.34
CA GLY A 28 -1.99 -5.39 -1.09
C GLY A 28 -1.17 -4.57 -2.09
N ILE A 29 -0.36 -3.66 -1.63
CA ILE A 29 0.45 -2.84 -2.58
C ILE A 29 1.04 -3.76 -3.66
N TYR A 30 1.69 -4.81 -3.27
CA TYR A 30 2.31 -5.72 -4.29
C TYR A 30 1.25 -6.20 -5.30
N THR A 31 0.27 -6.93 -4.86
CA THR A 31 -0.78 -7.44 -5.79
C THR A 31 -1.70 -6.32 -6.28
N HIS A 32 -1.41 -5.10 -5.92
CA HIS A 32 -2.28 -3.98 -6.39
C HIS A 32 -1.57 -3.27 -7.55
N ILE A 33 -0.49 -2.63 -7.24
CA ILE A 33 0.29 -1.91 -8.28
C ILE A 33 0.30 -2.74 -9.58
N THR A 34 0.67 -3.98 -9.48
CA THR A 34 0.73 -4.84 -10.70
C THR A 34 -0.65 -4.85 -11.38
N LYS A 35 -1.71 -5.00 -10.63
CA LYS A 35 -3.06 -5.01 -11.24
C LYS A 35 -3.28 -3.72 -12.05
N ASN A 36 -2.83 -2.61 -11.52
CA ASN A 36 -3.01 -1.31 -12.25
C ASN A 36 -1.75 -0.98 -13.04
N TYR A 37 -0.76 -0.45 -12.39
CA TYR A 37 0.51 -0.09 -13.10
C TYR A 37 1.57 -1.16 -12.80
N PRO A 38 1.77 -2.10 -13.70
CA PRO A 38 2.76 -3.17 -13.47
C PRO A 38 4.17 -2.63 -13.73
N TYR A 39 4.73 -2.88 -14.89
CA TYR A 39 6.12 -2.36 -15.16
C TYR A 39 6.98 -2.53 -13.90
N TYR A 40 6.67 -3.49 -13.08
CA TYR A 40 7.46 -3.69 -11.83
C TYR A 40 7.74 -5.18 -11.64
N ARG A 41 6.73 -6.01 -11.73
CA ARG A 41 6.94 -7.47 -11.54
C ARG A 41 7.68 -8.05 -12.75
N THR A 42 8.98 -8.03 -12.73
CA THR A 42 9.75 -8.58 -13.87
C THR A 42 11.25 -8.48 -13.58
N ALA A 43 11.68 -7.46 -12.88
CA ALA A 43 13.12 -7.33 -12.57
C ALA A 43 13.32 -6.39 -11.38
N ASP A 44 12.76 -5.20 -11.44
CA ASP A 44 12.92 -4.25 -10.32
C ASP A 44 12.00 -4.64 -9.16
N LYS A 45 12.41 -5.58 -8.36
CA LYS A 45 11.55 -6.01 -7.22
C LYS A 45 12.07 -5.36 -5.92
N GLY A 46 12.78 -4.28 -6.04
CA GLY A 46 13.32 -3.61 -4.82
C GLY A 46 12.21 -2.76 -4.16
N TRP A 47 11.14 -2.52 -4.86
CA TRP A 47 10.03 -1.70 -4.27
C TRP A 47 9.15 -2.58 -3.37
N GLN A 48 9.53 -3.81 -3.18
CA GLN A 48 8.72 -4.71 -2.32
C GLN A 48 8.78 -4.22 -0.88
N ASN A 49 9.80 -4.60 -0.15
CA ASN A 49 9.92 -4.15 1.26
C ASN A 49 9.98 -2.63 1.29
N SER A 50 10.37 -2.02 0.21
CA SER A 50 10.46 -0.53 0.17
C SER A 50 9.07 0.07 0.34
N ILE A 51 8.04 -0.58 -0.13
CA ILE A 51 6.67 -0.01 0.02
C ILE A 51 6.23 -0.13 1.47
N ARG A 52 6.27 -1.31 2.04
CA ARG A 52 5.86 -1.47 3.46
C ARG A 52 6.40 -0.30 4.30
N HIS A 53 7.48 0.31 3.87
CA HIS A 53 8.03 1.45 4.65
C HIS A 53 6.90 2.44 4.94
N ASN A 54 6.18 2.86 3.94
CA ASN A 54 5.07 3.82 4.15
C ASN A 54 4.02 3.18 5.08
N LEU A 55 3.88 1.87 5.04
CA LEU A 55 2.87 1.21 5.91
C LEU A 55 3.13 1.63 7.35
N SER A 56 4.36 1.96 7.66
CA SER A 56 4.70 2.38 9.05
C SER A 56 4.74 3.91 9.09
N LEU A 57 5.59 4.51 8.31
CA LEU A 57 5.67 6.00 8.28
C LEU A 57 4.24 6.54 8.20
N ASN A 58 3.56 6.28 7.11
CA ASN A 58 2.15 6.75 7.00
C ASN A 58 1.29 5.81 7.83
N ARG A 59 0.98 6.20 9.03
CA ARG A 59 0.17 5.30 9.90
C ARG A 59 -1.28 5.23 9.42
N TYR A 60 -1.60 5.84 8.31
CA TYR A 60 -2.99 5.75 7.79
C TYR A 60 -3.45 4.30 7.90
N PHE A 61 -2.51 3.40 7.80
CA PHE A 61 -2.86 1.95 7.86
C PHE A 61 -2.44 1.39 9.22
N ILE A 62 -3.37 1.35 10.13
CA ILE A 62 -3.06 0.85 11.48
C ILE A 62 -3.05 -0.69 11.47
N LYS A 63 -1.93 -1.26 11.12
CA LYS A 63 -1.87 -2.75 11.09
C LYS A 63 -1.66 -3.30 12.51
N VAL A 64 -1.76 -4.58 12.67
CA VAL A 64 -1.58 -5.19 14.02
C VAL A 64 -0.61 -6.38 13.95
N PRO A 65 0.49 -6.27 14.63
CA PRO A 65 1.52 -7.33 14.67
C PRO A 65 1.11 -8.44 15.64
N ARG A 66 1.81 -9.53 15.64
CA ARG A 66 1.45 -10.65 16.57
C ARG A 66 2.45 -10.68 17.74
N SER A 67 2.58 -9.59 18.45
CA SER A 67 3.53 -9.57 19.59
C SER A 67 3.23 -10.76 20.52
N GLN A 68 2.10 -10.74 21.15
CA GLN A 68 1.73 -11.87 22.07
C GLN A 68 0.38 -12.43 21.65
N GLU A 69 0.16 -12.58 20.37
CA GLU A 69 -1.14 -13.13 19.89
C GLU A 69 -0.99 -14.62 19.58
N GLU A 70 -0.58 -14.96 18.39
CA GLU A 70 -0.41 -16.40 18.02
C GLU A 70 0.92 -16.59 17.32
N PRO A 71 1.31 -17.83 17.17
CA PRO A 71 2.57 -18.21 16.52
C PRO A 71 2.41 -18.13 14.99
N GLY A 72 3.03 -17.16 14.37
CA GLY A 72 2.91 -17.02 12.89
C GLY A 72 3.66 -15.78 12.42
N LYS A 73 3.28 -15.21 11.32
CA LYS A 73 3.97 -14.00 10.81
C LYS A 73 3.12 -13.33 9.73
N GLY A 74 3.19 -12.04 9.60
CA GLY A 74 2.39 -11.33 8.56
C GLY A 74 1.36 -10.42 9.23
N SER A 75 1.61 -9.14 9.22
CA SER A 75 0.65 -8.19 9.86
C SER A 75 -0.30 -7.64 8.78
N PHE A 76 -1.48 -7.24 9.17
CA PHE A 76 -2.44 -6.69 8.17
C PHE A 76 -2.62 -5.20 8.39
N TRP A 77 -2.49 -4.41 7.35
CA TRP A 77 -2.66 -2.94 7.53
C TRP A 77 -4.14 -2.56 7.34
N ARG A 78 -4.76 -2.05 8.36
CA ARG A 78 -6.20 -1.67 8.26
C ARG A 78 -6.33 -0.15 8.26
N ILE A 79 -7.08 0.39 7.35
CA ILE A 79 -7.24 1.87 7.31
C ILE A 79 -8.24 2.32 8.37
N ASP A 80 -7.84 3.23 9.22
CA ASP A 80 -8.78 3.72 10.27
C ASP A 80 -9.75 4.72 9.63
N PRO A 81 -10.68 5.18 10.42
CA PRO A 81 -11.70 6.13 9.96
C PRO A 81 -11.10 7.53 9.83
N ALA A 82 -9.88 7.69 10.27
CA ALA A 82 -9.22 9.02 10.17
C ALA A 82 -7.92 8.85 9.38
N SER A 83 -7.86 7.85 8.54
CA SER A 83 -6.63 7.63 7.74
C SER A 83 -6.95 7.78 6.26
N GLU A 84 -7.62 6.80 5.69
CA GLU A 84 -7.98 6.85 4.24
C GLU A 84 -8.19 8.29 3.77
N SER A 85 -8.73 9.11 4.60
CA SER A 85 -9.00 10.54 4.23
C SER A 85 -7.76 11.24 3.62
N LYS A 86 -6.60 11.07 4.19
CA LYS A 86 -5.39 11.74 3.65
C LYS A 86 -4.80 10.90 2.49
N LEU A 87 -4.20 9.78 2.80
CA LEU A 87 -3.58 8.93 1.73
C LEU A 87 -4.46 8.91 0.47
N ILE A 88 -5.75 8.86 0.62
CA ILE A 88 -6.63 8.84 -0.59
C ILE A 88 -6.15 9.91 -1.56
N GLU A 89 -6.00 11.10 -1.08
CA GLU A 89 -5.54 12.19 -1.96
C GLU A 89 -4.11 11.91 -2.41
N GLN A 90 -3.32 11.28 -1.59
CA GLN A 90 -1.91 10.99 -1.97
C GLN A 90 -1.89 9.96 -3.10
N ALA A 91 -2.95 9.22 -3.25
CA ALA A 91 -3.00 8.18 -4.33
C ALA A 91 -3.76 8.71 -5.53
N PHE A 92 -4.65 9.64 -5.33
CA PHE A 92 -5.42 10.19 -6.48
C PHE A 92 -4.62 11.31 -7.14
N ARG A 93 -3.39 11.47 -6.75
CA ARG A 93 -2.55 12.54 -7.35
C ARG A 93 -1.08 12.27 -7.04
N LYS A 94 -0.30 11.97 -8.04
CA LYS A 94 1.15 11.71 -7.80
C LYS A 94 1.80 12.94 -7.17
N ARG A 95 2.60 12.75 -6.16
CA ARG A 95 3.25 13.91 -5.49
C ARG A 95 4.55 14.26 -6.21
N ARG A 96 4.52 15.21 -7.09
CA ARG A 96 5.75 15.60 -7.82
C ARG A 96 6.66 16.43 -6.91
N PRO A 97 6.10 17.44 -6.32
CA PRO A 97 6.84 18.33 -5.40
C PRO A 97 7.02 17.68 -4.03
N ARG A 98 8.12 17.95 -3.38
CA ARG A 98 8.35 17.35 -2.04
C ARG A 98 8.28 15.81 -2.14
N ASP A 1 8.74 -1.04 -20.35
CA ASP A 1 7.47 -1.24 -21.11
C ASP A 1 6.32 -0.55 -20.36
N SER A 2 5.66 -1.26 -19.49
CA SER A 2 4.53 -0.65 -18.73
C SER A 2 4.83 -0.72 -17.23
N LYS A 3 5.87 -0.07 -16.79
CA LYS A 3 6.23 -0.10 -15.34
C LYS A 3 6.31 1.33 -14.80
N PRO A 4 5.15 1.95 -14.64
CA PRO A 4 5.05 3.32 -14.13
C PRO A 4 5.18 3.34 -12.60
N PRO A 5 6.27 3.86 -12.12
CA PRO A 5 6.55 3.95 -10.67
C PRO A 5 5.81 5.15 -10.06
N TYR A 6 5.19 4.97 -8.93
CA TYR A 6 4.48 6.11 -8.28
C TYR A 6 5.12 6.36 -6.92
N SER A 7 4.48 7.11 -6.07
CA SER A 7 5.08 7.33 -4.74
C SER A 7 4.80 6.09 -3.89
N TYR A 8 5.69 5.76 -3.01
CA TYR A 8 5.47 4.53 -2.19
C TYR A 8 4.28 4.75 -1.25
N ALA A 9 4.10 5.94 -0.76
CA ALA A 9 2.95 6.20 0.15
C ALA A 9 1.67 6.22 -0.69
N GLN A 10 1.72 6.85 -1.83
CA GLN A 10 0.52 6.92 -2.70
C GLN A 10 0.11 5.52 -3.16
N LEU A 11 1.06 4.62 -3.27
CA LEU A 11 0.73 3.25 -3.74
C LEU A 11 0.04 2.44 -2.63
N ILE A 12 0.27 2.73 -1.39
CA ILE A 12 -0.42 1.94 -0.32
C ILE A 12 -1.81 2.53 -0.16
N VAL A 13 -1.88 3.83 -0.17
CA VAL A 13 -3.19 4.51 -0.05
C VAL A 13 -4.18 3.92 -1.05
N GLN A 14 -4.06 4.28 -2.30
CA GLN A 14 -4.99 3.77 -3.34
C GLN A 14 -5.25 2.27 -3.19
N ALA A 15 -4.37 1.56 -2.55
CA ALA A 15 -4.60 0.08 -2.40
C ALA A 15 -5.76 -0.17 -1.44
N ILE A 16 -5.57 0.13 -0.18
CA ILE A 16 -6.66 -0.09 0.82
C ILE A 16 -7.98 0.47 0.28
N THR A 17 -7.96 1.66 -0.26
CA THR A 17 -9.21 2.26 -0.80
C THR A 17 -9.71 1.44 -1.99
N MET A 18 -8.81 0.89 -2.76
CA MET A 18 -9.23 0.08 -3.94
C MET A 18 -9.77 -1.26 -3.47
N ALA A 19 -9.58 -1.60 -2.23
CA ALA A 19 -10.09 -2.90 -1.72
C ALA A 19 -11.54 -2.73 -1.25
N PRO A 20 -12.37 -3.69 -1.59
CA PRO A 20 -13.79 -3.65 -1.22
C PRO A 20 -13.99 -4.10 0.23
N ASP A 21 -12.92 -4.28 0.96
CA ASP A 21 -13.04 -4.72 2.37
C ASP A 21 -12.54 -3.60 3.29
N LYS A 22 -11.90 -2.60 2.74
CA LYS A 22 -11.39 -1.49 3.60
C LYS A 22 -10.20 -1.99 4.42
N GLN A 23 -9.72 -3.17 4.12
CA GLN A 23 -8.57 -3.73 4.87
C GLN A 23 -7.60 -4.33 3.89
N LEU A 24 -6.32 -4.19 4.11
CA LEU A 24 -5.34 -4.75 3.14
C LEU A 24 -4.03 -5.09 3.83
N THR A 25 -3.37 -6.13 3.40
CA THR A 25 -2.07 -6.49 4.01
C THR A 25 -1.00 -5.57 3.41
N LEU A 26 0.20 -5.62 3.90
CA LEU A 26 1.25 -4.74 3.30
C LEU A 26 1.55 -5.27 1.89
N ASN A 27 1.23 -6.51 1.64
CA ASN A 27 1.47 -7.10 0.30
C ASN A 27 0.32 -6.68 -0.63
N GLY A 28 -0.72 -6.09 -0.08
CA GLY A 28 -1.85 -5.66 -0.93
C GLY A 28 -1.32 -4.81 -2.08
N ILE A 29 -0.45 -3.87 -1.78
CA ILE A 29 0.08 -3.02 -2.87
C ILE A 29 0.68 -3.91 -3.96
N TYR A 30 1.27 -5.01 -3.58
CA TYR A 30 1.86 -5.93 -4.59
C TYR A 30 0.78 -6.38 -5.58
N THR A 31 -0.21 -7.07 -5.11
CA THR A 31 -1.30 -7.55 -6.02
C THR A 31 -2.05 -6.37 -6.64
N HIS A 32 -1.77 -5.16 -6.21
CA HIS A 32 -2.46 -3.99 -6.78
C HIS A 32 -1.71 -3.53 -8.02
N ILE A 33 -0.41 -3.60 -7.95
CA ILE A 33 0.44 -3.18 -9.10
C ILE A 33 0.23 -4.14 -10.28
N THR A 34 0.73 -5.33 -10.16
CA THR A 34 0.59 -6.32 -11.26
C THR A 34 -0.81 -6.20 -11.86
N LYS A 35 -1.79 -5.88 -11.06
CA LYS A 35 -3.17 -5.74 -11.59
C LYS A 35 -3.17 -4.65 -12.67
N ASN A 36 -2.71 -3.47 -12.33
CA ASN A 36 -2.68 -2.37 -13.33
C ASN A 36 -1.37 -2.47 -14.12
N TYR A 37 -0.25 -2.30 -13.46
CA TYR A 37 1.06 -2.40 -14.16
C TYR A 37 1.63 -3.81 -13.94
N PRO A 38 1.55 -4.69 -14.93
CA PRO A 38 2.06 -6.07 -14.77
C PRO A 38 3.59 -6.10 -14.90
N TYR A 39 4.17 -5.14 -15.56
CA TYR A 39 5.65 -5.14 -15.70
C TYR A 39 6.31 -5.00 -14.33
N TYR A 40 5.68 -4.27 -13.44
CA TYR A 40 6.27 -4.10 -12.08
C TYR A 40 6.77 -5.44 -11.55
N ARG A 41 5.89 -6.39 -11.38
CA ARG A 41 6.31 -7.71 -10.85
C ARG A 41 6.92 -8.54 -12.00
N THR A 42 8.16 -8.31 -12.31
CA THR A 42 8.82 -9.08 -13.40
C THR A 42 10.33 -8.89 -13.32
N ALA A 43 10.77 -7.67 -13.17
CA ALA A 43 12.24 -7.43 -13.08
C ALA A 43 12.56 -6.72 -11.76
N ASP A 44 12.17 -5.49 -11.62
CA ASP A 44 12.45 -4.75 -10.36
C ASP A 44 11.77 -5.46 -9.19
N LYS A 45 12.52 -6.18 -8.40
CA LYS A 45 11.91 -6.89 -7.24
C LYS A 45 12.19 -6.10 -5.95
N GLY A 46 12.54 -4.85 -6.07
CA GLY A 46 12.85 -4.05 -4.85
C GLY A 46 11.64 -3.20 -4.44
N TRP A 47 10.54 -3.33 -5.10
CA TRP A 47 9.34 -2.52 -4.72
C TRP A 47 8.37 -3.39 -3.91
N GLN A 48 8.68 -4.64 -3.74
CA GLN A 48 7.78 -5.54 -2.97
C GLN A 48 7.81 -5.16 -1.49
N ASN A 49 8.66 -5.78 -0.73
CA ASN A 49 8.74 -5.45 0.73
C ASN A 49 8.85 -3.94 0.92
N SER A 50 9.32 -3.24 -0.07
CA SER A 50 9.46 -1.76 0.06
C SER A 50 8.12 -1.14 0.49
N ILE A 51 7.04 -1.54 -0.13
CA ILE A 51 5.72 -0.98 0.24
C ILE A 51 5.54 -1.04 1.77
N ARG A 52 5.52 -2.21 2.37
CA ARG A 52 5.35 -2.27 3.85
C ARG A 52 6.24 -1.21 4.51
N HIS A 53 7.37 -0.93 3.93
CA HIS A 53 8.28 0.09 4.51
C HIS A 53 7.58 1.45 4.59
N ASN A 54 6.93 1.86 3.54
CA ASN A 54 6.25 3.18 3.56
C ASN A 54 4.94 3.07 4.34
N LEU A 55 4.40 1.88 4.45
CA LEU A 55 3.14 1.70 5.22
C LEU A 55 3.25 2.46 6.54
N SER A 56 4.46 2.66 7.03
CA SER A 56 4.64 3.41 8.29
C SER A 56 4.45 4.90 8.01
N LEU A 57 5.14 5.42 7.02
CA LEU A 57 4.97 6.85 6.69
C LEU A 57 3.48 7.15 6.66
N ASN A 58 2.71 6.19 6.25
CA ASN A 58 1.23 6.36 6.22
C ASN A 58 0.68 5.95 7.58
N ARG A 59 0.85 6.79 8.55
CA ARG A 59 0.39 6.43 9.92
C ARG A 59 -1.15 6.45 10.01
N TYR A 60 -1.85 6.68 8.93
CA TYR A 60 -3.33 6.65 9.04
C TYR A 60 -3.76 5.18 8.93
N PHE A 61 -2.83 4.30 8.69
CA PHE A 61 -3.15 2.85 8.60
C PHE A 61 -3.03 2.26 9.99
N ILE A 62 -3.48 1.05 10.17
CA ILE A 62 -3.37 0.43 11.53
C ILE A 62 -2.62 -0.88 11.41
N LYS A 63 -1.32 -0.83 11.41
CA LYS A 63 -0.52 -2.08 11.30
C LYS A 63 -0.55 -2.82 12.64
N VAL A 64 -0.91 -4.08 12.63
CA VAL A 64 -0.97 -4.86 13.89
C VAL A 64 -0.04 -6.07 13.80
N PRO A 65 1.21 -5.85 14.13
CA PRO A 65 2.23 -6.90 14.10
C PRO A 65 2.12 -7.80 15.33
N ARG A 66 2.09 -7.22 16.51
CA ARG A 66 1.97 -8.04 17.74
C ARG A 66 0.53 -7.95 18.27
N SER A 67 -0.15 -9.06 18.34
CA SER A 67 -1.56 -9.04 18.84
C SER A 67 -2.25 -10.35 18.46
N GLN A 68 -2.41 -11.24 19.40
CA GLN A 68 -3.08 -12.54 19.10
C GLN A 68 -2.55 -13.09 17.77
N GLU A 69 -1.28 -13.38 17.71
CA GLU A 69 -0.71 -13.93 16.44
C GLU A 69 -1.54 -15.11 15.97
N GLU A 70 -2.51 -14.87 15.13
CA GLU A 70 -3.36 -15.98 14.63
C GLU A 70 -2.59 -16.79 13.58
N PRO A 71 -2.07 -16.11 12.59
CA PRO A 71 -1.31 -16.74 11.51
C PRO A 71 0.13 -17.05 11.97
N GLY A 72 1.02 -17.28 11.05
CA GLY A 72 2.42 -17.58 11.44
C GLY A 72 3.09 -16.32 11.99
N LYS A 73 2.81 -15.19 11.41
CA LYS A 73 3.43 -13.93 11.89
C LYS A 73 2.35 -13.01 12.47
N GLY A 74 1.53 -12.44 11.63
CA GLY A 74 0.46 -11.54 12.13
C GLY A 74 0.79 -10.10 11.75
N SER A 75 0.35 -9.66 10.60
CA SER A 75 0.65 -8.26 10.17
C SER A 75 -0.38 -7.81 9.14
N PHE A 76 -1.09 -6.74 9.41
CA PHE A 76 -2.10 -6.27 8.43
C PHE A 76 -2.31 -4.76 8.57
N TRP A 77 -2.35 -4.05 7.48
CA TRP A 77 -2.57 -2.57 7.55
C TRP A 77 -4.02 -2.25 7.26
N ARG A 78 -4.83 -2.11 8.27
CA ARG A 78 -6.26 -1.77 8.03
C ARG A 78 -6.43 -0.26 8.02
N ILE A 79 -7.22 0.25 7.13
CA ILE A 79 -7.41 1.72 7.07
C ILE A 79 -8.39 2.17 8.17
N ASP A 80 -8.06 3.21 8.88
CA ASP A 80 -8.99 3.69 9.94
C ASP A 80 -10.14 4.46 9.28
N PRO A 81 -11.11 4.84 10.07
CA PRO A 81 -12.30 5.56 9.57
C PRO A 81 -11.95 7.00 9.20
N ALA A 82 -11.10 7.63 9.96
CA ALA A 82 -10.71 9.02 9.66
C ALA A 82 -9.33 9.00 9.01
N SER A 83 -9.07 8.01 8.20
CA SER A 83 -7.73 7.90 7.55
C SER A 83 -7.90 7.61 6.07
N GLU A 84 -8.49 6.48 5.75
CA GLU A 84 -8.70 6.08 4.32
C GLU A 84 -8.77 7.31 3.44
N SER A 85 -9.47 8.31 3.87
CA SER A 85 -9.57 9.56 3.06
C SER A 85 -8.25 10.35 3.16
N LYS A 86 -7.81 10.64 4.35
CA LYS A 86 -6.55 11.42 4.51
C LYS A 86 -5.45 10.87 3.58
N LEU A 87 -5.28 9.58 3.56
CA LEU A 87 -4.21 8.99 2.70
C LEU A 87 -4.51 9.27 1.22
N ILE A 88 -5.75 9.19 0.80
CA ILE A 88 -6.02 9.49 -0.65
C ILE A 88 -5.64 10.95 -0.90
N GLU A 89 -5.54 11.71 0.15
CA GLU A 89 -5.15 13.13 0.00
C GLU A 89 -3.64 13.20 -0.22
N GLN A 90 -2.91 12.28 0.38
CA GLN A 90 -1.44 12.27 0.21
C GLN A 90 -1.08 11.33 -0.95
N ALA A 91 -2.03 10.59 -1.44
CA ALA A 91 -1.76 9.65 -2.56
C ALA A 91 -2.23 10.28 -3.87
N PHE A 92 -3.13 11.24 -3.80
CA PHE A 92 -3.62 11.89 -5.03
C PHE A 92 -2.75 13.12 -5.33
N ARG A 93 -1.46 13.00 -5.18
CA ARG A 93 -0.57 14.16 -5.45
C ARG A 93 0.62 13.69 -6.30
N LYS A 94 0.34 13.02 -7.38
CA LYS A 94 1.45 12.53 -8.24
C LYS A 94 2.27 13.71 -8.75
N ARG A 95 3.54 13.50 -9.01
CA ARG A 95 4.40 14.60 -9.51
C ARG A 95 5.16 14.13 -10.74
N ARG A 96 4.61 14.33 -11.90
CA ARG A 96 5.30 13.89 -13.16
C ARG A 96 5.67 15.11 -13.99
N PRO A 97 6.68 14.93 -14.82
CA PRO A 97 7.17 16.01 -15.70
C PRO A 97 6.27 16.15 -16.92
N ARG A 98 5.70 17.32 -17.12
CA ARG A 98 4.80 17.52 -18.29
C ARG A 98 4.52 19.00 -18.48
N ASP A 1 6.34 6.25 -20.56
CA ASP A 1 5.18 5.83 -19.72
C ASP A 1 5.44 4.44 -19.16
N SER A 2 6.48 4.28 -18.39
CA SER A 2 6.78 2.94 -17.81
C SER A 2 6.87 3.05 -16.29
N LYS A 3 6.75 1.94 -15.60
CA LYS A 3 6.80 1.94 -14.09
C LYS A 3 7.57 3.15 -13.55
N PRO A 4 6.86 4.23 -13.39
CA PRO A 4 7.43 5.50 -12.88
C PRO A 4 7.43 5.50 -11.35
N PRO A 5 7.99 6.53 -10.77
CA PRO A 5 8.04 6.70 -9.32
C PRO A 5 6.67 7.16 -8.81
N TYR A 6 5.97 6.32 -8.11
CA TYR A 6 4.61 6.68 -7.62
C TYR A 6 4.03 5.40 -7.07
N SER A 7 4.60 4.92 -6.01
CA SER A 7 4.14 3.64 -5.45
C SER A 7 4.02 3.71 -3.90
N TYR A 8 5.09 3.39 -3.23
CA TYR A 8 5.13 3.37 -1.73
C TYR A 8 3.99 4.16 -1.06
N ALA A 9 3.86 5.43 -1.30
CA ALA A 9 2.81 6.22 -0.58
C ALA A 9 1.51 6.30 -1.37
N GLN A 10 1.56 6.18 -2.66
CA GLN A 10 0.30 6.28 -3.46
C GLN A 10 -0.27 4.87 -3.69
N LEU A 11 0.30 3.87 -3.09
CA LEU A 11 -0.20 2.49 -3.29
C LEU A 11 -1.03 2.05 -2.08
N ILE A 12 -0.42 1.95 -0.92
CA ILE A 12 -1.20 1.53 0.29
C ILE A 12 -2.55 2.24 0.27
N VAL A 13 -2.59 3.39 -0.31
CA VAL A 13 -3.86 4.17 -0.38
C VAL A 13 -4.81 3.56 -1.41
N GLN A 14 -4.45 3.63 -2.66
CA GLN A 14 -5.34 3.10 -3.74
C GLN A 14 -5.51 1.58 -3.62
N ALA A 15 -4.84 0.95 -2.69
CA ALA A 15 -4.99 -0.53 -2.56
C ALA A 15 -6.03 -0.83 -1.49
N ILE A 16 -6.21 0.05 -0.54
CA ILE A 16 -7.21 -0.19 0.53
C ILE A 16 -8.55 0.45 0.12
N THR A 17 -8.53 1.72 -0.18
CA THR A 17 -9.78 2.41 -0.60
C THR A 17 -10.30 1.77 -1.88
N MET A 18 -9.47 1.04 -2.57
CA MET A 18 -9.90 0.38 -3.83
C MET A 18 -10.41 -1.03 -3.51
N ALA A 19 -9.88 -1.66 -2.51
CA ALA A 19 -10.33 -3.03 -2.16
C ALA A 19 -11.72 -2.96 -1.51
N PRO A 20 -12.55 -3.94 -1.80
CA PRO A 20 -13.92 -3.98 -1.28
C PRO A 20 -13.91 -4.46 0.18
N ASP A 21 -13.52 -3.61 1.08
CA ASP A 21 -13.48 -4.00 2.51
C ASP A 21 -12.74 -2.94 3.32
N LYS A 22 -11.86 -2.21 2.70
CA LYS A 22 -11.09 -1.16 3.44
C LYS A 22 -10.04 -1.85 4.31
N GLN A 23 -9.75 -3.09 4.02
CA GLN A 23 -8.72 -3.83 4.80
C GLN A 23 -7.81 -4.55 3.81
N LEU A 24 -6.53 -4.32 3.90
CA LEU A 24 -5.62 -4.98 2.94
C LEU A 24 -4.36 -5.45 3.65
N THR A 25 -3.85 -6.58 3.28
CA THR A 25 -2.62 -7.09 3.91
C THR A 25 -1.44 -6.35 3.29
N LEU A 26 -0.25 -6.64 3.72
CA LEU A 26 0.92 -5.95 3.12
C LEU A 26 1.01 -6.36 1.65
N ASN A 27 0.77 -7.61 1.38
CA ASN A 27 0.84 -8.10 -0.02
C ASN A 27 -0.12 -7.28 -0.89
N GLY A 28 -1.04 -6.57 -0.30
CA GLY A 28 -2.02 -5.77 -1.10
C GLY A 28 -1.28 -4.96 -2.17
N ILE A 29 -0.50 -3.98 -1.77
CA ILE A 29 0.23 -3.16 -2.77
C ILE A 29 0.95 -4.07 -3.77
N TYR A 30 1.38 -5.22 -3.33
CA TYR A 30 2.12 -6.15 -4.24
C TYR A 30 1.18 -6.75 -5.28
N THR A 31 -0.05 -7.04 -4.91
CA THR A 31 -1.00 -7.66 -5.87
C THR A 31 -1.96 -6.61 -6.44
N HIS A 32 -1.79 -5.37 -6.06
CA HIS A 32 -2.69 -4.32 -6.59
C HIS A 32 -1.97 -3.58 -7.69
N ILE A 33 -0.67 -3.65 -7.66
CA ILE A 33 0.16 -2.96 -8.67
C ILE A 33 0.33 -3.86 -9.91
N THR A 34 0.95 -5.00 -9.73
CA THR A 34 1.17 -5.92 -10.88
C THR A 34 -0.10 -6.03 -11.73
N LYS A 35 -1.25 -5.83 -11.14
CA LYS A 35 -2.50 -5.93 -11.92
C LYS A 35 -2.77 -4.61 -12.65
N ASN A 36 -2.51 -3.51 -12.01
CA ASN A 36 -2.76 -2.19 -12.67
C ASN A 36 -1.59 -1.85 -13.60
N TYR A 37 -0.43 -1.58 -13.07
CA TYR A 37 0.72 -1.23 -13.95
C TYR A 37 1.02 -2.38 -14.90
N PRO A 38 1.81 -2.12 -15.93
CA PRO A 38 2.16 -3.16 -16.92
C PRO A 38 3.21 -4.13 -16.35
N TYR A 39 4.25 -3.61 -15.73
CA TYR A 39 5.30 -4.51 -15.18
C TYR A 39 5.95 -3.89 -13.95
N TYR A 40 5.22 -3.75 -12.87
CA TYR A 40 5.83 -3.18 -11.64
C TYR A 40 6.50 -4.29 -10.84
N ARG A 41 7.29 -5.12 -11.48
CA ARG A 41 7.97 -6.22 -10.74
C ARG A 41 9.24 -6.63 -11.47
N THR A 42 9.12 -7.07 -12.69
CA THR A 42 10.34 -7.48 -13.46
C THR A 42 11.28 -6.29 -13.58
N ALA A 43 10.76 -5.11 -13.73
CA ALA A 43 11.64 -3.91 -13.85
C ALA A 43 12.30 -3.63 -12.50
N ASP A 44 11.53 -3.26 -11.51
CA ASP A 44 12.11 -2.98 -10.18
C ASP A 44 11.37 -3.78 -9.12
N LYS A 45 12.05 -4.61 -8.39
CA LYS A 45 11.37 -5.41 -7.33
C LYS A 45 11.60 -4.76 -5.97
N GLY A 46 12.02 -3.52 -5.96
CA GLY A 46 12.28 -2.82 -4.68
C GLY A 46 11.01 -2.10 -4.19
N TRP A 47 10.33 -1.40 -5.06
CA TRP A 47 9.10 -0.67 -4.63
C TRP A 47 8.28 -1.52 -3.65
N GLN A 48 8.39 -2.82 -3.74
CA GLN A 48 7.62 -3.68 -2.79
C GLN A 48 8.05 -3.36 -1.36
N ASN A 49 9.29 -3.58 -1.03
CA ASN A 49 9.77 -3.28 0.35
C ASN A 49 9.59 -1.79 0.64
N SER A 50 9.64 -0.98 -0.37
CA SER A 50 9.48 0.49 -0.16
C SER A 50 8.08 0.76 0.38
N ILE A 51 7.11 -0.01 -0.04
CA ILE A 51 5.72 0.21 0.45
C ILE A 51 5.66 -0.09 1.95
N ARG A 52 6.06 -1.26 2.35
CA ARG A 52 6.04 -1.59 3.80
C ARG A 52 6.59 -0.41 4.61
N HIS A 53 7.48 0.37 4.02
CA HIS A 53 8.03 1.53 4.75
C HIS A 53 6.91 2.53 5.05
N ASN A 54 6.08 2.81 4.07
CA ASN A 54 4.94 3.74 4.28
C ASN A 54 3.78 2.97 4.91
N LEU A 55 4.04 1.78 5.36
CA LEU A 55 2.95 0.95 5.99
C LEU A 55 3.05 1.11 7.51
N SER A 56 4.24 1.14 8.03
CA SER A 56 4.43 1.32 9.50
C SER A 56 4.79 2.78 9.76
N LEU A 57 5.90 3.24 9.25
CA LEU A 57 6.27 4.66 9.46
C LEU A 57 5.04 5.51 9.13
N ASN A 58 4.31 5.12 8.12
CA ASN A 58 3.08 5.84 7.75
C ASN A 58 1.93 5.19 8.50
N ARG A 59 1.60 5.69 9.66
CA ARG A 59 0.51 5.07 10.45
C ARG A 59 -0.87 5.37 9.84
N TYR A 60 -0.91 5.99 8.69
CA TYR A 60 -2.21 6.27 8.04
C TYR A 60 -3.05 5.01 8.13
N PHE A 61 -2.40 3.89 7.99
CA PHE A 61 -3.11 2.60 7.99
C PHE A 61 -3.03 1.94 9.37
N ILE A 62 -4.05 1.23 9.73
CA ILE A 62 -4.06 0.57 11.07
C ILE A 62 -3.23 -0.69 11.03
N LYS A 63 -1.95 -0.56 11.16
CA LYS A 63 -1.06 -1.75 11.14
C LYS A 63 -1.16 -2.46 12.49
N VAL A 64 -1.57 -3.70 12.51
CA VAL A 64 -1.69 -4.43 13.80
C VAL A 64 -0.51 -5.38 13.99
N PRO A 65 0.03 -5.40 15.18
CA PRO A 65 1.17 -6.26 15.54
C PRO A 65 0.69 -7.69 15.81
N ARG A 66 1.49 -8.48 16.46
CA ARG A 66 1.07 -9.89 16.76
C ARG A 66 -0.19 -9.85 17.64
N SER A 67 -0.88 -10.94 17.73
CA SER A 67 -2.11 -10.97 18.57
C SER A 67 -2.87 -12.28 18.32
N GLN A 68 -2.81 -13.19 19.25
CA GLN A 68 -3.53 -14.49 19.07
C GLN A 68 -3.03 -15.17 17.80
N GLU A 69 -1.74 -15.39 17.70
CA GLU A 69 -1.18 -16.05 16.49
C GLU A 69 -1.19 -17.57 16.70
N GLU A 70 -1.94 -18.02 17.66
CA GLU A 70 -2.00 -19.49 17.93
C GLU A 70 -2.50 -20.25 16.70
N PRO A 71 -3.60 -19.80 16.15
CA PRO A 71 -4.20 -20.45 14.96
C PRO A 71 -3.42 -20.10 13.69
N GLY A 72 -3.53 -18.89 13.22
CA GLY A 72 -2.79 -18.52 11.97
C GLY A 72 -3.08 -17.06 11.61
N LYS A 73 -2.41 -16.14 12.23
CA LYS A 73 -2.63 -14.71 11.91
C LYS A 73 -1.28 -14.01 11.69
N GLY A 74 -1.29 -12.79 11.22
CA GLY A 74 0.00 -12.09 11.00
C GLY A 74 -0.22 -10.57 11.03
N SER A 75 0.41 -9.85 10.14
CA SER A 75 0.24 -8.37 10.13
C SER A 75 -0.79 -7.97 9.08
N PHE A 76 -1.49 -6.88 9.30
CA PHE A 76 -2.51 -6.43 8.31
C PHE A 76 -2.56 -4.91 8.30
N TRP A 77 -2.44 -4.30 7.16
CA TRP A 77 -2.50 -2.82 7.10
C TRP A 77 -3.87 -2.37 6.59
N ARG A 78 -4.69 -1.84 7.44
CA ARG A 78 -6.03 -1.39 6.99
C ARG A 78 -6.08 0.13 6.98
N ILE A 79 -7.24 0.71 6.81
CA ILE A 79 -7.34 2.19 6.80
C ILE A 79 -7.97 2.68 8.11
N ASP A 80 -7.38 3.67 8.75
CA ASP A 80 -7.97 4.16 10.02
C ASP A 80 -9.18 5.06 9.71
N PRO A 81 -9.96 5.35 10.72
CA PRO A 81 -11.17 6.17 10.59
C PRO A 81 -10.81 7.66 10.43
N ALA A 82 -9.54 7.96 10.47
CA ALA A 82 -9.12 9.37 10.32
C ALA A 82 -7.85 9.40 9.47
N SER A 83 -7.71 8.45 8.58
CA SER A 83 -6.50 8.40 7.73
C SER A 83 -6.91 8.18 6.28
N GLU A 84 -7.69 7.16 6.03
CA GLU A 84 -8.13 6.84 4.63
C GLU A 84 -8.34 8.13 3.83
N SER A 85 -9.50 8.72 3.92
CA SER A 85 -9.81 9.97 3.16
C SER A 85 -8.56 10.86 3.06
N LYS A 86 -7.67 10.80 4.00
CA LYS A 86 -6.45 11.66 3.95
C LYS A 86 -5.41 11.10 2.96
N LEU A 87 -5.11 9.82 3.02
CA LEU A 87 -4.07 9.26 2.08
C LEU A 87 -4.64 9.25 0.66
N ILE A 88 -5.91 9.01 0.50
CA ILE A 88 -6.49 8.99 -0.88
C ILE A 88 -6.06 10.27 -1.61
N GLU A 89 -5.72 11.29 -0.87
CA GLU A 89 -5.30 12.56 -1.51
C GLU A 89 -3.80 12.52 -1.79
N GLN A 90 -3.04 11.92 -0.92
CA GLN A 90 -1.56 11.85 -1.14
C GLN A 90 -1.25 10.74 -2.14
N ALA A 91 -2.21 9.92 -2.45
CA ALA A 91 -1.96 8.81 -3.41
C ALA A 91 -2.44 9.22 -4.80
N PHE A 92 -3.73 9.44 -4.95
CA PHE A 92 -4.24 9.84 -6.29
C PHE A 92 -3.33 10.93 -6.86
N ARG A 93 -2.70 11.67 -6.00
CA ARG A 93 -1.76 12.74 -6.46
C ARG A 93 -0.53 12.08 -7.07
N LYS A 94 0.59 12.73 -7.00
CA LYS A 94 1.83 12.14 -7.57
C LYS A 94 2.98 12.36 -6.59
N ARG A 95 3.01 11.61 -5.52
CA ARG A 95 4.10 11.78 -4.52
C ARG A 95 4.18 13.24 -4.10
N ARG A 96 5.10 13.59 -3.24
CA ARG A 96 5.21 15.00 -2.81
C ARG A 96 6.54 15.59 -3.30
N PRO A 97 6.46 16.30 -4.40
CA PRO A 97 7.64 16.93 -5.02
C PRO A 97 8.02 18.20 -4.25
N ARG A 98 9.26 18.31 -3.84
CA ARG A 98 9.69 19.52 -3.09
C ARG A 98 10.41 20.48 -4.05
N ASP A 1 1.56 -4.54 -20.02
CA ASP A 1 2.51 -3.87 -20.93
C ASP A 1 2.70 -2.42 -20.49
N SER A 2 2.91 -2.20 -19.22
CA SER A 2 3.10 -0.81 -18.72
C SER A 2 3.47 -0.86 -17.24
N LYS A 3 4.56 -0.26 -16.86
CA LYS A 3 4.98 -0.28 -15.43
C LYS A 3 5.08 1.13 -14.87
N PRO A 4 3.94 1.73 -14.63
CA PRO A 4 3.87 3.10 -14.08
C PRO A 4 4.12 3.05 -12.57
N PRO A 5 5.24 3.59 -12.15
CA PRO A 5 5.63 3.61 -10.73
C PRO A 5 4.90 4.75 -10.01
N TYR A 6 4.41 4.51 -8.82
CA TYR A 6 3.72 5.58 -8.08
C TYR A 6 4.55 5.96 -6.86
N SER A 7 4.07 6.82 -6.02
CA SER A 7 4.87 7.18 -4.83
C SER A 7 4.70 6.06 -3.79
N TYR A 8 5.57 6.00 -2.84
CA TYR A 8 5.46 4.93 -1.82
C TYR A 8 4.37 5.28 -0.80
N ALA A 9 3.84 6.47 -0.87
CA ALA A 9 2.78 6.87 0.11
C ALA A 9 1.39 6.74 -0.53
N GLN A 10 1.32 6.59 -1.83
CA GLN A 10 -0.01 6.48 -2.50
C GLN A 10 -0.31 5.01 -2.84
N LEU A 11 0.63 4.35 -3.44
CA LEU A 11 0.42 2.93 -3.85
C LEU A 11 -0.23 2.10 -2.74
N ILE A 12 -0.15 2.52 -1.51
CA ILE A 12 -0.80 1.73 -0.42
C ILE A 12 -2.18 2.32 -0.22
N VAL A 13 -2.25 3.60 -0.35
CA VAL A 13 -3.53 4.33 -0.19
C VAL A 13 -4.54 3.87 -1.26
N GLN A 14 -4.29 4.22 -2.48
CA GLN A 14 -5.21 3.84 -3.59
C GLN A 14 -5.52 2.33 -3.55
N ALA A 15 -4.74 1.56 -2.86
CA ALA A 15 -4.99 0.09 -2.82
C ALA A 15 -6.04 -0.27 -1.75
N ILE A 16 -6.03 0.36 -0.61
CA ILE A 16 -7.05 0.01 0.44
C ILE A 16 -8.41 0.61 0.04
N THR A 17 -8.45 1.87 -0.29
CA THR A 17 -9.74 2.49 -0.69
C THR A 17 -10.24 1.85 -1.98
N MET A 18 -9.39 1.10 -2.64
CA MET A 18 -9.81 0.44 -3.91
C MET A 18 -10.17 -1.01 -3.63
N ALA A 19 -9.59 -1.59 -2.60
CA ALA A 19 -9.92 -3.01 -2.28
C ALA A 19 -11.34 -3.09 -1.71
N PRO A 20 -12.03 -4.13 -2.04
CA PRO A 20 -13.41 -4.34 -1.58
C PRO A 20 -13.43 -4.82 -0.12
N ASP A 21 -13.30 -3.90 0.79
CA ASP A 21 -13.32 -4.28 2.24
C ASP A 21 -12.70 -3.15 3.06
N LYS A 22 -11.91 -2.30 2.45
CA LYS A 22 -11.29 -1.18 3.21
C LYS A 22 -10.14 -1.74 4.05
N GLN A 23 -9.65 -2.89 3.70
CA GLN A 23 -8.54 -3.52 4.45
C GLN A 23 -7.45 -3.95 3.47
N LEU A 24 -6.21 -3.77 3.81
CA LEU A 24 -5.14 -4.16 2.85
C LEU A 24 -3.87 -4.60 3.60
N THR A 25 -3.28 -5.68 3.16
CA THR A 25 -2.02 -6.14 3.82
C THR A 25 -0.88 -5.30 3.24
N LEU A 26 0.26 -5.28 3.87
CA LEU A 26 1.37 -4.46 3.31
C LEU A 26 1.79 -5.09 1.97
N ASN A 27 1.64 -6.38 1.86
CA ASN A 27 2.00 -7.07 0.59
C ASN A 27 0.84 -6.95 -0.38
N GLY A 28 -0.30 -6.51 0.08
CA GLY A 28 -1.45 -6.36 -0.83
C GLY A 28 -1.09 -5.39 -1.95
N ILE A 29 -0.41 -4.32 -1.64
CA ILE A 29 -0.01 -3.37 -2.71
C ILE A 29 0.63 -4.18 -3.84
N TYR A 30 1.33 -5.23 -3.50
CA TYR A 30 1.97 -6.06 -4.55
C TYR A 30 0.91 -6.61 -5.52
N THR A 31 -0.09 -7.25 -5.00
CA THR A 31 -1.14 -7.84 -5.87
C THR A 31 -2.00 -6.74 -6.53
N HIS A 32 -1.73 -5.49 -6.25
CA HIS A 32 -2.53 -4.41 -6.86
C HIS A 32 -1.74 -3.82 -8.03
N ILE A 33 -0.60 -3.28 -7.73
CA ILE A 33 0.26 -2.68 -8.79
C ILE A 33 0.49 -3.71 -9.90
N THR A 34 0.33 -4.97 -9.62
CA THR A 34 0.54 -6.00 -10.68
C THR A 34 -0.71 -6.14 -11.54
N LYS A 35 -1.84 -6.34 -10.92
CA LYS A 35 -3.10 -6.48 -11.71
C LYS A 35 -3.15 -5.42 -12.80
N ASN A 36 -2.74 -4.21 -12.51
CA ASN A 36 -2.77 -3.14 -13.55
C ASN A 36 -1.36 -2.95 -14.11
N TYR A 37 -0.37 -3.38 -13.38
CA TYR A 37 1.03 -3.23 -13.85
C TYR A 37 1.82 -4.49 -13.45
N PRO A 38 1.65 -5.55 -14.19
CA PRO A 38 2.33 -6.82 -13.91
C PRO A 38 3.79 -6.79 -14.39
N TYR A 39 4.27 -5.63 -14.78
CA TYR A 39 5.67 -5.53 -15.25
C TYR A 39 6.62 -5.69 -14.05
N TYR A 40 6.28 -5.09 -12.95
CA TYR A 40 7.14 -5.19 -11.73
C TYR A 40 7.38 -6.67 -11.41
N ARG A 41 6.33 -7.44 -11.33
CA ARG A 41 6.49 -8.88 -11.02
C ARG A 41 7.35 -9.55 -12.09
N THR A 42 8.63 -9.67 -11.84
CA THR A 42 9.53 -10.31 -12.84
C THR A 42 10.91 -10.53 -12.21
N ALA A 43 11.58 -9.47 -11.86
CA ALA A 43 12.93 -9.61 -11.24
C ALA A 43 13.23 -8.38 -10.39
N ASP A 44 12.20 -7.65 -10.01
CA ASP A 44 12.42 -6.43 -9.18
C ASP A 44 11.89 -6.67 -7.77
N LYS A 45 12.72 -7.17 -6.90
CA LYS A 45 12.26 -7.42 -5.50
C LYS A 45 12.54 -6.19 -4.64
N GLY A 46 12.55 -5.02 -5.24
CA GLY A 46 12.82 -3.79 -4.46
C GLY A 46 11.50 -3.21 -3.95
N TRP A 47 10.79 -2.50 -4.79
CA TRP A 47 9.50 -1.90 -4.36
C TRP A 47 8.68 -2.94 -3.60
N GLN A 48 8.87 -4.21 -3.90
CA GLN A 48 8.10 -5.26 -3.20
C GLN A 48 8.05 -4.94 -1.70
N ASN A 49 8.97 -5.46 -0.94
CA ASN A 49 8.97 -5.17 0.53
C ASN A 49 9.01 -3.67 0.77
N SER A 50 9.35 -2.90 -0.23
CA SER A 50 9.41 -1.42 -0.06
C SER A 50 8.05 -0.90 0.43
N ILE A 51 6.98 -1.49 -0.03
CA ILE A 51 5.64 -1.01 0.41
C ILE A 51 5.57 -1.04 1.93
N ARG A 52 5.79 -2.17 2.56
CA ARG A 52 5.74 -2.21 4.05
C ARG A 52 6.49 -1.00 4.62
N HIS A 53 7.52 -0.55 3.93
CA HIS A 53 8.30 0.61 4.43
C HIS A 53 7.40 1.86 4.50
N ASN A 54 6.62 2.08 3.48
CA ASN A 54 5.71 3.28 3.50
C ASN A 54 4.43 2.93 4.27
N LEU A 55 4.43 1.84 4.98
CA LEU A 55 3.22 1.46 5.76
C LEU A 55 3.42 1.93 7.21
N SER A 56 4.52 1.57 7.82
CA SER A 56 4.78 2.00 9.22
C SER A 56 5.05 3.51 9.22
N LEU A 57 5.89 3.96 8.32
CA LEU A 57 6.18 5.42 8.27
C LEU A 57 4.86 6.18 8.34
N ASN A 58 3.91 5.80 7.52
CA ASN A 58 2.59 6.47 7.56
C ASN A 58 1.63 5.59 8.35
N ARG A 59 1.32 5.96 9.56
CA ARG A 59 0.39 5.13 10.38
C ARG A 59 -1.04 5.32 9.91
N TYR A 60 -1.24 6.05 8.84
CA TYR A 60 -2.61 6.24 8.28
C TYR A 60 -3.39 4.95 8.40
N PHE A 61 -2.69 3.86 8.29
CA PHE A 61 -3.33 2.54 8.33
C PHE A 61 -3.10 1.91 9.69
N ILE A 62 -3.68 0.78 9.95
CA ILE A 62 -3.50 0.15 11.27
C ILE A 62 -2.73 -1.15 11.14
N LYS A 63 -1.43 -1.08 11.27
CA LYS A 63 -0.60 -2.32 11.16
C LYS A 63 -0.76 -3.14 12.44
N VAL A 64 -1.49 -4.22 12.37
CA VAL A 64 -1.69 -5.06 13.57
C VAL A 64 -0.64 -6.20 13.57
N PRO A 65 0.29 -6.11 14.49
CA PRO A 65 1.37 -7.11 14.61
C PRO A 65 0.84 -8.38 15.28
N ARG A 66 1.70 -9.33 15.54
CA ARG A 66 1.24 -10.60 16.20
C ARG A 66 0.64 -10.27 17.56
N SER A 67 -0.46 -10.92 17.89
CA SER A 67 -1.11 -10.65 19.20
C SER A 67 -2.31 -11.59 19.36
N GLN A 68 -3.20 -11.28 20.26
CA GLN A 68 -4.39 -12.15 20.47
C GLN A 68 -5.65 -11.39 20.04
N GLU A 69 -5.62 -10.76 18.90
CA GLU A 69 -6.82 -10.01 18.43
C GLU A 69 -7.42 -10.71 17.21
N GLU A 70 -7.02 -10.32 16.04
CA GLU A 70 -7.57 -10.96 14.81
C GLU A 70 -6.66 -12.14 14.42
N PRO A 71 -7.18 -12.99 13.58
CA PRO A 71 -6.44 -14.18 13.10
C PRO A 71 -5.43 -13.76 12.03
N GLY A 72 -4.61 -14.68 11.60
CA GLY A 72 -3.59 -14.35 10.56
C GLY A 72 -2.19 -14.44 11.17
N LYS A 73 -1.19 -14.66 10.35
CA LYS A 73 0.20 -14.75 10.89
C LYS A 73 1.05 -13.65 10.27
N GLY A 74 0.50 -12.47 10.10
CA GLY A 74 1.28 -11.36 9.50
C GLY A 74 0.66 -10.03 9.91
N SER A 75 1.30 -8.94 9.57
CA SER A 75 0.75 -7.60 9.95
C SER A 75 -0.27 -7.15 8.90
N PHE A 76 -1.29 -6.45 9.31
CA PHE A 76 -2.31 -5.99 8.33
C PHE A 76 -2.49 -4.48 8.47
N TRP A 77 -2.45 -3.75 7.38
CA TRP A 77 -2.63 -2.28 7.46
C TRP A 77 -4.02 -1.90 6.95
N ARG A 78 -4.92 -1.63 7.85
CA ARG A 78 -6.30 -1.25 7.42
C ARG A 78 -6.42 0.27 7.40
N ILE A 79 -7.50 0.80 6.89
CA ILE A 79 -7.65 2.27 6.87
C ILE A 79 -8.38 2.71 8.15
N ASP A 80 -7.86 3.68 8.84
CA ASP A 80 -8.56 4.12 10.09
C ASP A 80 -9.75 5.01 9.70
N PRO A 81 -10.63 5.21 10.64
CA PRO A 81 -11.84 6.03 10.42
C PRO A 81 -11.47 7.53 10.39
N ALA A 82 -10.21 7.83 10.53
CA ALA A 82 -9.77 9.24 10.51
C ALA A 82 -8.46 9.34 9.73
N SER A 83 -8.28 8.49 8.75
CA SER A 83 -7.02 8.52 7.96
C SER A 83 -7.36 8.33 6.48
N GLU A 84 -8.06 7.28 6.16
CA GLU A 84 -8.43 6.98 4.74
C GLU A 84 -8.60 8.29 3.93
N SER A 85 -9.78 8.82 3.92
CA SER A 85 -10.06 10.08 3.14
C SER A 85 -8.81 10.99 3.11
N LYS A 86 -8.02 10.96 4.14
CA LYS A 86 -6.79 11.80 4.18
C LYS A 86 -5.71 11.25 3.23
N LEU A 87 -5.38 9.98 3.33
CA LEU A 87 -4.32 9.40 2.43
C LEU A 87 -4.84 9.35 1.01
N ILE A 88 -6.04 8.87 0.80
CA ILE A 88 -6.58 8.81 -0.61
C ILE A 88 -6.39 10.19 -1.24
N GLU A 89 -6.30 11.22 -0.44
CA GLU A 89 -6.12 12.59 -0.99
C GLU A 89 -4.65 12.78 -1.35
N GLN A 90 -3.75 12.29 -0.53
CA GLN A 90 -2.31 12.44 -0.84
C GLN A 90 -1.88 11.36 -1.83
N ALA A 91 -2.76 10.43 -2.12
CA ALA A 91 -2.42 9.35 -3.07
C ALA A 91 -3.02 9.65 -4.44
N PHE A 92 -4.07 10.44 -4.48
CA PHE A 92 -4.71 10.77 -5.78
C PHE A 92 -4.03 11.99 -6.40
N ARG A 93 -2.80 12.24 -6.05
CA ARG A 93 -2.08 13.41 -6.63
C ARG A 93 -0.65 12.99 -6.99
N LYS A 94 -0.50 12.13 -7.96
CA LYS A 94 0.86 11.67 -8.36
C LYS A 94 1.70 12.87 -8.79
N ARG A 95 2.78 12.63 -9.48
CA ARG A 95 3.66 13.75 -9.91
C ARG A 95 3.49 13.97 -11.42
N ARG A 96 2.40 14.56 -11.82
CA ARG A 96 2.19 14.81 -13.29
C ARG A 96 1.07 15.83 -13.47
N PRO A 97 1.26 17.00 -12.90
CA PRO A 97 0.27 18.10 -13.00
C PRO A 97 0.39 18.79 -14.36
N ARG A 98 1.41 19.59 -14.54
CA ARG A 98 1.58 20.30 -15.84
C ARG A 98 3.04 20.75 -15.99
#